data_1S29
# 
_entry.id   1S29 
# 
_audit_conform.dict_name       mmcif_pdbx.dic 
_audit_conform.dict_version    5.398 
_audit_conform.dict_location   http://mmcif.pdb.org/dictionaries/ascii/mmcif_pdbx.dic 
# 
loop_
_database_2.database_id 
_database_2.database_code 
_database_2.pdbx_database_accession 
_database_2.pdbx_DOI 
PDB   1S29         pdb_00001s29 10.2210/pdb1s29/pdb 
RCSB  RCSB021275   ?            ?                   
WWPDB D_1000021275 ?            ?                   
# 
loop_
_pdbx_audit_revision_history.ordinal 
_pdbx_audit_revision_history.data_content_type 
_pdbx_audit_revision_history.major_revision 
_pdbx_audit_revision_history.minor_revision 
_pdbx_audit_revision_history.revision_date 
1 'Structure model' 1 0 2004-03-23 
2 'Structure model' 1 1 2008-04-29 
3 'Structure model' 1 2 2011-07-13 
4 'Structure model' 1 3 2024-11-06 
# 
_pdbx_audit_revision_details.ordinal             1 
_pdbx_audit_revision_details.revision_ordinal    1 
_pdbx_audit_revision_details.data_content_type   'Structure model' 
_pdbx_audit_revision_details.provider            repository 
_pdbx_audit_revision_details.type                'Initial release' 
_pdbx_audit_revision_details.description         ? 
_pdbx_audit_revision_details.details             ? 
# 
loop_
_pdbx_audit_revision_group.ordinal 
_pdbx_audit_revision_group.revision_ordinal 
_pdbx_audit_revision_group.data_content_type 
_pdbx_audit_revision_group.group 
1 2 'Structure model' 'Version format compliance' 
2 3 'Structure model' 'Version format compliance' 
3 4 'Structure model' 'Data collection'           
4 4 'Structure model' 'Database references'       
5 4 'Structure model' 'Derived calculations'      
6 4 'Structure model' 'Structure summary'         
# 
loop_
_pdbx_audit_revision_category.ordinal 
_pdbx_audit_revision_category.revision_ordinal 
_pdbx_audit_revision_category.data_content_type 
_pdbx_audit_revision_category.category 
1 4 'Structure model' chem_comp_atom            
2 4 'Structure model' chem_comp_bond            
3 4 'Structure model' database_2                
4 4 'Structure model' pdbx_entry_details        
5 4 'Structure model' pdbx_modification_feature 
6 4 'Structure model' struct_conn               
7 4 'Structure model' struct_ref_seq_dif        
# 
loop_
_pdbx_audit_revision_item.ordinal 
_pdbx_audit_revision_item.revision_ordinal 
_pdbx_audit_revision_item.data_content_type 
_pdbx_audit_revision_item.item 
1 4 'Structure model' '_database_2.pdbx_DOI'                
2 4 'Structure model' '_database_2.pdbx_database_accession' 
3 4 'Structure model' '_struct_conn.pdbx_leaving_atom_flag' 
4 4 'Structure model' '_struct_ref_seq_dif.details'         
# 
_pdbx_database_status.status_code                     REL 
_pdbx_database_status.entry_id                        1S29 
_pdbx_database_status.recvd_initial_deposition_date   2004-01-08 
_pdbx_database_status.deposit_site                    RCSB 
_pdbx_database_status.process_site                    RCSB 
_pdbx_database_status.SG_entry                        . 
_pdbx_database_status.status_code_sf                  REL 
_pdbx_database_status.pdb_format_compatible           Y 
_pdbx_database_status.status_code_mr                  ? 
_pdbx_database_status.status_code_cs                  ? 
_pdbx_database_status.status_code_nmr_data            ? 
_pdbx_database_status.methods_development_category    ? 
# 
_pdbx_database_related.db_name        PDB 
_pdbx_database_related.db_id          1OWX 
_pdbx_database_related.details        'Solution Structure Of The C-Terminal Rrm Of Human La (La225- 334)' 
_pdbx_database_related.content_type   unspecified 
# 
loop_
_audit_author.name 
_audit_author.pdbx_ordinal 
'Dong, G.'          1 
'Chakshusmathi, G.' 2 
'Wolin, S.L.'       3 
'Reinisch, K.M.'    4 
# 
_citation.id                        primary 
_citation.title                     
'Structure of the La motif: a winged helix domain mediates RNA binding via a conserved aromatic patch.' 
_citation.journal_abbrev            'Embo J.' 
_citation.journal_volume            23 
_citation.page_first                1000 
_citation.page_last                 1007 
_citation.year                      2004 
_citation.journal_id_ASTM           EMJODG 
_citation.country                   UK 
_citation.journal_id_ISSN           0261-4189 
_citation.journal_id_CSD            0897 
_citation.book_publisher            ? 
_citation.pdbx_database_id_PubMed   14976553 
_citation.pdbx_database_id_DOI      10.1038/sj.emboj.7600115 
# 
loop_
_citation_author.citation_id 
_citation_author.name 
_citation_author.ordinal 
_citation_author.identifier_ORCID 
primary 'Dong, G.'          1 ? 
primary 'Chakshusmathi, G.' 2 ? 
primary 'Wolin, S.L.'       3 ? 
primary 'Reinisch, K.M.'    4 ? 
# 
loop_
_entity.id 
_entity.type 
_entity.src_method 
_entity.pdbx_description 
_entity.formula_weight 
_entity.pdbx_number_of_molecules 
_entity.pdbx_ec 
_entity.pdbx_mutation 
_entity.pdbx_fragment 
_entity.details 
1 polymer man 'La protein' 10651.736 1   ? ? 'N-terminal fragment' ? 
2 water   nat water        18.015    100 ? ? ?                     ? 
# 
_entity_poly.entity_id                      1 
_entity_poly.type                           'polypeptide(L)' 
_entity_poly.nstd_linkage                   no 
_entity_poly.nstd_monomer                   yes 
_entity_poly.pdbx_seq_one_letter_code       
;GSH(MSE)PLSSENKQKLQKQVEFYFSDVNVQRDIFLKGK(MSE)AENAEGFVSLETLLTFKRVNSVTTDVKEVVEAIRP
SEKLVLSEDGL(MSE)VRRRDPLP
;
_entity_poly.pdbx_seq_one_letter_code_can   
;GSHMPLSSENKQKLQKQVEFYFSDVNVQRDIFLKGKMAENAEGFVSLETLLTFKRVNSVTTDVKEVVEAIRPSEKLVLSE
DGLMVRRRDPLP
;
_entity_poly.pdbx_strand_id                 A 
_entity_poly.pdbx_target_identifier         ? 
# 
_pdbx_entity_nonpoly.entity_id   2 
_pdbx_entity_nonpoly.name        water 
_pdbx_entity_nonpoly.comp_id     HOH 
# 
loop_
_entity_poly_seq.entity_id 
_entity_poly_seq.num 
_entity_poly_seq.mon_id 
_entity_poly_seq.hetero 
1 1  GLY n 
1 2  SER n 
1 3  HIS n 
1 4  MSE n 
1 5  PRO n 
1 6  LEU n 
1 7  SER n 
1 8  SER n 
1 9  GLU n 
1 10 ASN n 
1 11 LYS n 
1 12 GLN n 
1 13 LYS n 
1 14 LEU n 
1 15 GLN n 
1 16 LYS n 
1 17 GLN n 
1 18 VAL n 
1 19 GLU n 
1 20 PHE n 
1 21 TYR n 
1 22 PHE n 
1 23 SER n 
1 24 ASP n 
1 25 VAL n 
1 26 ASN n 
1 27 VAL n 
1 28 GLN n 
1 29 ARG n 
1 30 ASP n 
1 31 ILE n 
1 32 PHE n 
1 33 LEU n 
1 34 LYS n 
1 35 GLY n 
1 36 LYS n 
1 37 MSE n 
1 38 ALA n 
1 39 GLU n 
1 40 ASN n 
1 41 ALA n 
1 42 GLU n 
1 43 GLY n 
1 44 PHE n 
1 45 VAL n 
1 46 SER n 
1 47 LEU n 
1 48 GLU n 
1 49 THR n 
1 50 LEU n 
1 51 LEU n 
1 52 THR n 
1 53 PHE n 
1 54 LYS n 
1 55 ARG n 
1 56 VAL n 
1 57 ASN n 
1 58 SER n 
1 59 VAL n 
1 60 THR n 
1 61 THR n 
1 62 ASP n 
1 63 VAL n 
1 64 LYS n 
1 65 GLU n 
1 66 VAL n 
1 67 VAL n 
1 68 GLU n 
1 69 ALA n 
1 70 ILE n 
1 71 ARG n 
1 72 PRO n 
1 73 SER n 
1 74 GLU n 
1 75 LYS n 
1 76 LEU n 
1 77 VAL n 
1 78 LEU n 
1 79 SER n 
1 80 GLU n 
1 81 ASP n 
1 82 GLY n 
1 83 LEU n 
1 84 MSE n 
1 85 VAL n 
1 86 ARG n 
1 87 ARG n 
1 88 ARG n 
1 89 ASP n 
1 90 PRO n 
1 91 LEU n 
1 92 PRO n 
# 
_entity_src_gen.entity_id                          1 
_entity_src_gen.pdbx_src_id                        1 
_entity_src_gen.pdbx_alt_source_flag               sample 
_entity_src_gen.pdbx_seq_type                      ? 
_entity_src_gen.pdbx_beg_seq_num                   ? 
_entity_src_gen.pdbx_end_seq_num                   ? 
_entity_src_gen.gene_src_common_name               ? 
_entity_src_gen.gene_src_genus                     Trypanosoma 
_entity_src_gen.pdbx_gene_src_gene                 ? 
_entity_src_gen.gene_src_species                   ? 
_entity_src_gen.gene_src_strain                    ? 
_entity_src_gen.gene_src_tissue                    ? 
_entity_src_gen.gene_src_tissue_fraction           ? 
_entity_src_gen.gene_src_details                   ? 
_entity_src_gen.pdbx_gene_src_fragment             ? 
_entity_src_gen.pdbx_gene_src_scientific_name      'Trypanosoma brucei' 
_entity_src_gen.pdbx_gene_src_ncbi_taxonomy_id     5691 
_entity_src_gen.pdbx_gene_src_variant              ? 
_entity_src_gen.pdbx_gene_src_cell_line            ? 
_entity_src_gen.pdbx_gene_src_atcc                 ? 
_entity_src_gen.pdbx_gene_src_organ                ? 
_entity_src_gen.pdbx_gene_src_organelle            ? 
_entity_src_gen.pdbx_gene_src_cell                 ? 
_entity_src_gen.pdbx_gene_src_cellular_location    ? 
_entity_src_gen.host_org_common_name               ? 
_entity_src_gen.pdbx_host_org_scientific_name      'Escherichia coli' 
_entity_src_gen.pdbx_host_org_ncbi_taxonomy_id     562 
_entity_src_gen.host_org_genus                     Escherichia 
_entity_src_gen.pdbx_host_org_gene                 ? 
_entity_src_gen.pdbx_host_org_organ                ? 
_entity_src_gen.host_org_species                   ? 
_entity_src_gen.pdbx_host_org_tissue               ? 
_entity_src_gen.pdbx_host_org_tissue_fraction      ? 
_entity_src_gen.pdbx_host_org_strain               ? 
_entity_src_gen.pdbx_host_org_variant              ? 
_entity_src_gen.pdbx_host_org_cell_line            ? 
_entity_src_gen.pdbx_host_org_atcc                 ? 
_entity_src_gen.pdbx_host_org_culture_collection   ? 
_entity_src_gen.pdbx_host_org_cell                 ? 
_entity_src_gen.pdbx_host_org_organelle            ? 
_entity_src_gen.pdbx_host_org_cellular_location    ? 
_entity_src_gen.pdbx_host_org_vector_type          ? 
_entity_src_gen.pdbx_host_org_vector               ? 
_entity_src_gen.host_org_details                   ? 
_entity_src_gen.expression_system_id               ? 
_entity_src_gen.plasmid_name                       ? 
_entity_src_gen.plasmid_details                    ? 
_entity_src_gen.pdbx_description                   ? 
# 
loop_
_chem_comp.id 
_chem_comp.type 
_chem_comp.mon_nstd_flag 
_chem_comp.name 
_chem_comp.pdbx_synonyms 
_chem_comp.formula 
_chem_comp.formula_weight 
ALA 'L-peptide linking' y ALANINE          ? 'C3 H7 N O2'     89.093  
ARG 'L-peptide linking' y ARGININE         ? 'C6 H15 N4 O2 1' 175.209 
ASN 'L-peptide linking' y ASPARAGINE       ? 'C4 H8 N2 O3'    132.118 
ASP 'L-peptide linking' y 'ASPARTIC ACID'  ? 'C4 H7 N O4'     133.103 
GLN 'L-peptide linking' y GLUTAMINE        ? 'C5 H10 N2 O3'   146.144 
GLU 'L-peptide linking' y 'GLUTAMIC ACID'  ? 'C5 H9 N O4'     147.129 
GLY 'peptide linking'   y GLYCINE          ? 'C2 H5 N O2'     75.067  
HIS 'L-peptide linking' y HISTIDINE        ? 'C6 H10 N3 O2 1' 156.162 
HOH non-polymer         . WATER            ? 'H2 O'           18.015  
ILE 'L-peptide linking' y ISOLEUCINE       ? 'C6 H13 N O2'    131.173 
LEU 'L-peptide linking' y LEUCINE          ? 'C6 H13 N O2'    131.173 
LYS 'L-peptide linking' y LYSINE           ? 'C6 H15 N2 O2 1' 147.195 
MET 'L-peptide linking' y METHIONINE       ? 'C5 H11 N O2 S'  149.211 
MSE 'L-peptide linking' n SELENOMETHIONINE ? 'C5 H11 N O2 Se' 196.106 
PHE 'L-peptide linking' y PHENYLALANINE    ? 'C9 H11 N O2'    165.189 
PRO 'L-peptide linking' y PROLINE          ? 'C5 H9 N O2'     115.130 
SER 'L-peptide linking' y SERINE           ? 'C3 H7 N O3'     105.093 
THR 'L-peptide linking' y THREONINE        ? 'C4 H9 N O3'     119.119 
TYR 'L-peptide linking' y TYROSINE         ? 'C9 H11 N O3'    181.189 
VAL 'L-peptide linking' y VALINE           ? 'C5 H11 N O2'    117.146 
# 
loop_
_pdbx_poly_seq_scheme.asym_id 
_pdbx_poly_seq_scheme.entity_id 
_pdbx_poly_seq_scheme.seq_id 
_pdbx_poly_seq_scheme.mon_id 
_pdbx_poly_seq_scheme.ndb_seq_num 
_pdbx_poly_seq_scheme.pdb_seq_num 
_pdbx_poly_seq_scheme.auth_seq_num 
_pdbx_poly_seq_scheme.pdb_mon_id 
_pdbx_poly_seq_scheme.auth_mon_id 
_pdbx_poly_seq_scheme.pdb_strand_id 
_pdbx_poly_seq_scheme.pdb_ins_code 
_pdbx_poly_seq_scheme.hetero 
A 1 1  GLY 1  1  1  GLY GLY A . n 
A 1 2  SER 2  2  2  SER SER A . n 
A 1 3  HIS 3  3  3  HIS HIS A . n 
A 1 4  MSE 4  4  4  MSE MSE A . n 
A 1 5  PRO 5  5  5  PRO PRO A . n 
A 1 6  LEU 6  6  6  LEU LEU A . n 
A 1 7  SER 7  7  7  SER SER A . n 
A 1 8  SER 8  8  8  SER SER A . n 
A 1 9  GLU 9  9  9  GLU GLU A . n 
A 1 10 ASN 10 10 10 ASN ASN A . n 
A 1 11 LYS 11 11 11 LYS LYS A . n 
A 1 12 GLN 12 12 12 GLN GLN A . n 
A 1 13 LYS 13 13 13 LYS LYS A . n 
A 1 14 LEU 14 14 14 LEU LEU A . n 
A 1 15 GLN 15 15 15 GLN GLN A . n 
A 1 16 LYS 16 16 16 LYS LYS A . n 
A 1 17 GLN 17 17 17 GLN GLN A . n 
A 1 18 VAL 18 18 18 VAL VAL A . n 
A 1 19 GLU 19 19 19 GLU GLU A . n 
A 1 20 PHE 20 20 20 PHE PHE A . n 
A 1 21 TYR 21 21 21 TYR TYR A . n 
A 1 22 PHE 22 22 22 PHE PHE A . n 
A 1 23 SER 23 23 23 SER SER A . n 
A 1 24 ASP 24 24 24 ASP ASP A . n 
A 1 25 VAL 25 25 25 VAL VAL A . n 
A 1 26 ASN 26 26 26 ASN ASN A . n 
A 1 27 VAL 27 27 27 VAL VAL A . n 
A 1 28 GLN 28 28 28 GLN GLN A . n 
A 1 29 ARG 29 29 29 ARG ARG A . n 
A 1 30 ASP 30 30 30 ASP ASP A . n 
A 1 31 ILE 31 31 31 ILE ILE A . n 
A 1 32 PHE 32 32 32 PHE PHE A . n 
A 1 33 LEU 33 33 33 LEU LEU A . n 
A 1 34 LYS 34 34 34 LYS LYS A . n 
A 1 35 GLY 35 35 35 GLY GLY A . n 
A 1 36 LYS 36 36 36 LYS LYS A . n 
A 1 37 MSE 37 37 37 MSE MSE A . n 
A 1 38 ALA 38 38 38 ALA ALA A . n 
A 1 39 GLU 39 39 39 GLU GLU A . n 
A 1 40 ASN 40 40 40 ASN ASN A . n 
A 1 41 ALA 41 41 41 ALA ALA A . n 
A 1 42 GLU 42 42 42 GLU GLU A . n 
A 1 43 GLY 43 43 43 GLY GLY A . n 
A 1 44 PHE 44 44 44 PHE PHE A . n 
A 1 45 VAL 45 45 45 VAL VAL A . n 
A 1 46 SER 46 46 46 SER SER A . n 
A 1 47 LEU 47 47 47 LEU LEU A . n 
A 1 48 GLU 48 48 48 GLU GLU A . n 
A 1 49 THR 49 49 49 THR THR A . n 
A 1 50 LEU 50 50 50 LEU LEU A . n 
A 1 51 LEU 51 51 51 LEU LEU A . n 
A 1 52 THR 52 52 52 THR THR A . n 
A 1 53 PHE 53 53 53 PHE PHE A . n 
A 1 54 LYS 54 54 54 LYS LYS A . n 
A 1 55 ARG 55 55 55 ARG ARG A . n 
A 1 56 VAL 56 56 56 VAL VAL A . n 
A 1 57 ASN 57 57 57 ASN ASN A . n 
A 1 58 SER 58 58 58 SER SER A . n 
A 1 59 VAL 59 59 59 VAL VAL A . n 
A 1 60 THR 60 60 60 THR THR A . n 
A 1 61 THR 61 61 61 THR THR A . n 
A 1 62 ASP 62 62 62 ASP ASP A . n 
A 1 63 VAL 63 63 63 VAL VAL A . n 
A 1 64 LYS 64 64 64 LYS LYS A . n 
A 1 65 GLU 65 65 65 GLU GLU A . n 
A 1 66 VAL 66 66 66 VAL VAL A . n 
A 1 67 VAL 67 67 67 VAL VAL A . n 
A 1 68 GLU 68 68 68 GLU GLU A . n 
A 1 69 ALA 69 69 69 ALA ALA A . n 
A 1 70 ILE 70 70 70 ILE ILE A . n 
A 1 71 ARG 71 71 71 ARG ARG A . n 
A 1 72 PRO 72 72 72 PRO PRO A . n 
A 1 73 SER 73 73 73 SER SER A . n 
A 1 74 GLU 74 74 74 GLU GLU A . n 
A 1 75 LYS 75 75 75 LYS LYS A . n 
A 1 76 LEU 76 76 76 LEU LEU A . n 
A 1 77 VAL 77 77 77 VAL VAL A . n 
A 1 78 LEU 78 78 78 LEU LEU A . n 
A 1 79 SER 79 79 79 SER SER A . n 
A 1 80 GLU 80 80 80 GLU GLU A . n 
A 1 81 ASP 81 81 81 ASP ASP A . n 
A 1 82 GLY 82 82 82 GLY GLY A . n 
A 1 83 LEU 83 83 83 LEU LEU A . n 
A 1 84 MSE 84 84 84 MSE MSE A . n 
A 1 85 VAL 85 85 85 VAL VAL A . n 
A 1 86 ARG 86 86 86 ARG ARG A . n 
A 1 87 ARG 87 87 87 ARG ARG A . n 
A 1 88 ARG 88 88 88 ARG ARG A . n 
A 1 89 ASP 89 89 89 ASP ASP A . n 
A 1 90 PRO 90 90 90 PRO PRO A . n 
A 1 91 LEU 91 91 91 LEU LEU A . n 
A 1 92 PRO 92 92 92 PRO PRO A . n 
# 
loop_
_pdbx_nonpoly_scheme.asym_id 
_pdbx_nonpoly_scheme.entity_id 
_pdbx_nonpoly_scheme.mon_id 
_pdbx_nonpoly_scheme.ndb_seq_num 
_pdbx_nonpoly_scheme.pdb_seq_num 
_pdbx_nonpoly_scheme.auth_seq_num 
_pdbx_nonpoly_scheme.pdb_mon_id 
_pdbx_nonpoly_scheme.auth_mon_id 
_pdbx_nonpoly_scheme.pdb_strand_id 
_pdbx_nonpoly_scheme.pdb_ins_code 
B 2 HOH 1   93  1   HOH TIP A . 
B 2 HOH 2   94  2   HOH TIP A . 
B 2 HOH 3   95  3   HOH TIP A . 
B 2 HOH 4   96  4   HOH TIP A . 
B 2 HOH 5   97  5   HOH TIP A . 
B 2 HOH 6   98  6   HOH TIP A . 
B 2 HOH 7   99  7   HOH TIP A . 
B 2 HOH 8   100 8   HOH TIP A . 
B 2 HOH 9   101 9   HOH TIP A . 
B 2 HOH 10  102 10  HOH TIP A . 
B 2 HOH 11  103 11  HOH TIP A . 
B 2 HOH 12  104 12  HOH TIP A . 
B 2 HOH 13  105 13  HOH TIP A . 
B 2 HOH 14  106 14  HOH TIP A . 
B 2 HOH 15  107 15  HOH TIP A . 
B 2 HOH 16  108 16  HOH TIP A . 
B 2 HOH 17  109 17  HOH TIP A . 
B 2 HOH 18  110 18  HOH TIP A . 
B 2 HOH 19  111 19  HOH TIP A . 
B 2 HOH 20  112 20  HOH TIP A . 
B 2 HOH 21  113 21  HOH TIP A . 
B 2 HOH 22  114 22  HOH TIP A . 
B 2 HOH 23  115 23  HOH TIP A . 
B 2 HOH 24  116 24  HOH TIP A . 
B 2 HOH 25  117 25  HOH TIP A . 
B 2 HOH 26  118 26  HOH TIP A . 
B 2 HOH 27  119 27  HOH TIP A . 
B 2 HOH 28  120 28  HOH TIP A . 
B 2 HOH 29  121 29  HOH TIP A . 
B 2 HOH 30  122 30  HOH TIP A . 
B 2 HOH 31  123 31  HOH TIP A . 
B 2 HOH 32  124 32  HOH TIP A . 
B 2 HOH 33  125 33  HOH TIP A . 
B 2 HOH 34  126 34  HOH TIP A . 
B 2 HOH 35  127 35  HOH TIP A . 
B 2 HOH 36  128 36  HOH TIP A . 
B 2 HOH 37  129 37  HOH TIP A . 
B 2 HOH 38  130 38  HOH TIP A . 
B 2 HOH 39  131 39  HOH TIP A . 
B 2 HOH 40  132 40  HOH TIP A . 
B 2 HOH 41  133 41  HOH TIP A . 
B 2 HOH 42  134 42  HOH TIP A . 
B 2 HOH 43  135 43  HOH TIP A . 
B 2 HOH 44  136 44  HOH TIP A . 
B 2 HOH 45  137 45  HOH TIP A . 
B 2 HOH 46  138 46  HOH TIP A . 
B 2 HOH 47  139 47  HOH TIP A . 
B 2 HOH 48  140 48  HOH TIP A . 
B 2 HOH 49  141 49  HOH TIP A . 
B 2 HOH 50  142 50  HOH TIP A . 
B 2 HOH 51  143 51  HOH TIP A . 
B 2 HOH 52  144 52  HOH TIP A . 
B 2 HOH 53  145 53  HOH TIP A . 
B 2 HOH 54  146 54  HOH TIP A . 
B 2 HOH 55  147 55  HOH TIP A . 
B 2 HOH 56  148 56  HOH TIP A . 
B 2 HOH 57  149 57  HOH TIP A . 
B 2 HOH 58  150 58  HOH TIP A . 
B 2 HOH 59  151 59  HOH TIP A . 
B 2 HOH 60  152 60  HOH TIP A . 
B 2 HOH 61  153 61  HOH TIP A . 
B 2 HOH 62  154 62  HOH TIP A . 
B 2 HOH 63  155 63  HOH TIP A . 
B 2 HOH 64  156 64  HOH TIP A . 
B 2 HOH 65  157 65  HOH TIP A . 
B 2 HOH 66  158 66  HOH TIP A . 
B 2 HOH 67  159 67  HOH TIP A . 
B 2 HOH 68  160 68  HOH TIP A . 
B 2 HOH 69  161 69  HOH TIP A . 
B 2 HOH 70  162 70  HOH TIP A . 
B 2 HOH 71  163 71  HOH TIP A . 
B 2 HOH 72  164 72  HOH TIP A . 
B 2 HOH 73  165 73  HOH TIP A . 
B 2 HOH 74  166 74  HOH TIP A . 
B 2 HOH 75  167 75  HOH TIP A . 
B 2 HOH 76  168 76  HOH TIP A . 
B 2 HOH 77  169 77  HOH TIP A . 
B 2 HOH 78  170 78  HOH TIP A . 
B 2 HOH 79  171 79  HOH TIP A . 
B 2 HOH 80  172 80  HOH TIP A . 
B 2 HOH 81  173 81  HOH TIP A . 
B 2 HOH 82  174 82  HOH TIP A . 
B 2 HOH 83  175 83  HOH TIP A . 
B 2 HOH 84  176 84  HOH TIP A . 
B 2 HOH 85  177 85  HOH TIP A . 
B 2 HOH 86  178 86  HOH TIP A . 
B 2 HOH 87  179 87  HOH TIP A . 
B 2 HOH 88  180 88  HOH TIP A . 
B 2 HOH 89  181 89  HOH TIP A . 
B 2 HOH 90  182 90  HOH TIP A . 
B 2 HOH 91  183 91  HOH TIP A . 
B 2 HOH 92  184 92  HOH TIP A . 
B 2 HOH 93  185 93  HOH TIP A . 
B 2 HOH 94  186 94  HOH TIP A . 
B 2 HOH 95  187 95  HOH TIP A . 
B 2 HOH 96  188 96  HOH TIP A . 
B 2 HOH 97  189 97  HOH TIP A . 
B 2 HOH 98  190 98  HOH TIP A . 
B 2 HOH 99  191 99  HOH TIP A . 
B 2 HOH 100 192 100 HOH TIP A . 
# 
loop_
_software.name 
_software.classification 
_software.version 
_software.citation_id 
_software.pdbx_ordinal 
CNS       refinement       1.1 ? 1 
HKL-2000  'data reduction' .   ? 2 
SCALEPACK 'data scaling'   .   ? 3 
CNS       phasing          .   ? 4 
# 
_cell.entry_id           1S29 
_cell.length_a           32.926 
_cell.length_b           53.912 
_cell.length_c           53.833 
_cell.angle_alpha        90.00 
_cell.angle_beta         90.00 
_cell.angle_gamma        90.00 
_cell.Z_PDB              4 
_cell.pdbx_unique_axis   ? 
# 
_symmetry.entry_id                         1S29 
_symmetry.space_group_name_H-M             'P 21 21 21' 
_symmetry.pdbx_full_space_group_name_H-M   ? 
_symmetry.cell_setting                     ? 
_symmetry.Int_Tables_number                19 
# 
_exptl.entry_id          1S29 
_exptl.method            'X-RAY DIFFRACTION' 
_exptl.crystals_number   1 
# 
_exptl_crystal.id                    1 
_exptl_crystal.density_meas          ? 
_exptl_crystal.density_percent_sol   45.14 
_exptl_crystal.description           'Friedel pairs were used.' 
_exptl_crystal.density_Matthews      2.24 
# 
_exptl_crystal_grow.crystal_id      1 
_exptl_crystal_grow.method          'VAPOR DIFFUSION, HANGING DROP' 
_exptl_crystal_grow.temp            277 
_exptl_crystal_grow.temp_details    ? 
_exptl_crystal_grow.pH              7.5 
_exptl_crystal_grow.pdbx_details    'PEG3500, GLYCEROL, HEPES, DTT, pH 7.5, VAPOR DIFFUSION, HANGING DROP, temperature 277K' 
_exptl_crystal_grow.pdbx_pH_range   . 
# 
_diffrn.id                     1 
_diffrn.ambient_temp           110 
_diffrn.ambient_temp_details   ? 
_diffrn.crystal_id             1 
# 
_diffrn_detector.diffrn_id              1 
_diffrn_detector.detector               CCD 
_diffrn_detector.type                   BRANDEIS 
_diffrn_detector.pdbx_collection_date   2003-08-15 
_diffrn_detector.details                ? 
# 
_diffrn_radiation.diffrn_id                        1 
_diffrn_radiation.wavelength_id                    1 
_diffrn_radiation.pdbx_monochromatic_or_laue_m_l   M 
_diffrn_radiation.monochromator                    'double-crystal monochromator Si(111), beam focused by a toroidal mirror' 
_diffrn_radiation.pdbx_diffrn_protocol             SAD 
_diffrn_radiation.pdbx_scattering_type             x-ray 
# 
_diffrn_radiation_wavelength.id           1 
_diffrn_radiation_wavelength.wavelength   0.97 
_diffrn_radiation_wavelength.wt           1.0 
# 
_diffrn_source.diffrn_id                   1 
_diffrn_source.source                      SYNCHROTRON 
_diffrn_source.type                        'NSLS BEAMLINE X12C' 
_diffrn_source.pdbx_synchrotron_site       NSLS 
_diffrn_source.pdbx_synchrotron_beamline   X12C 
_diffrn_source.pdbx_wavelength             ? 
_diffrn_source.pdbx_wavelength_list        0.97 
# 
_reflns.entry_id                     1S29 
_reflns.observed_criterion_sigma_I   0.0 
_reflns.observed_criterion_sigma_F   0.0 
_reflns.d_resolution_low             20 
_reflns.d_resolution_high            1.6 
_reflns.number_obs                   24632 
_reflns.number_all                   24632 
_reflns.percent_possible_obs         99.5 
_reflns.pdbx_Rmerge_I_obs            0.032 
_reflns.pdbx_Rsym_value              ? 
_reflns.pdbx_netI_over_sigmaI        41 
_reflns.B_iso_Wilson_estimate        15.4 
_reflns.pdbx_redundancy              ? 
_reflns.R_free_details               ? 
_reflns.limit_h_max                  ? 
_reflns.limit_h_min                  ? 
_reflns.limit_k_max                  ? 
_reflns.limit_k_min                  ? 
_reflns.limit_l_max                  ? 
_reflns.limit_l_min                  ? 
_reflns.observed_criterion_F_max     ? 
_reflns.observed_criterion_F_min     ? 
_reflns.pdbx_diffrn_id               1 
_reflns.pdbx_ordinal                 1 
# 
_reflns_shell.d_res_high             1.6 
_reflns_shell.d_res_low              1.62 
_reflns_shell.percent_possible_all   95.7 
_reflns_shell.Rmerge_I_obs           0.06 
_reflns_shell.pdbx_Rsym_value        ? 
_reflns_shell.meanI_over_sigI_obs    21 
_reflns_shell.pdbx_redundancy        4 
_reflns_shell.percent_possible_obs   ? 
_reflns_shell.number_unique_all      ? 
_reflns_shell.pdbx_diffrn_id         ? 
_reflns_shell.pdbx_ordinal           1 
# 
_refine.entry_id                                 1S29 
_refine.ls_number_reflns_obs                     13099 
_refine.ls_number_reflns_all                     14446 
_refine.pdbx_ls_sigma_I                          ? 
_refine.pdbx_ls_sigma_F                          0.0 
_refine.pdbx_data_cutoff_high_absF               616074.90 
_refine.pdbx_data_cutoff_low_absF                0.000000 
_refine.pdbx_data_cutoff_high_rms_absF           ? 
_refine.ls_d_res_low                             19.45 
_refine.ls_d_res_high                            1.60 
_refine.ls_percent_reflns_obs                    99.4 
_refine.ls_R_factor_obs                          0.232 
_refine.ls_R_factor_all                          0.235 
_refine.ls_R_factor_R_work                       0.232 
_refine.ls_R_factor_R_free                       0.25 
_refine.ls_R_factor_R_free_error                 0.007 
_refine.ls_R_factor_R_free_error_details         ? 
_refine.ls_percent_reflns_R_free                 10.3 
_refine.ls_number_reflns_R_free                  1347 
_refine.ls_number_parameters                     ? 
_refine.ls_number_restraints                     ? 
_refine.occupancy_min                            ? 
_refine.occupancy_max                            ? 
_refine.correlation_coeff_Fo_to_Fc               ? 
_refine.correlation_coeff_Fo_to_Fc_free          ? 
_refine.B_iso_mean                               13.1 
_refine.aniso_B[1][1]                            0.36 
_refine.aniso_B[2][2]                            -0.61 
_refine.aniso_B[3][3]                            0.25 
_refine.aniso_B[1][2]                            0.00 
_refine.aniso_B[1][3]                            0.00 
_refine.aniso_B[2][3]                            0.00 
_refine.solvent_model_details                    'FLAT MODEL' 
_refine.solvent_model_param_ksol                 0.548385 
_refine.solvent_model_param_bsol                 70.7058 
_refine.pdbx_solvent_vdw_probe_radii             ? 
_refine.pdbx_solvent_ion_probe_radii             ? 
_refine.pdbx_solvent_shrinkage_radii             ? 
_refine.pdbx_ls_cross_valid_method               THROUGHOUT 
_refine.details                                  ? 
_refine.pdbx_starting_model                      ? 
_refine.pdbx_method_to_determine_struct          SAD 
_refine.pdbx_isotropic_thermal_model             RESTRAINED 
_refine.pdbx_stereochemistry_target_values       'Engh & Huber' 
_refine.pdbx_stereochem_target_val_spec_case     ? 
_refine.pdbx_R_Free_selection_details            RANDOM 
_refine.pdbx_overall_ESU_R                       ? 
_refine.pdbx_overall_ESU_R_Free                  ? 
_refine.overall_SU_ML                            ? 
_refine.overall_SU_B                             ? 
_refine.ls_redundancy_reflns_obs                 ? 
_refine.B_iso_min                                ? 
_refine.B_iso_max                                ? 
_refine.overall_SU_R_Cruickshank_DPI             ? 
_refine.overall_SU_R_free                        ? 
_refine.pdbx_refine_id                           'X-RAY DIFFRACTION' 
_refine.pdbx_diffrn_id                           1 
_refine.pdbx_TLS_residual_ADP_flag               ? 
_refine.pdbx_overall_phase_error                 ? 
_refine.pdbx_overall_SU_R_free_Cruickshank_DPI   ? 
_refine.pdbx_overall_SU_R_Blow_DPI               ? 
_refine.pdbx_overall_SU_R_free_Blow_DPI          ? 
# 
_refine_analyze.entry_id                        1S29 
_refine_analyze.Luzzati_coordinate_error_obs    0.21 
_refine_analyze.Luzzati_sigma_a_obs             0.05 
_refine_analyze.Luzzati_d_res_low_obs           5.00 
_refine_analyze.Luzzati_coordinate_error_free   0.23 
_refine_analyze.Luzzati_sigma_a_free            0.16 
_refine_analyze.Luzzati_d_res_low_free          ? 
_refine_analyze.number_disordered_residues      ? 
_refine_analyze.occupancy_sum_hydrogen          ? 
_refine_analyze.occupancy_sum_non_hydrogen      ? 
_refine_analyze.pdbx_Luzzati_d_res_high_obs     ? 
_refine_analyze.pdbx_refine_id                  'X-RAY DIFFRACTION' 
# 
_refine_hist.pdbx_refine_id                   'X-RAY DIFFRACTION' 
_refine_hist.cycle_id                         LAST 
_refine_hist.pdbx_number_atoms_protein        737 
_refine_hist.pdbx_number_atoms_nucleic_acid   0 
_refine_hist.pdbx_number_atoms_ligand         0 
_refine_hist.number_atoms_solvent             100 
_refine_hist.number_atoms_total               837 
_refine_hist.d_res_high                       1.60 
_refine_hist.d_res_low                        19.45 
# 
loop_
_refine_ls_restr.type 
_refine_ls_restr.dev_ideal 
_refine_ls_restr.dev_ideal_target 
_refine_ls_restr.weight 
_refine_ls_restr.number 
_refine_ls_restr.pdbx_refine_id 
_refine_ls_restr.pdbx_restraint_function 
c_bond_d           0.005 ?    ? ? 'X-RAY DIFFRACTION' ? 
c_angle_deg        1.2   ?    ? ? 'X-RAY DIFFRACTION' ? 
c_dihedral_angle_d 21.1  ?    ? ? 'X-RAY DIFFRACTION' ? 
c_improper_angle_d 0.78  ?    ? ? 'X-RAY DIFFRACTION' ? 
c_mcbond_it        1.04  1.50 ? ? 'X-RAY DIFFRACTION' ? 
c_mcangle_it       1.65  2.00 ? ? 'X-RAY DIFFRACTION' ? 
c_scbond_it        2.21  2.00 ? ? 'X-RAY DIFFRACTION' ? 
c_scangle_it       3.09  2.50 ? ? 'X-RAY DIFFRACTION' ? 
# 
_refine_ls_shell.pdbx_total_number_of_bins_used   6 
_refine_ls_shell.d_res_high                       1.60 
_refine_ls_shell.d_res_low                        1.70 
_refine_ls_shell.number_reflns_R_work             1861 
_refine_ls_shell.R_factor_R_work                  0.227 
_refine_ls_shell.percent_reflns_obs               97.0 
_refine_ls_shell.R_factor_R_free                  0.31 
_refine_ls_shell.R_factor_R_free_error            0.021 
_refine_ls_shell.percent_reflns_R_free            10.7 
_refine_ls_shell.number_reflns_R_free             223 
_refine_ls_shell.number_reflns_obs                ? 
_refine_ls_shell.redundancy_reflns_obs            ? 
_refine_ls_shell.number_reflns_all                ? 
_refine_ls_shell.pdbx_refine_id                   'X-RAY DIFFRACTION' 
_refine_ls_shell.R_factor_all                     ? 
# 
loop_
_pdbx_xplor_file.serial_no 
_pdbx_xplor_file.param_file 
_pdbx_xplor_file.topol_file 
_pdbx_xplor_file.pdbx_refine_id 
1 PROTEIN_REP.PARAM PROTEIN.TOP 'X-RAY DIFFRACTION' 
2 WATER_REP.PARAM   ?           'X-RAY DIFFRACTION' 
# 
_struct.entry_id                  1S29 
_struct.title                     'La autoantigen N-terminal domain' 
_struct.pdbx_model_details        ? 
_struct.pdbx_CASP_flag            ? 
_struct.pdbx_model_type_details   ? 
# 
_struct_keywords.entry_id        1S29 
_struct_keywords.pdbx_keywords   'RNA BINDING PROTEIN' 
_struct_keywords.text            'winged helix-turn-helix, autoantigen, RNA-binding, RNA BINDING PROTEIN' 
# 
loop_
_struct_asym.id 
_struct_asym.pdbx_blank_PDB_chainid_flag 
_struct_asym.pdbx_modified 
_struct_asym.entity_id 
_struct_asym.details 
A N N 1 ? 
B N N 2 ? 
# 
_struct_ref.id                         1 
_struct_ref.db_name                    UNP 
_struct_ref.db_code                    Q9NIH4_9TRYP 
_struct_ref.pdbx_db_accession          Q9NIH4 
_struct_ref.entity_id                  1 
_struct_ref.pdbx_seq_one_letter_code   
;MPLSSENKQKLQKQVEFYFSDVNVQRDIFLKGKMAENAEGFVSLETLLTFKRVNSVTTDVKEVVEAIRPSEKLVLSEDGL
MVRRRDPLP
;
_struct_ref.pdbx_align_begin           1 
_struct_ref.pdbx_db_isoform            ? 
# 
_struct_ref_seq.align_id                      1 
_struct_ref_seq.ref_id                        1 
_struct_ref_seq.pdbx_PDB_id_code              1S29 
_struct_ref_seq.pdbx_strand_id                A 
_struct_ref_seq.seq_align_beg                 4 
_struct_ref_seq.pdbx_seq_align_beg_ins_code   ? 
_struct_ref_seq.seq_align_end                 92 
_struct_ref_seq.pdbx_seq_align_end_ins_code   ? 
_struct_ref_seq.pdbx_db_accession             Q9NIH4 
_struct_ref_seq.db_align_beg                  1 
_struct_ref_seq.pdbx_db_align_beg_ins_code    ? 
_struct_ref_seq.db_align_end                  89 
_struct_ref_seq.pdbx_db_align_end_ins_code    ? 
_struct_ref_seq.pdbx_auth_seq_align_beg       4 
_struct_ref_seq.pdbx_auth_seq_align_end       92 
# 
loop_
_struct_ref_seq_dif.align_id 
_struct_ref_seq_dif.pdbx_pdb_id_code 
_struct_ref_seq_dif.mon_id 
_struct_ref_seq_dif.pdbx_pdb_strand_id 
_struct_ref_seq_dif.seq_num 
_struct_ref_seq_dif.pdbx_pdb_ins_code 
_struct_ref_seq_dif.pdbx_seq_db_name 
_struct_ref_seq_dif.pdbx_seq_db_accession_code 
_struct_ref_seq_dif.db_mon_id 
_struct_ref_seq_dif.pdbx_seq_db_seq_num 
_struct_ref_seq_dif.details 
_struct_ref_seq_dif.pdbx_auth_seq_num 
_struct_ref_seq_dif.pdbx_ordinal 
1 1S29 GLY A 1  ? UNP Q9NIH4 ?   ?  'cloning artifact' 1  1 
1 1S29 SER A 2  ? UNP Q9NIH4 ?   ?  'cloning artifact' 2  2 
1 1S29 HIS A 3  ? UNP Q9NIH4 ?   ?  'cloning artifact' 3  3 
1 1S29 MSE A 4  ? UNP Q9NIH4 MET 1  'modified residue' 4  4 
1 1S29 MSE A 37 ? UNP Q9NIH4 MET 34 'modified residue' 37 5 
1 1S29 MSE A 84 ? UNP Q9NIH4 MET 81 'modified residue' 84 6 
# 
_pdbx_struct_assembly.id                   1 
_pdbx_struct_assembly.details              author_defined_assembly 
_pdbx_struct_assembly.method_details       ? 
_pdbx_struct_assembly.oligomeric_details   monomeric 
_pdbx_struct_assembly.oligomeric_count     1 
# 
_pdbx_struct_assembly_gen.assembly_id       1 
_pdbx_struct_assembly_gen.oper_expression   1 
_pdbx_struct_assembly_gen.asym_id_list      A,B 
# 
_pdbx_struct_oper_list.id                   1 
_pdbx_struct_oper_list.type                 'identity operation' 
_pdbx_struct_oper_list.name                 1_555 
_pdbx_struct_oper_list.symmetry_operation   x,y,z 
_pdbx_struct_oper_list.matrix[1][1]         1.0000000000 
_pdbx_struct_oper_list.matrix[1][2]         0.0000000000 
_pdbx_struct_oper_list.matrix[1][3]         0.0000000000 
_pdbx_struct_oper_list.vector[1]            0.0000000000 
_pdbx_struct_oper_list.matrix[2][1]         0.0000000000 
_pdbx_struct_oper_list.matrix[2][2]         1.0000000000 
_pdbx_struct_oper_list.matrix[2][3]         0.0000000000 
_pdbx_struct_oper_list.vector[2]            0.0000000000 
_pdbx_struct_oper_list.matrix[3][1]         0.0000000000 
_pdbx_struct_oper_list.matrix[3][2]         0.0000000000 
_pdbx_struct_oper_list.matrix[3][3]         1.0000000000 
_pdbx_struct_oper_list.vector[3]            0.0000000000 
# 
loop_
_struct_conf.conf_type_id 
_struct_conf.id 
_struct_conf.pdbx_PDB_helix_id 
_struct_conf.beg_label_comp_id 
_struct_conf.beg_label_asym_id 
_struct_conf.beg_label_seq_id 
_struct_conf.pdbx_beg_PDB_ins_code 
_struct_conf.end_label_comp_id 
_struct_conf.end_label_asym_id 
_struct_conf.end_label_seq_id 
_struct_conf.pdbx_end_PDB_ins_code 
_struct_conf.beg_auth_comp_id 
_struct_conf.beg_auth_asym_id 
_struct_conf.beg_auth_seq_id 
_struct_conf.end_auth_comp_id 
_struct_conf.end_auth_asym_id 
_struct_conf.end_auth_seq_id 
_struct_conf.pdbx_PDB_helix_class 
_struct_conf.details 
_struct_conf.pdbx_PDB_helix_length 
HELX_P HELX_P1 1 SER A 7  ? PHE A 22 ? SER A 7  PHE A 22 1 ? 16 
HELX_P HELX_P2 2 SER A 23 ? GLN A 28 ? SER A 23 GLN A 28 1 ? 6  
HELX_P HELX_P3 3 ASP A 30 ? ALA A 38 ? ASP A 30 ALA A 38 1 ? 9  
HELX_P HELX_P4 4 LEU A 47 ? LEU A 51 ? LEU A 47 LEU A 51 1 ? 5  
HELX_P HELX_P5 5 PHE A 53 ? SER A 58 ? PHE A 53 SER A 58 1 ? 6  
HELX_P HELX_P6 6 ASP A 62 ? ARG A 71 ? ASP A 62 ARG A 71 1 ? 10 
# 
_struct_conf_type.id          HELX_P 
_struct_conf_type.criteria    ? 
_struct_conf_type.reference   ? 
# 
loop_
_struct_conn.id 
_struct_conn.conn_type_id 
_struct_conn.pdbx_leaving_atom_flag 
_struct_conn.pdbx_PDB_id 
_struct_conn.ptnr1_label_asym_id 
_struct_conn.ptnr1_label_comp_id 
_struct_conn.ptnr1_label_seq_id 
_struct_conn.ptnr1_label_atom_id 
_struct_conn.pdbx_ptnr1_label_alt_id 
_struct_conn.pdbx_ptnr1_PDB_ins_code 
_struct_conn.pdbx_ptnr1_standard_comp_id 
_struct_conn.ptnr1_symmetry 
_struct_conn.ptnr2_label_asym_id 
_struct_conn.ptnr2_label_comp_id 
_struct_conn.ptnr2_label_seq_id 
_struct_conn.ptnr2_label_atom_id 
_struct_conn.pdbx_ptnr2_label_alt_id 
_struct_conn.pdbx_ptnr2_PDB_ins_code 
_struct_conn.ptnr1_auth_asym_id 
_struct_conn.ptnr1_auth_comp_id 
_struct_conn.ptnr1_auth_seq_id 
_struct_conn.ptnr2_auth_asym_id 
_struct_conn.ptnr2_auth_comp_id 
_struct_conn.ptnr2_auth_seq_id 
_struct_conn.ptnr2_symmetry 
_struct_conn.pdbx_ptnr3_label_atom_id 
_struct_conn.pdbx_ptnr3_label_seq_id 
_struct_conn.pdbx_ptnr3_label_comp_id 
_struct_conn.pdbx_ptnr3_label_asym_id 
_struct_conn.pdbx_ptnr3_label_alt_id 
_struct_conn.pdbx_ptnr3_PDB_ins_code 
_struct_conn.details 
_struct_conn.pdbx_dist_value 
_struct_conn.pdbx_value_order 
_struct_conn.pdbx_role 
covale1 covale both ? A HIS 3  C ? ? ? 1_555 A MSE 4  N ? ? A HIS 3  A MSE 4  1_555 ? ? ? ? ? ? ? 1.330 ? ? 
covale2 covale both ? A MSE 4  C ? ? ? 1_555 A PRO 5  N ? ? A MSE 4  A PRO 5  1_555 ? ? ? ? ? ? ? 1.338 ? ? 
covale3 covale both ? A LYS 36 C ? ? ? 1_555 A MSE 37 N ? ? A LYS 36 A MSE 37 1_555 ? ? ? ? ? ? ? 1.326 ? ? 
covale4 covale both ? A MSE 37 C ? ? ? 1_555 A ALA 38 N ? ? A MSE 37 A ALA 38 1_555 ? ? ? ? ? ? ? 1.330 ? ? 
covale5 covale both ? A LEU 83 C ? ? ? 1_555 A MSE 84 N ? ? A LEU 83 A MSE 84 1_555 ? ? ? ? ? ? ? 1.330 ? ? 
covale6 covale both ? A MSE 84 C ? ? ? 1_555 A VAL 85 N ? ? A MSE 84 A VAL 85 1_555 ? ? ? ? ? ? ? 1.328 ? ? 
# 
_struct_conn_type.id          covale 
_struct_conn_type.criteria    ? 
_struct_conn_type.reference   ? 
# 
loop_
_pdbx_modification_feature.ordinal 
_pdbx_modification_feature.label_comp_id 
_pdbx_modification_feature.label_asym_id 
_pdbx_modification_feature.label_seq_id 
_pdbx_modification_feature.label_alt_id 
_pdbx_modification_feature.modified_residue_label_comp_id 
_pdbx_modification_feature.modified_residue_label_asym_id 
_pdbx_modification_feature.modified_residue_label_seq_id 
_pdbx_modification_feature.modified_residue_label_alt_id 
_pdbx_modification_feature.auth_comp_id 
_pdbx_modification_feature.auth_asym_id 
_pdbx_modification_feature.auth_seq_id 
_pdbx_modification_feature.PDB_ins_code 
_pdbx_modification_feature.symmetry 
_pdbx_modification_feature.modified_residue_auth_comp_id 
_pdbx_modification_feature.modified_residue_auth_asym_id 
_pdbx_modification_feature.modified_residue_auth_seq_id 
_pdbx_modification_feature.modified_residue_PDB_ins_code 
_pdbx_modification_feature.modified_residue_symmetry 
_pdbx_modification_feature.comp_id_linking_atom 
_pdbx_modification_feature.modified_residue_id_linking_atom 
_pdbx_modification_feature.modified_residue_id 
_pdbx_modification_feature.ref_pcm_id 
_pdbx_modification_feature.ref_comp_id 
_pdbx_modification_feature.type 
_pdbx_modification_feature.category 
1 MSE A 4  ? . . . . MSE A 4  ? 1_555 . . . . . . . MET 1 MSE Selenomethionine 'Named protein modification' 
2 MSE A 37 ? . . . . MSE A 37 ? 1_555 . . . . . . . MET 1 MSE Selenomethionine 'Named protein modification' 
3 MSE A 84 ? . . . . MSE A 84 ? 1_555 . . . . . . . MET 1 MSE Selenomethionine 'Named protein modification' 
# 
_struct_sheet.id               A 
_struct_sheet.type             ? 
_struct_sheet.number_strands   3 
_struct_sheet.details          ? 
# 
loop_
_struct_sheet_order.sheet_id 
_struct_sheet_order.range_id_1 
_struct_sheet_order.range_id_2 
_struct_sheet_order.offset 
_struct_sheet_order.sense 
A 1 2 ? anti-parallel 
A 2 3 ? anti-parallel 
# 
loop_
_struct_sheet_range.sheet_id 
_struct_sheet_range.id 
_struct_sheet_range.beg_label_comp_id 
_struct_sheet_range.beg_label_asym_id 
_struct_sheet_range.beg_label_seq_id 
_struct_sheet_range.pdbx_beg_PDB_ins_code 
_struct_sheet_range.end_label_comp_id 
_struct_sheet_range.end_label_asym_id 
_struct_sheet_range.end_label_seq_id 
_struct_sheet_range.pdbx_end_PDB_ins_code 
_struct_sheet_range.beg_auth_comp_id 
_struct_sheet_range.beg_auth_asym_id 
_struct_sheet_range.beg_auth_seq_id 
_struct_sheet_range.end_auth_comp_id 
_struct_sheet_range.end_auth_asym_id 
_struct_sheet_range.end_auth_seq_id 
A 1 VAL A 45 ? SER A 46 ? VAL A 45 SER A 46 
A 2 MSE A 84 ? ARG A 87 ? MSE A 84 ARG A 87 
A 3 LEU A 76 ? LEU A 78 ? LEU A 76 LEU A 78 
# 
loop_
_pdbx_struct_sheet_hbond.sheet_id 
_pdbx_struct_sheet_hbond.range_id_1 
_pdbx_struct_sheet_hbond.range_id_2 
_pdbx_struct_sheet_hbond.range_1_label_atom_id 
_pdbx_struct_sheet_hbond.range_1_label_comp_id 
_pdbx_struct_sheet_hbond.range_1_label_asym_id 
_pdbx_struct_sheet_hbond.range_1_label_seq_id 
_pdbx_struct_sheet_hbond.range_1_PDB_ins_code 
_pdbx_struct_sheet_hbond.range_1_auth_atom_id 
_pdbx_struct_sheet_hbond.range_1_auth_comp_id 
_pdbx_struct_sheet_hbond.range_1_auth_asym_id 
_pdbx_struct_sheet_hbond.range_1_auth_seq_id 
_pdbx_struct_sheet_hbond.range_2_label_atom_id 
_pdbx_struct_sheet_hbond.range_2_label_comp_id 
_pdbx_struct_sheet_hbond.range_2_label_asym_id 
_pdbx_struct_sheet_hbond.range_2_label_seq_id 
_pdbx_struct_sheet_hbond.range_2_PDB_ins_code 
_pdbx_struct_sheet_hbond.range_2_auth_atom_id 
_pdbx_struct_sheet_hbond.range_2_auth_comp_id 
_pdbx_struct_sheet_hbond.range_2_auth_asym_id 
_pdbx_struct_sheet_hbond.range_2_auth_seq_id 
A 1 2 N VAL A 45 ? N VAL A 45 O VAL A 85 ? O VAL A 85 
A 2 3 O ARG A 86 ? O ARG A 86 N VAL A 77 ? N VAL A 77 
# 
_pdbx_entry_details.entry_id                   1S29 
_pdbx_entry_details.compound_details           ? 
_pdbx_entry_details.source_details             ? 
_pdbx_entry_details.nonpolymer_details         ? 
_pdbx_entry_details.sequence_details           ? 
_pdbx_entry_details.has_ligand_of_interest     ? 
_pdbx_entry_details.has_protein_modification   Y 
# 
loop_
_pdbx_struct_mod_residue.id 
_pdbx_struct_mod_residue.label_asym_id 
_pdbx_struct_mod_residue.label_comp_id 
_pdbx_struct_mod_residue.label_seq_id 
_pdbx_struct_mod_residue.auth_asym_id 
_pdbx_struct_mod_residue.auth_comp_id 
_pdbx_struct_mod_residue.auth_seq_id 
_pdbx_struct_mod_residue.PDB_ins_code 
_pdbx_struct_mod_residue.parent_comp_id 
_pdbx_struct_mod_residue.details 
1 A MSE 4  A MSE 4  ? MET SELENOMETHIONINE 
2 A MSE 37 A MSE 37 ? MET SELENOMETHIONINE 
3 A MSE 84 A MSE 84 ? MET SELENOMETHIONINE 
# 
loop_
_chem_comp_atom.comp_id 
_chem_comp_atom.atom_id 
_chem_comp_atom.type_symbol 
_chem_comp_atom.pdbx_aromatic_flag 
_chem_comp_atom.pdbx_stereo_config 
_chem_comp_atom.pdbx_ordinal 
ALA N    N  N N 1   
ALA CA   C  N S 2   
ALA C    C  N N 3   
ALA O    O  N N 4   
ALA CB   C  N N 5   
ALA OXT  O  N N 6   
ALA H    H  N N 7   
ALA H2   H  N N 8   
ALA HA   H  N N 9   
ALA HB1  H  N N 10  
ALA HB2  H  N N 11  
ALA HB3  H  N N 12  
ALA HXT  H  N N 13  
ARG N    N  N N 14  
ARG CA   C  N S 15  
ARG C    C  N N 16  
ARG O    O  N N 17  
ARG CB   C  N N 18  
ARG CG   C  N N 19  
ARG CD   C  N N 20  
ARG NE   N  N N 21  
ARG CZ   C  N N 22  
ARG NH1  N  N N 23  
ARG NH2  N  N N 24  
ARG OXT  O  N N 25  
ARG H    H  N N 26  
ARG H2   H  N N 27  
ARG HA   H  N N 28  
ARG HB2  H  N N 29  
ARG HB3  H  N N 30  
ARG HG2  H  N N 31  
ARG HG3  H  N N 32  
ARG HD2  H  N N 33  
ARG HD3  H  N N 34  
ARG HE   H  N N 35  
ARG HH11 H  N N 36  
ARG HH12 H  N N 37  
ARG HH21 H  N N 38  
ARG HH22 H  N N 39  
ARG HXT  H  N N 40  
ASN N    N  N N 41  
ASN CA   C  N S 42  
ASN C    C  N N 43  
ASN O    O  N N 44  
ASN CB   C  N N 45  
ASN CG   C  N N 46  
ASN OD1  O  N N 47  
ASN ND2  N  N N 48  
ASN OXT  O  N N 49  
ASN H    H  N N 50  
ASN H2   H  N N 51  
ASN HA   H  N N 52  
ASN HB2  H  N N 53  
ASN HB3  H  N N 54  
ASN HD21 H  N N 55  
ASN HD22 H  N N 56  
ASN HXT  H  N N 57  
ASP N    N  N N 58  
ASP CA   C  N S 59  
ASP C    C  N N 60  
ASP O    O  N N 61  
ASP CB   C  N N 62  
ASP CG   C  N N 63  
ASP OD1  O  N N 64  
ASP OD2  O  N N 65  
ASP OXT  O  N N 66  
ASP H    H  N N 67  
ASP H2   H  N N 68  
ASP HA   H  N N 69  
ASP HB2  H  N N 70  
ASP HB3  H  N N 71  
ASP HD2  H  N N 72  
ASP HXT  H  N N 73  
GLN N    N  N N 74  
GLN CA   C  N S 75  
GLN C    C  N N 76  
GLN O    O  N N 77  
GLN CB   C  N N 78  
GLN CG   C  N N 79  
GLN CD   C  N N 80  
GLN OE1  O  N N 81  
GLN NE2  N  N N 82  
GLN OXT  O  N N 83  
GLN H    H  N N 84  
GLN H2   H  N N 85  
GLN HA   H  N N 86  
GLN HB2  H  N N 87  
GLN HB3  H  N N 88  
GLN HG2  H  N N 89  
GLN HG3  H  N N 90  
GLN HE21 H  N N 91  
GLN HE22 H  N N 92  
GLN HXT  H  N N 93  
GLU N    N  N N 94  
GLU CA   C  N S 95  
GLU C    C  N N 96  
GLU O    O  N N 97  
GLU CB   C  N N 98  
GLU CG   C  N N 99  
GLU CD   C  N N 100 
GLU OE1  O  N N 101 
GLU OE2  O  N N 102 
GLU OXT  O  N N 103 
GLU H    H  N N 104 
GLU H2   H  N N 105 
GLU HA   H  N N 106 
GLU HB2  H  N N 107 
GLU HB3  H  N N 108 
GLU HG2  H  N N 109 
GLU HG3  H  N N 110 
GLU HE2  H  N N 111 
GLU HXT  H  N N 112 
GLY N    N  N N 113 
GLY CA   C  N N 114 
GLY C    C  N N 115 
GLY O    O  N N 116 
GLY OXT  O  N N 117 
GLY H    H  N N 118 
GLY H2   H  N N 119 
GLY HA2  H  N N 120 
GLY HA3  H  N N 121 
GLY HXT  H  N N 122 
HIS N    N  N N 123 
HIS CA   C  N S 124 
HIS C    C  N N 125 
HIS O    O  N N 126 
HIS CB   C  N N 127 
HIS CG   C  Y N 128 
HIS ND1  N  Y N 129 
HIS CD2  C  Y N 130 
HIS CE1  C  Y N 131 
HIS NE2  N  Y N 132 
HIS OXT  O  N N 133 
HIS H    H  N N 134 
HIS H2   H  N N 135 
HIS HA   H  N N 136 
HIS HB2  H  N N 137 
HIS HB3  H  N N 138 
HIS HD1  H  N N 139 
HIS HD2  H  N N 140 
HIS HE1  H  N N 141 
HIS HE2  H  N N 142 
HIS HXT  H  N N 143 
HOH O    O  N N 144 
HOH H1   H  N N 145 
HOH H2   H  N N 146 
ILE N    N  N N 147 
ILE CA   C  N S 148 
ILE C    C  N N 149 
ILE O    O  N N 150 
ILE CB   C  N S 151 
ILE CG1  C  N N 152 
ILE CG2  C  N N 153 
ILE CD1  C  N N 154 
ILE OXT  O  N N 155 
ILE H    H  N N 156 
ILE H2   H  N N 157 
ILE HA   H  N N 158 
ILE HB   H  N N 159 
ILE HG12 H  N N 160 
ILE HG13 H  N N 161 
ILE HG21 H  N N 162 
ILE HG22 H  N N 163 
ILE HG23 H  N N 164 
ILE HD11 H  N N 165 
ILE HD12 H  N N 166 
ILE HD13 H  N N 167 
ILE HXT  H  N N 168 
LEU N    N  N N 169 
LEU CA   C  N S 170 
LEU C    C  N N 171 
LEU O    O  N N 172 
LEU CB   C  N N 173 
LEU CG   C  N N 174 
LEU CD1  C  N N 175 
LEU CD2  C  N N 176 
LEU OXT  O  N N 177 
LEU H    H  N N 178 
LEU H2   H  N N 179 
LEU HA   H  N N 180 
LEU HB2  H  N N 181 
LEU HB3  H  N N 182 
LEU HG   H  N N 183 
LEU HD11 H  N N 184 
LEU HD12 H  N N 185 
LEU HD13 H  N N 186 
LEU HD21 H  N N 187 
LEU HD22 H  N N 188 
LEU HD23 H  N N 189 
LEU HXT  H  N N 190 
LYS N    N  N N 191 
LYS CA   C  N S 192 
LYS C    C  N N 193 
LYS O    O  N N 194 
LYS CB   C  N N 195 
LYS CG   C  N N 196 
LYS CD   C  N N 197 
LYS CE   C  N N 198 
LYS NZ   N  N N 199 
LYS OXT  O  N N 200 
LYS H    H  N N 201 
LYS H2   H  N N 202 
LYS HA   H  N N 203 
LYS HB2  H  N N 204 
LYS HB3  H  N N 205 
LYS HG2  H  N N 206 
LYS HG3  H  N N 207 
LYS HD2  H  N N 208 
LYS HD3  H  N N 209 
LYS HE2  H  N N 210 
LYS HE3  H  N N 211 
LYS HZ1  H  N N 212 
LYS HZ2  H  N N 213 
LYS HZ3  H  N N 214 
LYS HXT  H  N N 215 
MET N    N  N N 216 
MET CA   C  N S 217 
MET C    C  N N 218 
MET O    O  N N 219 
MET CB   C  N N 220 
MET CG   C  N N 221 
MET SD   S  N N 222 
MET CE   C  N N 223 
MET OXT  O  N N 224 
MET H    H  N N 225 
MET H2   H  N N 226 
MET HA   H  N N 227 
MET HB2  H  N N 228 
MET HB3  H  N N 229 
MET HG2  H  N N 230 
MET HG3  H  N N 231 
MET HE1  H  N N 232 
MET HE2  H  N N 233 
MET HE3  H  N N 234 
MET HXT  H  N N 235 
MSE N    N  N N 236 
MSE CA   C  N S 237 
MSE C    C  N N 238 
MSE O    O  N N 239 
MSE OXT  O  N N 240 
MSE CB   C  N N 241 
MSE CG   C  N N 242 
MSE SE   SE N N 243 
MSE CE   C  N N 244 
MSE H    H  N N 245 
MSE H2   H  N N 246 
MSE HA   H  N N 247 
MSE HXT  H  N N 248 
MSE HB2  H  N N 249 
MSE HB3  H  N N 250 
MSE HG2  H  N N 251 
MSE HG3  H  N N 252 
MSE HE1  H  N N 253 
MSE HE2  H  N N 254 
MSE HE3  H  N N 255 
PHE N    N  N N 256 
PHE CA   C  N S 257 
PHE C    C  N N 258 
PHE O    O  N N 259 
PHE CB   C  N N 260 
PHE CG   C  Y N 261 
PHE CD1  C  Y N 262 
PHE CD2  C  Y N 263 
PHE CE1  C  Y N 264 
PHE CE2  C  Y N 265 
PHE CZ   C  Y N 266 
PHE OXT  O  N N 267 
PHE H    H  N N 268 
PHE H2   H  N N 269 
PHE HA   H  N N 270 
PHE HB2  H  N N 271 
PHE HB3  H  N N 272 
PHE HD1  H  N N 273 
PHE HD2  H  N N 274 
PHE HE1  H  N N 275 
PHE HE2  H  N N 276 
PHE HZ   H  N N 277 
PHE HXT  H  N N 278 
PRO N    N  N N 279 
PRO CA   C  N S 280 
PRO C    C  N N 281 
PRO O    O  N N 282 
PRO CB   C  N N 283 
PRO CG   C  N N 284 
PRO CD   C  N N 285 
PRO OXT  O  N N 286 
PRO H    H  N N 287 
PRO HA   H  N N 288 
PRO HB2  H  N N 289 
PRO HB3  H  N N 290 
PRO HG2  H  N N 291 
PRO HG3  H  N N 292 
PRO HD2  H  N N 293 
PRO HD3  H  N N 294 
PRO HXT  H  N N 295 
SER N    N  N N 296 
SER CA   C  N S 297 
SER C    C  N N 298 
SER O    O  N N 299 
SER CB   C  N N 300 
SER OG   O  N N 301 
SER OXT  O  N N 302 
SER H    H  N N 303 
SER H2   H  N N 304 
SER HA   H  N N 305 
SER HB2  H  N N 306 
SER HB3  H  N N 307 
SER HG   H  N N 308 
SER HXT  H  N N 309 
THR N    N  N N 310 
THR CA   C  N S 311 
THR C    C  N N 312 
THR O    O  N N 313 
THR CB   C  N R 314 
THR OG1  O  N N 315 
THR CG2  C  N N 316 
THR OXT  O  N N 317 
THR H    H  N N 318 
THR H2   H  N N 319 
THR HA   H  N N 320 
THR HB   H  N N 321 
THR HG1  H  N N 322 
THR HG21 H  N N 323 
THR HG22 H  N N 324 
THR HG23 H  N N 325 
THR HXT  H  N N 326 
TYR N    N  N N 327 
TYR CA   C  N S 328 
TYR C    C  N N 329 
TYR O    O  N N 330 
TYR CB   C  N N 331 
TYR CG   C  Y N 332 
TYR CD1  C  Y N 333 
TYR CD2  C  Y N 334 
TYR CE1  C  Y N 335 
TYR CE2  C  Y N 336 
TYR CZ   C  Y N 337 
TYR OH   O  N N 338 
TYR OXT  O  N N 339 
TYR H    H  N N 340 
TYR H2   H  N N 341 
TYR HA   H  N N 342 
TYR HB2  H  N N 343 
TYR HB3  H  N N 344 
TYR HD1  H  N N 345 
TYR HD2  H  N N 346 
TYR HE1  H  N N 347 
TYR HE2  H  N N 348 
TYR HH   H  N N 349 
TYR HXT  H  N N 350 
VAL N    N  N N 351 
VAL CA   C  N S 352 
VAL C    C  N N 353 
VAL O    O  N N 354 
VAL CB   C  N N 355 
VAL CG1  C  N N 356 
VAL CG2  C  N N 357 
VAL OXT  O  N N 358 
VAL H    H  N N 359 
VAL H2   H  N N 360 
VAL HA   H  N N 361 
VAL HB   H  N N 362 
VAL HG11 H  N N 363 
VAL HG12 H  N N 364 
VAL HG13 H  N N 365 
VAL HG21 H  N N 366 
VAL HG22 H  N N 367 
VAL HG23 H  N N 368 
VAL HXT  H  N N 369 
# 
loop_
_chem_comp_bond.comp_id 
_chem_comp_bond.atom_id_1 
_chem_comp_bond.atom_id_2 
_chem_comp_bond.value_order 
_chem_comp_bond.pdbx_aromatic_flag 
_chem_comp_bond.pdbx_stereo_config 
_chem_comp_bond.pdbx_ordinal 
ALA N   CA   sing N N 1   
ALA N   H    sing N N 2   
ALA N   H2   sing N N 3   
ALA CA  C    sing N N 4   
ALA CA  CB   sing N N 5   
ALA CA  HA   sing N N 6   
ALA C   O    doub N N 7   
ALA C   OXT  sing N N 8   
ALA CB  HB1  sing N N 9   
ALA CB  HB2  sing N N 10  
ALA CB  HB3  sing N N 11  
ALA OXT HXT  sing N N 12  
ARG N   CA   sing N N 13  
ARG N   H    sing N N 14  
ARG N   H2   sing N N 15  
ARG CA  C    sing N N 16  
ARG CA  CB   sing N N 17  
ARG CA  HA   sing N N 18  
ARG C   O    doub N N 19  
ARG C   OXT  sing N N 20  
ARG CB  CG   sing N N 21  
ARG CB  HB2  sing N N 22  
ARG CB  HB3  sing N N 23  
ARG CG  CD   sing N N 24  
ARG CG  HG2  sing N N 25  
ARG CG  HG3  sing N N 26  
ARG CD  NE   sing N N 27  
ARG CD  HD2  sing N N 28  
ARG CD  HD3  sing N N 29  
ARG NE  CZ   sing N N 30  
ARG NE  HE   sing N N 31  
ARG CZ  NH1  sing N N 32  
ARG CZ  NH2  doub N N 33  
ARG NH1 HH11 sing N N 34  
ARG NH1 HH12 sing N N 35  
ARG NH2 HH21 sing N N 36  
ARG NH2 HH22 sing N N 37  
ARG OXT HXT  sing N N 38  
ASN N   CA   sing N N 39  
ASN N   H    sing N N 40  
ASN N   H2   sing N N 41  
ASN CA  C    sing N N 42  
ASN CA  CB   sing N N 43  
ASN CA  HA   sing N N 44  
ASN C   O    doub N N 45  
ASN C   OXT  sing N N 46  
ASN CB  CG   sing N N 47  
ASN CB  HB2  sing N N 48  
ASN CB  HB3  sing N N 49  
ASN CG  OD1  doub N N 50  
ASN CG  ND2  sing N N 51  
ASN ND2 HD21 sing N N 52  
ASN ND2 HD22 sing N N 53  
ASN OXT HXT  sing N N 54  
ASP N   CA   sing N N 55  
ASP N   H    sing N N 56  
ASP N   H2   sing N N 57  
ASP CA  C    sing N N 58  
ASP CA  CB   sing N N 59  
ASP CA  HA   sing N N 60  
ASP C   O    doub N N 61  
ASP C   OXT  sing N N 62  
ASP CB  CG   sing N N 63  
ASP CB  HB2  sing N N 64  
ASP CB  HB3  sing N N 65  
ASP CG  OD1  doub N N 66  
ASP CG  OD2  sing N N 67  
ASP OD2 HD2  sing N N 68  
ASP OXT HXT  sing N N 69  
GLN N   CA   sing N N 70  
GLN N   H    sing N N 71  
GLN N   H2   sing N N 72  
GLN CA  C    sing N N 73  
GLN CA  CB   sing N N 74  
GLN CA  HA   sing N N 75  
GLN C   O    doub N N 76  
GLN C   OXT  sing N N 77  
GLN CB  CG   sing N N 78  
GLN CB  HB2  sing N N 79  
GLN CB  HB3  sing N N 80  
GLN CG  CD   sing N N 81  
GLN CG  HG2  sing N N 82  
GLN CG  HG3  sing N N 83  
GLN CD  OE1  doub N N 84  
GLN CD  NE2  sing N N 85  
GLN NE2 HE21 sing N N 86  
GLN NE2 HE22 sing N N 87  
GLN OXT HXT  sing N N 88  
GLU N   CA   sing N N 89  
GLU N   H    sing N N 90  
GLU N   H2   sing N N 91  
GLU CA  C    sing N N 92  
GLU CA  CB   sing N N 93  
GLU CA  HA   sing N N 94  
GLU C   O    doub N N 95  
GLU C   OXT  sing N N 96  
GLU CB  CG   sing N N 97  
GLU CB  HB2  sing N N 98  
GLU CB  HB3  sing N N 99  
GLU CG  CD   sing N N 100 
GLU CG  HG2  sing N N 101 
GLU CG  HG3  sing N N 102 
GLU CD  OE1  doub N N 103 
GLU CD  OE2  sing N N 104 
GLU OE2 HE2  sing N N 105 
GLU OXT HXT  sing N N 106 
GLY N   CA   sing N N 107 
GLY N   H    sing N N 108 
GLY N   H2   sing N N 109 
GLY CA  C    sing N N 110 
GLY CA  HA2  sing N N 111 
GLY CA  HA3  sing N N 112 
GLY C   O    doub N N 113 
GLY C   OXT  sing N N 114 
GLY OXT HXT  sing N N 115 
HIS N   CA   sing N N 116 
HIS N   H    sing N N 117 
HIS N   H2   sing N N 118 
HIS CA  C    sing N N 119 
HIS CA  CB   sing N N 120 
HIS CA  HA   sing N N 121 
HIS C   O    doub N N 122 
HIS C   OXT  sing N N 123 
HIS CB  CG   sing N N 124 
HIS CB  HB2  sing N N 125 
HIS CB  HB3  sing N N 126 
HIS CG  ND1  sing Y N 127 
HIS CG  CD2  doub Y N 128 
HIS ND1 CE1  doub Y N 129 
HIS ND1 HD1  sing N N 130 
HIS CD2 NE2  sing Y N 131 
HIS CD2 HD2  sing N N 132 
HIS CE1 NE2  sing Y N 133 
HIS CE1 HE1  sing N N 134 
HIS NE2 HE2  sing N N 135 
HIS OXT HXT  sing N N 136 
HOH O   H1   sing N N 137 
HOH O   H2   sing N N 138 
ILE N   CA   sing N N 139 
ILE N   H    sing N N 140 
ILE N   H2   sing N N 141 
ILE CA  C    sing N N 142 
ILE CA  CB   sing N N 143 
ILE CA  HA   sing N N 144 
ILE C   O    doub N N 145 
ILE C   OXT  sing N N 146 
ILE CB  CG1  sing N N 147 
ILE CB  CG2  sing N N 148 
ILE CB  HB   sing N N 149 
ILE CG1 CD1  sing N N 150 
ILE CG1 HG12 sing N N 151 
ILE CG1 HG13 sing N N 152 
ILE CG2 HG21 sing N N 153 
ILE CG2 HG22 sing N N 154 
ILE CG2 HG23 sing N N 155 
ILE CD1 HD11 sing N N 156 
ILE CD1 HD12 sing N N 157 
ILE CD1 HD13 sing N N 158 
ILE OXT HXT  sing N N 159 
LEU N   CA   sing N N 160 
LEU N   H    sing N N 161 
LEU N   H2   sing N N 162 
LEU CA  C    sing N N 163 
LEU CA  CB   sing N N 164 
LEU CA  HA   sing N N 165 
LEU C   O    doub N N 166 
LEU C   OXT  sing N N 167 
LEU CB  CG   sing N N 168 
LEU CB  HB2  sing N N 169 
LEU CB  HB3  sing N N 170 
LEU CG  CD1  sing N N 171 
LEU CG  CD2  sing N N 172 
LEU CG  HG   sing N N 173 
LEU CD1 HD11 sing N N 174 
LEU CD1 HD12 sing N N 175 
LEU CD1 HD13 sing N N 176 
LEU CD2 HD21 sing N N 177 
LEU CD2 HD22 sing N N 178 
LEU CD2 HD23 sing N N 179 
LEU OXT HXT  sing N N 180 
LYS N   CA   sing N N 181 
LYS N   H    sing N N 182 
LYS N   H2   sing N N 183 
LYS CA  C    sing N N 184 
LYS CA  CB   sing N N 185 
LYS CA  HA   sing N N 186 
LYS C   O    doub N N 187 
LYS C   OXT  sing N N 188 
LYS CB  CG   sing N N 189 
LYS CB  HB2  sing N N 190 
LYS CB  HB3  sing N N 191 
LYS CG  CD   sing N N 192 
LYS CG  HG2  sing N N 193 
LYS CG  HG3  sing N N 194 
LYS CD  CE   sing N N 195 
LYS CD  HD2  sing N N 196 
LYS CD  HD3  sing N N 197 
LYS CE  NZ   sing N N 198 
LYS CE  HE2  sing N N 199 
LYS CE  HE3  sing N N 200 
LYS NZ  HZ1  sing N N 201 
LYS NZ  HZ2  sing N N 202 
LYS NZ  HZ3  sing N N 203 
LYS OXT HXT  sing N N 204 
MET N   CA   sing N N 205 
MET N   H    sing N N 206 
MET N   H2   sing N N 207 
MET CA  C    sing N N 208 
MET CA  CB   sing N N 209 
MET CA  HA   sing N N 210 
MET C   O    doub N N 211 
MET C   OXT  sing N N 212 
MET CB  CG   sing N N 213 
MET CB  HB2  sing N N 214 
MET CB  HB3  sing N N 215 
MET CG  SD   sing N N 216 
MET CG  HG2  sing N N 217 
MET CG  HG3  sing N N 218 
MET SD  CE   sing N N 219 
MET CE  HE1  sing N N 220 
MET CE  HE2  sing N N 221 
MET CE  HE3  sing N N 222 
MET OXT HXT  sing N N 223 
MSE N   CA   sing N N 224 
MSE N   H    sing N N 225 
MSE N   H2   sing N N 226 
MSE CA  C    sing N N 227 
MSE CA  CB   sing N N 228 
MSE CA  HA   sing N N 229 
MSE C   O    doub N N 230 
MSE C   OXT  sing N N 231 
MSE OXT HXT  sing N N 232 
MSE CB  CG   sing N N 233 
MSE CB  HB2  sing N N 234 
MSE CB  HB3  sing N N 235 
MSE CG  SE   sing N N 236 
MSE CG  HG2  sing N N 237 
MSE CG  HG3  sing N N 238 
MSE SE  CE   sing N N 239 
MSE CE  HE1  sing N N 240 
MSE CE  HE2  sing N N 241 
MSE CE  HE3  sing N N 242 
PHE N   CA   sing N N 243 
PHE N   H    sing N N 244 
PHE N   H2   sing N N 245 
PHE CA  C    sing N N 246 
PHE CA  CB   sing N N 247 
PHE CA  HA   sing N N 248 
PHE C   O    doub N N 249 
PHE C   OXT  sing N N 250 
PHE CB  CG   sing N N 251 
PHE CB  HB2  sing N N 252 
PHE CB  HB3  sing N N 253 
PHE CG  CD1  doub Y N 254 
PHE CG  CD2  sing Y N 255 
PHE CD1 CE1  sing Y N 256 
PHE CD1 HD1  sing N N 257 
PHE CD2 CE2  doub Y N 258 
PHE CD2 HD2  sing N N 259 
PHE CE1 CZ   doub Y N 260 
PHE CE1 HE1  sing N N 261 
PHE CE2 CZ   sing Y N 262 
PHE CE2 HE2  sing N N 263 
PHE CZ  HZ   sing N N 264 
PHE OXT HXT  sing N N 265 
PRO N   CA   sing N N 266 
PRO N   CD   sing N N 267 
PRO N   H    sing N N 268 
PRO CA  C    sing N N 269 
PRO CA  CB   sing N N 270 
PRO CA  HA   sing N N 271 
PRO C   O    doub N N 272 
PRO C   OXT  sing N N 273 
PRO CB  CG   sing N N 274 
PRO CB  HB2  sing N N 275 
PRO CB  HB3  sing N N 276 
PRO CG  CD   sing N N 277 
PRO CG  HG2  sing N N 278 
PRO CG  HG3  sing N N 279 
PRO CD  HD2  sing N N 280 
PRO CD  HD3  sing N N 281 
PRO OXT HXT  sing N N 282 
SER N   CA   sing N N 283 
SER N   H    sing N N 284 
SER N   H2   sing N N 285 
SER CA  C    sing N N 286 
SER CA  CB   sing N N 287 
SER CA  HA   sing N N 288 
SER C   O    doub N N 289 
SER C   OXT  sing N N 290 
SER CB  OG   sing N N 291 
SER CB  HB2  sing N N 292 
SER CB  HB3  sing N N 293 
SER OG  HG   sing N N 294 
SER OXT HXT  sing N N 295 
THR N   CA   sing N N 296 
THR N   H    sing N N 297 
THR N   H2   sing N N 298 
THR CA  C    sing N N 299 
THR CA  CB   sing N N 300 
THR CA  HA   sing N N 301 
THR C   O    doub N N 302 
THR C   OXT  sing N N 303 
THR CB  OG1  sing N N 304 
THR CB  CG2  sing N N 305 
THR CB  HB   sing N N 306 
THR OG1 HG1  sing N N 307 
THR CG2 HG21 sing N N 308 
THR CG2 HG22 sing N N 309 
THR CG2 HG23 sing N N 310 
THR OXT HXT  sing N N 311 
TYR N   CA   sing N N 312 
TYR N   H    sing N N 313 
TYR N   H2   sing N N 314 
TYR CA  C    sing N N 315 
TYR CA  CB   sing N N 316 
TYR CA  HA   sing N N 317 
TYR C   O    doub N N 318 
TYR C   OXT  sing N N 319 
TYR CB  CG   sing N N 320 
TYR CB  HB2  sing N N 321 
TYR CB  HB3  sing N N 322 
TYR CG  CD1  doub Y N 323 
TYR CG  CD2  sing Y N 324 
TYR CD1 CE1  sing Y N 325 
TYR CD1 HD1  sing N N 326 
TYR CD2 CE2  doub Y N 327 
TYR CD2 HD2  sing N N 328 
TYR CE1 CZ   doub Y N 329 
TYR CE1 HE1  sing N N 330 
TYR CE2 CZ   sing Y N 331 
TYR CE2 HE2  sing N N 332 
TYR CZ  OH   sing N N 333 
TYR OH  HH   sing N N 334 
TYR OXT HXT  sing N N 335 
VAL N   CA   sing N N 336 
VAL N   H    sing N N 337 
VAL N   H2   sing N N 338 
VAL CA  C    sing N N 339 
VAL CA  CB   sing N N 340 
VAL CA  HA   sing N N 341 
VAL C   O    doub N N 342 
VAL C   OXT  sing N N 343 
VAL CB  CG1  sing N N 344 
VAL CB  CG2  sing N N 345 
VAL CB  HB   sing N N 346 
VAL CG1 HG11 sing N N 347 
VAL CG1 HG12 sing N N 348 
VAL CG1 HG13 sing N N 349 
VAL CG2 HG21 sing N N 350 
VAL CG2 HG22 sing N N 351 
VAL CG2 HG23 sing N N 352 
VAL OXT HXT  sing N N 353 
# 
_atom_sites.entry_id                    1S29 
_atom_sites.fract_transf_matrix[1][1]   0.00136292 
_atom_sites.fract_transf_matrix[1][2]   0.02978148 
_atom_sites.fract_transf_matrix[1][3]   -0.00579684 
_atom_sites.fract_transf_matrix[2][1]   0.01845464 
_atom_sites.fract_transf_matrix[2][2]   -0.00049377 
_atom_sites.fract_transf_matrix[2][3]   0.00180222 
_atom_sites.fract_transf_matrix[3][1]   0.00167543 
_atom_sites.fract_transf_matrix[3][2]   -0.00360851 
_atom_sites.fract_transf_matrix[3][3]   -0.01814495 
_atom_sites.fract_transf_vector[1]      0.241922 
_atom_sites.fract_transf_vector[2]      0.310803 
_atom_sites.fract_transf_vector[3]      0.289870 
# 
loop_
_atom_type.symbol 
C  
N  
O  
SE 
# 
loop_
_atom_site.group_PDB 
_atom_site.id 
_atom_site.type_symbol 
_atom_site.label_atom_id 
_atom_site.label_alt_id 
_atom_site.label_comp_id 
_atom_site.label_asym_id 
_atom_site.label_entity_id 
_atom_site.label_seq_id 
_atom_site.pdbx_PDB_ins_code 
_atom_site.Cartn_x 
_atom_site.Cartn_y 
_atom_site.Cartn_z 
_atom_site.occupancy 
_atom_site.B_iso_or_equiv 
_atom_site.pdbx_formal_charge 
_atom_site.auth_seq_id 
_atom_site.auth_comp_id 
_atom_site.auth_asym_id 
_atom_site.auth_atom_id 
_atom_site.pdbx_PDB_model_num 
ATOM   1   N  N   . GLY A 1 1  ? 16.761  4.522   4.007   1.00 33.61 ? 1   GLY A N   1 
ATOM   2   C  CA  . GLY A 1 1  ? 17.230  4.211   5.382   1.00 32.68 ? 1   GLY A CA  1 
ATOM   3   C  C   . GLY A 1 1  ? 18.113  2.988   5.376   1.00 32.04 ? 1   GLY A C   1 
ATOM   4   O  O   . GLY A 1 1  ? 18.240  2.300   6.387   1.00 33.73 ? 1   GLY A O   1 
ATOM   5   N  N   . SER A 1 2  ? 18.726  2.711   4.230   1.00 31.00 ? 2   SER A N   1 
ATOM   6   C  CA  . SER A 1 2  ? 19.595  1.552   4.109   1.00 30.19 ? 2   SER A CA  1 
ATOM   7   C  C   . SER A 1 2  ? 20.409  1.344   5.380   1.00 28.32 ? 2   SER A C   1 
ATOM   8   O  O   . SER A 1 2  ? 20.574  0.213   5.830   1.00 29.72 ? 2   SER A O   1 
ATOM   9   C  CB  . SER A 1 2  ? 20.532  1.710   2.909   1.00 30.19 ? 2   SER A CB  1 
ATOM   10  O  OG  . SER A 1 2  ? 19.801  1.723   1.695   1.00 31.26 ? 2   SER A OG  1 
ATOM   11  N  N   . HIS A 1 3  ? 20.893  2.431   5.975   1.00 26.24 ? 3   HIS A N   1 
ATOM   12  C  CA  . HIS A 1 3  ? 21.695  2.314   7.189   1.00 23.33 ? 3   HIS A CA  1 
ATOM   13  C  C   . HIS A 1 3  ? 20.887  2.335   8.488   1.00 21.02 ? 3   HIS A C   1 
ATOM   14  O  O   . HIS A 1 3  ? 21.385  1.918   9.535   1.00 21.09 ? 3   HIS A O   1 
ATOM   15  C  CB  . HIS A 1 3  ? 22.781  3.400   7.216   1.00 24.17 ? 3   HIS A CB  1 
ATOM   16  C  CG  . HIS A 1 3  ? 22.255  4.792   7.380   1.00 24.84 ? 3   HIS A CG  1 
ATOM   17  N  ND1 . HIS A 1 3  ? 21.194  5.281   6.648   1.00 24.78 ? 3   HIS A ND1 1 
ATOM   18  C  CD2 . HIS A 1 3  ? 22.659  5.810   8.180   1.00 24.78 ? 3   HIS A CD2 1 
ATOM   19  C  CE1 . HIS A 1 3  ? 20.966  6.536   6.989   1.00 25.92 ? 3   HIS A CE1 1 
ATOM   20  N  NE2 . HIS A 1 3  ? 21.840  6.882   7.916   1.00 26.53 ? 3   HIS A NE2 1 
HETATM 21  N  N   . MSE A 1 4  ? 19.644  2.806   8.428   1.00 17.22 ? 4   MSE A N   1 
HETATM 22  C  CA  . MSE A 1 4  ? 18.812  2.858   9.625   1.00 14.53 ? 4   MSE A CA  1 
HETATM 23  C  C   . MSE A 1 4  ? 17.449  2.217   9.425   1.00 12.46 ? 4   MSE A C   1 
HETATM 24  O  O   . MSE A 1 4  ? 16.906  2.213   8.325   1.00 13.20 ? 4   MSE A O   1 
HETATM 25  C  CB  . MSE A 1 4  ? 18.628  4.301   10.069  1.00 16.07 ? 4   MSE A CB  1 
HETATM 26  C  CG  . MSE A 1 4  ? 19.938  5.033   10.202  1.00 18.79 ? 4   MSE A CG  1 
HETATM 27  SE SE  . MSE A 1 4  ? 19.731  6.637   11.224  1.00 26.36 ? 4   MSE A SE  1 
HETATM 28  C  CE  . MSE A 1 4  ? 21.583  6.901   11.717  1.00 21.05 ? 4   MSE A CE  1 
ATOM   29  N  N   . PRO A 1 5  ? 16.863  1.683   10.503  1.00 10.50 ? 5   PRO A N   1 
ATOM   30  C  CA  . PRO A 1 5  ? 15.551  1.045   10.390  1.00 10.25 ? 5   PRO A CA  1 
ATOM   31  C  C   . PRO A 1 5  ? 14.375  2.010   10.310  1.00 9.69  ? 5   PRO A C   1 
ATOM   32  O  O   . PRO A 1 5  ? 14.505  3.198   10.596  1.00 9.20  ? 5   PRO A O   1 
ATOM   33  C  CB  . PRO A 1 5  ? 15.490  0.180   11.645  1.00 10.03 ? 5   PRO A CB  1 
ATOM   34  C  CG  . PRO A 1 5  ? 16.217  1.017   12.645  1.00 9.60  ? 5   PRO A CG  1 
ATOM   35  C  CD  . PRO A 1 5  ? 17.417  1.517   11.861  1.00 10.39 ? 5   PRO A CD  1 
ATOM   36  N  N   . LEU A 1 6  ? 13.226  1.478   9.907   1.00 8.91  ? 6   LEU A N   1 
ATOM   37  C  CA  . LEU A 1 6  ? 12.007  2.258   9.830   1.00 7.82  ? 6   LEU A CA  1 
ATOM   38  C  C   . LEU A 1 6  ? 11.351  2.002   11.179  1.00 8.92  ? 6   LEU A C   1 
ATOM   39  O  O   . LEU A 1 6  ? 10.936  0.876   11.478  1.00 10.93 ? 6   LEU A O   1 
ATOM   40  C  CB  . LEU A 1 6  ? 11.116  1.749   8.700   1.00 10.80 ? 6   LEU A CB  1 
ATOM   41  C  CG  . LEU A 1 6  ? 9.966   2.670   8.298   1.00 11.34 ? 6   LEU A CG  1 
ATOM   42  C  CD1 . LEU A 1 6  ? 10.536  3.981   7.774   1.00 10.89 ? 6   LEU A CD1 1 
ATOM   43  C  CD2 . LEU A 1 6  ? 9.118   2.005   7.222   1.00 13.26 ? 6   LEU A CD2 1 
ATOM   44  N  N   . SER A 1 7  ? 11.295  3.045   11.996  1.00 8.58  ? 7   SER A N   1 
ATOM   45  C  CA  . SER A 1 7  ? 10.735  2.980   13.341  1.00 8.40  ? 7   SER A CA  1 
ATOM   46  C  C   . SER A 1 7  ? 9.247   2.668   13.372  1.00 8.47  ? 7   SER A C   1 
ATOM   47  O  O   . SER A 1 7  ? 8.569   2.712   12.348  1.00 8.84  ? 7   SER A O   1 
ATOM   48  C  CB  . SER A 1 7  ? 10.957  4.311   14.046  1.00 7.60  ? 7   SER A CB  1 
ATOM   49  O  OG  . SER A 1 7  ? 10.238  5.328   13.360  1.00 7.45  ? 7   SER A OG  1 
ATOM   50  N  N   . SER A 1 8  ? 8.734   2.367   14.561  1.00 10.31 ? 8   SER A N   1 
ATOM   51  C  CA  . SER A 1 8  ? 7.318   2.063   14.691  1.00 12.53 ? 8   SER A CA  1 
ATOM   52  C  C   . SER A 1 8  ? 6.499   3.282   14.275  1.00 12.07 ? 8   SER A C   1 
ATOM   53  O  O   . SER A 1 8  ? 5.482   3.148   13.597  1.00 12.16 ? 8   SER A O   1 
ATOM   54  C  CB  . SER A 1 8  ? 6.975   1.654   16.128  1.00 15.57 ? 8   SER A CB  1 
ATOM   55  O  OG  . SER A 1 8  ? 7.140   2.730   17.033  1.00 22.12 ? 8   SER A OG  1 
ATOM   56  N  N   . GLU A 1 9  ? 6.941   4.473   14.663  1.00 11.44 ? 9   GLU A N   1 
ATOM   57  C  CA  . GLU A 1 9  ? 6.201   5.668   14.286  1.00 11.50 ? 9   GLU A CA  1 
ATOM   58  C  C   . GLU A 1 9  ? 6.239   5.908   12.783  1.00 9.90  ? 9   GLU A C   1 
ATOM   59  O  O   . GLU A 1 9  ? 5.228   6.297   12.196  1.00 10.89 ? 9   GLU A O   1 
ATOM   60  C  CB  . GLU A 1 9  ? 6.726   6.899   15.033  1.00 13.70 ? 9   GLU A CB  1 
ATOM   61  C  CG  . GLU A 1 9  ? 6.090   7.064   16.400  1.00 18.43 ? 9   GLU A CG  1 
ATOM   62  C  CD  . GLU A 1 9  ? 6.504   8.343   17.096  1.00 21.26 ? 9   GLU A CD  1 
ATOM   63  O  OE1 . GLU A 1 9  ? 5.962   8.620   18.189  1.00 22.68 ? 9   GLU A OE1 1 
ATOM   64  O  OE2 . GLU A 1 9  ? 7.370   9.067   16.551  1.00 22.22 ? 9   GLU A OE2 1 
ATOM   65  N  N   . ASN A 1 10 ? 7.394   5.686   12.160  1.00 8.69  ? 10  ASN A N   1 
ATOM   66  C  CA  . ASN A 1 10 ? 7.489   5.877   10.717  1.00 8.79  ? 10  ASN A CA  1 
ATOM   67  C  C   . ASN A 1 10 ? 6.735   4.785   9.968   1.00 9.79  ? 10  ASN A C   1 
ATOM   68  O  O   . ASN A 1 10 ? 6.280   5.004   8.846   1.00 8.86  ? 10  ASN A O   1 
ATOM   69  C  CB  . ASN A 1 10 ? 8.948   5.924   10.255  1.00 10.23 ? 10  ASN A CB  1 
ATOM   70  C  CG  . ASN A 1 10 ? 9.594   7.274   10.510  1.00 11.25 ? 10  ASN A CG  1 
ATOM   71  O  OD1 . ASN A 1 10 ? 8.926   8.313   10.480  1.00 13.57 ? 10  ASN A OD1 1 
ATOM   72  N  ND2 . ASN A 1 10 ? 10.902  7.270   10.744  1.00 10.46 ? 10  ASN A ND2 1 
ATOM   73  N  N   . LYS A 1 11 ? 6.609   3.608   10.577  1.00 9.49  ? 11  LYS A N   1 
ATOM   74  C  CA  . LYS A 1 11 ? 5.853   2.527   9.942   1.00 8.88  ? 11  LYS A CA  1 
ATOM   75  C  C   . LYS A 1 11 ? 4.382   2.924   9.949   1.00 9.51  ? 11  LYS A C   1 
ATOM   76  O  O   . LYS A 1 11 ? 3.658   2.702   8.974   1.00 8.34  ? 11  LYS A O   1 
ATOM   77  C  CB  . LYS A 1 11 ? 6.006   1.213   10.713  1.00 9.97  ? 11  LYS A CB  1 
ATOM   78  C  CG  . LYS A 1 11 ? 7.291   0.455   10.448  1.00 11.05 ? 11  LYS A CG  1 
ATOM   79  C  CD  . LYS A 1 11 ? 7.373   -0.772  11.347  1.00 13.32 ? 11  LYS A CD  1 
ATOM   80  C  CE  . LYS A 1 11 ? 8.668   -1.521  11.133  1.00 15.99 ? 11  LYS A CE  1 
ATOM   81  N  NZ  . LYS A 1 11 ? 8.862   -2.569  12.166  1.00 18.10 ? 11  LYS A NZ  1 
ATOM   82  N  N   . GLN A 1 12 ? 3.939   3.507   11.058  1.00 9.20  ? 12  GLN A N   1 
ATOM   83  C  CA  . GLN A 1 12 ? 2.548   3.926   11.182  1.00 10.61 ? 12  GLN A CA  1 
ATOM   84  C  C   . GLN A 1 12 ? 2.256   5.060   10.213  1.00 10.08 ? 12  GLN A C   1 
ATOM   85  O  O   . GLN A 1 12 ? 1.157   5.154   9.666   1.00 10.14 ? 12  GLN A O   1 
ATOM   86  C  CB  . GLN A 1 12 ? 2.249   4.360   12.616  1.00 12.44 ? 12  GLN A CB  1 
ATOM   87  C  CG  . GLN A 1 12 ? 2.332   3.225   13.619  1.00 18.12 ? 12  GLN A CG  1 
ATOM   88  C  CD  . GLN A 1 12 ? 2.034   3.675   15.033  1.00 21.18 ? 12  GLN A CD  1 
ATOM   89  O  OE1 . GLN A 1 12 ? 0.966   4.222   15.308  1.00 25.30 ? 12  GLN A OE1 1 
ATOM   90  N  NE2 . GLN A 1 12 ? 2.978   3.443   15.942  1.00 24.15 ? 12  GLN A NE2 1 
ATOM   91  N  N   . LYS A 1 13 ? 3.248   5.917   9.996   1.00 9.75  ? 13  LYS A N   1 
ATOM   92  C  CA  . LYS A 1 13 ? 3.085   7.031   9.070   1.00 9.23  ? 13  LYS A CA  1 
ATOM   93  C  C   . LYS A 1 13 ? 2.926   6.506   7.648   1.00 8.53  ? 13  LYS A C   1 
ATOM   94  O  O   . LYS A 1 13 ? 2.091   6.995   6.889   1.00 9.57  ? 13  LYS A O   1 
ATOM   95  C  CB  . LYS A 1 13 ? 4.293   7.966   9.139   1.00 10.05 ? 13  LYS A CB  1 
ATOM   96  C  CG  . LYS A 1 13 ? 4.352   8.799   10.403  1.00 14.33 ? 13  LYS A CG  1 
ATOM   97  C  CD  . LYS A 1 13 ? 5.507   9.788   10.336  1.00 16.68 ? 13  LYS A CD  1 
ATOM   98  C  CE  . LYS A 1 13 ? 5.547   10.685  11.565  1.00 20.46 ? 13  LYS A CE  1 
ATOM   99  N  NZ  . LYS A 1 13 ? 5.807   9.927   12.826  1.00 22.86 ? 13  LYS A NZ  1 
ATOM   100 N  N   . LEU A 1 14 ? 3.737   5.511   7.291   1.00 7.47  ? 14  LEU A N   1 
ATOM   101 C  CA  . LEU A 1 14 ? 3.677   4.921   5.959   1.00 7.68  ? 14  LEU A CA  1 
ATOM   102 C  C   . LEU A 1 14 ? 2.371   4.146   5.784   1.00 7.54  ? 14  LEU A C   1 
ATOM   103 O  O   . LEU A 1 14 ? 1.776   4.147   4.709   1.00 7.18  ? 14  LEU A O   1 
ATOM   104 C  CB  . LEU A 1 14 ? 4.871   3.991   5.738   1.00 7.08  ? 14  LEU A CB  1 
ATOM   105 C  CG  . LEU A 1 14 ? 4.893   3.221   4.414   1.00 7.73  ? 14  LEU A CG  1 
ATOM   106 C  CD1 . LEU A 1 14 ? 4.708   4.185   3.242   1.00 10.84 ? 14  LEU A CD1 1 
ATOM   107 C  CD2 . LEU A 1 14 ? 6.205   2.472   4.290   1.00 10.01 ? 14  LEU A CD2 1 
ATOM   108 N  N   . GLN A 1 15 ? 1.936   3.488   6.854   1.00 6.43  ? 15  GLN A N   1 
ATOM   109 C  CA  . GLN A 1 15 ? 0.688   2.735   6.841   1.00 7.57  ? 15  GLN A CA  1 
ATOM   110 C  C   . GLN A 1 15 ? -0.438  3.665   6.388   1.00 7.03  ? 15  GLN A C   1 
ATOM   111 O  O   . GLN A 1 15 ? -1.217  3.326   5.504   1.00 7.55  ? 15  GLN A O   1 
ATOM   112 C  CB  . GLN A 1 15 ? 0.378   2.204   8.251   1.00 7.81  ? 15  GLN A CB  1 
ATOM   113 C  CG  . GLN A 1 15 ? -0.859  1.307   8.346   1.00 9.97  ? 15  GLN A CG  1 
ATOM   114 C  CD  . GLN A 1 15 ? -1.381  1.183   9.770   1.00 10.46 ? 15  GLN A CD  1 
ATOM   115 O  OE1 . GLN A 1 15 ? -0.618  0.916   10.705  1.00 10.69 ? 15  GLN A OE1 1 
ATOM   116 N  NE2 . GLN A 1 15 ? -2.690  1.374   9.941   1.00 10.39 ? 15  GLN A NE2 1 
ATOM   117 N  N   . LYS A 1 16 ? -0.512  4.845   6.997   1.00 7.63  ? 16  LYS A N   1 
ATOM   118 C  CA  . LYS A 1 16 ? -1.556  5.801   6.654   1.00 8.89  ? 16  LYS A CA  1 
ATOM   119 C  C   . LYS A 1 16 ? -1.436  6.341   5.233   1.00 8.32  ? 16  LYS A C   1 
ATOM   120 O  O   . LYS A 1 16 ? -2.440  6.684   4.620   1.00 8.68  ? 16  LYS A O   1 
ATOM   121 C  CB  . LYS A 1 16 ? -1.559  6.942   7.663   1.00 11.23 ? 16  LYS A CB  1 
ATOM   122 C  CG  . LYS A 1 16 ? -1.932  6.482   9.064   1.00 15.82 ? 16  LYS A CG  1 
ATOM   123 C  CD  . LYS A 1 16 ? -1.686  7.567   10.087  1.00 19.67 ? 16  LYS A CD  1 
ATOM   124 C  CE  . LYS A 1 16 ? -1.991  7.077   11.490  1.00 21.69 ? 16  LYS A CE  1 
ATOM   125 N  NZ  . LYS A 1 16 ? -1.784  8.150   12.497  1.00 24.87 ? 16  LYS A NZ  1 
ATOM   126 N  N   . GLN A 1 17 ? -0.215  6.404   4.708   1.00 8.00  ? 17  GLN A N   1 
ATOM   127 C  CA  . GLN A 1 17 ? -0.019  6.885   3.341   1.00 7.80  ? 17  GLN A CA  1 
ATOM   128 C  C   . GLN A 1 17 ? -0.546  5.839   2.359   1.00 7.69  ? 17  GLN A C   1 
ATOM   129 O  O   . GLN A 1 17 ? -1.121  6.189   1.330   1.00 8.29  ? 17  GLN A O   1 
ATOM   130 C  CB  . GLN A 1 17 ? 1.463   7.170   3.073   1.00 9.57  ? 17  GLN A CB  1 
ATOM   131 C  CG  . GLN A 1 17 ? 2.041   8.291   3.931   1.00 12.55 ? 17  GLN A CG  1 
ATOM   132 C  CD  . GLN A 1 17 ? 1.574   9.675   3.495   1.00 14.54 ? 17  GLN A CD  1 
ATOM   133 O  OE1 . GLN A 1 17 ? 0.380   9.925   3.339   1.00 16.95 ? 17  GLN A OE1 1 
ATOM   134 N  NE2 . GLN A 1 17 ? 2.526   10.583  3.303   1.00 16.33 ? 17  GLN A NE2 1 
ATOM   135 N  N   . VAL A 1 18 ? -0.341  4.558   2.666   1.00 7.40  ? 18  VAL A N   1 
ATOM   136 C  CA  . VAL A 1 18 ? -0.845  3.496   1.797   1.00 7.03  ? 18  VAL A CA  1 
ATOM   137 C  C   . VAL A 1 18 ? -2.369  3.494   1.904   1.00 7.89  ? 18  VAL A C   1 
ATOM   138 O  O   . VAL A 1 18 ? -3.067  3.365   0.901   1.00 8.52  ? 18  VAL A O   1 
ATOM   139 C  CB  . VAL A 1 18 ? -0.286  2.098   2.195   1.00 6.29  ? 18  VAL A CB  1 
ATOM   140 C  CG1 . VAL A 1 18 ? -0.922  1.012   1.323   1.00 6.75  ? 18  VAL A CG1 1 
ATOM   141 C  CG2 . VAL A 1 18 ? 1.227   2.071   2.024   1.00 8.94  ? 18  VAL A CG2 1 
ATOM   142 N  N   . GLU A 1 19 ? -2.889  3.655   3.119   1.00 7.86  ? 19  GLU A N   1 
ATOM   143 C  CA  . GLU A 1 19 ? -4.333  3.693   3.302   1.00 7.15  ? 19  GLU A CA  1 
ATOM   144 C  C   . GLU A 1 19 ? -4.898  4.901   2.547   1.00 8.30  ? 19  GLU A C   1 
ATOM   145 O  O   . GLU A 1 19 ? -6.024  4.866   2.057   1.00 9.03  ? 19  GLU A O   1 
ATOM   146 C  CB  . GLU A 1 19 ? -4.683  3.775   4.793   1.00 8.43  ? 19  GLU A CB  1 
ATOM   147 C  CG  . GLU A 1 19 ? -4.191  2.572   5.568   1.00 9.61  ? 19  GLU A CG  1 
ATOM   148 C  CD  . GLU A 1 19 ? -4.483  2.648   7.053   1.00 9.26  ? 19  GLU A CD  1 
ATOM   149 O  OE1 . GLU A 1 19 ? -4.590  3.769   7.596   1.00 11.60 ? 19  GLU A OE1 1 
ATOM   150 O  OE2 . GLU A 1 19 ? -4.594  1.578   7.686   1.00 10.70 ? 19  GLU A OE2 1 
ATOM   151 N  N   . PHE A 1 20 ? -4.106  5.964   2.450   1.00 8.18  ? 20  PHE A N   1 
ATOM   152 C  CA  . PHE A 1 20 ? -4.530  7.176   1.742   1.00 7.88  ? 20  PHE A CA  1 
ATOM   153 C  C   . PHE A 1 20 ? -4.813  6.881   0.277   1.00 8.66  ? 20  PHE A C   1 
ATOM   154 O  O   . PHE A 1 20 ? -5.859  7.249   -0.256  1.00 8.21  ? 20  PHE A O   1 
ATOM   155 C  CB  . PHE A 1 20 ? -3.435  8.245   1.834   1.00 8.58  ? 20  PHE A CB  1 
ATOM   156 C  CG  . PHE A 1 20 ? -3.712  9.491   1.025   1.00 10.11 ? 20  PHE A CG  1 
ATOM   157 C  CD1 . PHE A 1 20 ? -4.536  10.497  1.521   1.00 11.63 ? 20  PHE A CD1 1 
ATOM   158 C  CD2 . PHE A 1 20 ? -3.111  9.671   -0.219  1.00 10.97 ? 20  PHE A CD2 1 
ATOM   159 C  CE1 . PHE A 1 20 ? -4.755  11.669  0.790   1.00 11.26 ? 20  PHE A CE1 1 
ATOM   160 C  CE2 . PHE A 1 20 ? -3.322  10.840  -0.959  1.00 12.90 ? 20  PHE A CE2 1 
ATOM   161 C  CZ  . PHE A 1 20 ? -4.149  11.842  -0.448  1.00 12.52 ? 20  PHE A CZ  1 
ATOM   162 N  N   . TYR A 1 21 ? -3.875  6.217   -0.383  1.00 7.06  ? 21  TYR A N   1 
ATOM   163 C  CA  . TYR A 1 21 ? -4.056  5.906   -1.791  1.00 7.49  ? 21  TYR A CA  1 
ATOM   164 C  C   . TYR A 1 21 ? -5.247  4.992   -2.043  1.00 8.13  ? 21  TYR A C   1 
ATOM   165 O  O   . TYR A 1 21 ? -5.894  5.083   -3.087  1.00 9.51  ? 21  TYR A O   1 
ATOM   166 C  CB  . TYR A 1 21 ? -2.778  5.281   -2.361  1.00 7.50  ? 21  TYR A CB  1 
ATOM   167 C  CG  . TYR A 1 21 ? -1.654  6.280   -2.551  1.00 8.94  ? 21  TYR A CG  1 
ATOM   168 C  CD1 . TYR A 1 21 ? -0.468  6.176   -1.831  1.00 9.05  ? 21  TYR A CD1 1 
ATOM   169 C  CD2 . TYR A 1 21 ? -1.782  7.334   -3.454  1.00 10.05 ? 21  TYR A CD2 1 
ATOM   170 C  CE1 . TYR A 1 21 ? 0.567   7.099   -2.008  1.00 10.95 ? 21  TYR A CE1 1 
ATOM   171 C  CE2 . TYR A 1 21 ? -0.754  8.262   -3.635  1.00 10.82 ? 21  TYR A CE2 1 
ATOM   172 C  CZ  . TYR A 1 21 ? 0.416   8.136   -2.911  1.00 10.05 ? 21  TYR A CZ  1 
ATOM   173 O  OH  . TYR A 1 21 ? 1.438   9.042   -3.102  1.00 11.98 ? 21  TYR A OH  1 
ATOM   174 N  N   . PHE A 1 22 ? -5.546  4.123   -1.083  1.00 7.85  ? 22  PHE A N   1 
ATOM   175 C  CA  . PHE A 1 22 ? -6.665  3.192   -1.214  1.00 7.78  ? 22  PHE A CA  1 
ATOM   176 C  C   . PHE A 1 22 ? -7.967  3.663   -0.568  1.00 8.51  ? 22  PHE A C   1 
ATOM   177 O  O   . PHE A 1 22 ? -8.939  2.922   -0.539  1.00 7.80  ? 22  PHE A O   1 
ATOM   178 C  CB  . PHE A 1 22 ? -6.283  1.833   -0.625  1.00 7.10  ? 22  PHE A CB  1 
ATOM   179 C  CG  . PHE A 1 22 ? -5.362  1.024   -1.500  1.00 9.41  ? 22  PHE A CG  1 
ATOM   180 C  CD1 . PHE A 1 22 ? -5.855  0.344   -2.611  1.00 11.57 ? 22  PHE A CD1 1 
ATOM   181 C  CD2 . PHE A 1 22 ? -4.007  0.937   -1.213  1.00 9.56  ? 22  PHE A CD2 1 
ATOM   182 C  CE1 . PHE A 1 22 ? -5.009  -0.411  -3.419  1.00 10.19 ? 22  PHE A CE1 1 
ATOM   183 C  CE2 . PHE A 1 22 ? -3.153  0.184   -2.015  1.00 10.06 ? 22  PHE A CE2 1 
ATOM   184 C  CZ  . PHE A 1 22 ? -3.652  -0.491  -3.118  1.00 9.93  ? 22  PHE A CZ  1 
ATOM   185 N  N   . SER A 1 23 ? -7.994  4.887   -0.050  1.00 8.10  ? 23  SER A N   1 
ATOM   186 C  CA  . SER A 1 23 ? -9.208  5.383   0.596   1.00 8.14  ? 23  SER A CA  1 
ATOM   187 C  C   . SER A 1 23 ? -10.348 5.508   -0.404  1.00 9.54  ? 23  SER A C   1 
ATOM   188 O  O   . SER A 1 23 ? -10.114 5.660   -1.600  1.00 9.43  ? 23  SER A O   1 
ATOM   189 C  CB  . SER A 1 23 ? -8.958  6.747   1.246   1.00 9.62  ? 23  SER A CB  1 
ATOM   190 O  OG  . SER A 1 23 ? -8.945  7.787   0.284   1.00 10.05 ? 23  SER A OG  1 
ATOM   191 N  N   . ASP A 1 24 ? -11.579 5.440   0.093   1.00 7.48  ? 24  ASP A N   1 
ATOM   192 C  CA  . ASP A 1 24 ? -12.752 5.554   -0.767  1.00 7.32  ? 24  ASP A CA  1 
ATOM   193 C  C   . ASP A 1 24 ? -12.709 6.814   -1.626  1.00 7.70  ? 24  ASP A C   1 
ATOM   194 O  O   . ASP A 1 24 ? -12.981 6.773   -2.823  1.00 9.00  ? 24  ASP A O   1 
ATOM   195 C  CB  . ASP A 1 24 ? -14.038 5.586   0.069   1.00 8.83  ? 24  ASP A CB  1 
ATOM   196 C  CG  . ASP A 1 24 ? -14.415 4.228   0.623   1.00 13.19 ? 24  ASP A CG  1 
ATOM   197 O  OD1 . ASP A 1 24 ? -13.661 3.259   0.400   1.00 14.64 ? 24  ASP A OD1 1 
ATOM   198 O  OD2 . ASP A 1 24 ? -15.472 4.137   1.283   1.00 13.16 ? 24  ASP A OD2 1 
ATOM   199 N  N   . VAL A 1 25 ? -12.359 7.935   -1.008  1.00 7.81  ? 25  VAL A N   1 
ATOM   200 C  CA  . VAL A 1 25 ? -12.325 9.203   -1.721  1.00 8.58  ? 25  VAL A CA  1 
ATOM   201 C  C   . VAL A 1 25 ? -11.296 9.249   -2.834  1.00 9.66  ? 25  VAL A C   1 
ATOM   202 O  O   . VAL A 1 25 ? -11.604 9.646   -3.958  1.00 11.66 ? 25  VAL A O   1 
ATOM   203 C  CB  . VAL A 1 25 ? -12.051 10.380  -0.759  1.00 9.31  ? 25  VAL A CB  1 
ATOM   204 C  CG1 . VAL A 1 25 ? -11.872 11.666  -1.550  1.00 11.07 ? 25  VAL A CG1 1 
ATOM   205 C  CG2 . VAL A 1 25 ? -13.208 10.540  0.207   1.00 10.29 ? 25  VAL A CG2 1 
ATOM   206 N  N   . ASN A 1 26 ? -10.078 8.829   -2.521  1.00 9.57  ? 26  ASN A N   1 
ATOM   207 C  CA  . ASN A 1 26 ? -8.986  8.869   -3.479  1.00 10.54 ? 26  ASN A CA  1 
ATOM   208 C  C   . ASN A 1 26 ? -9.011  7.814   -4.569  1.00 10.18 ? 26  ASN A C   1 
ATOM   209 O  O   . ASN A 1 26 ? -8.804  8.127   -5.743  1.00 10.14 ? 26  ASN A O   1 
ATOM   210 C  CB  . ASN A 1 26 ? -7.650  8.789   -2.738  1.00 12.41 ? 26  ASN A CB  1 
ATOM   211 C  CG  . ASN A 1 26 ? -7.434  9.962   -1.799  1.00 16.54 ? 26  ASN A CG  1 
ATOM   212 O  OD1 . ASN A 1 26 ? -7.545  11.116  -2.201  1.00 18.08 ? 26  ASN A OD1 1 
ATOM   213 N  ND2 . ASN A 1 26 ? -7.119  9.670   -0.545  1.00 17.87 ? 26  ASN A ND2 1 
ATOM   214 N  N   . VAL A 1 27 ? -9.255  6.568   -4.185  1.00 10.17 ? 27  VAL A N   1 
ATOM   215 C  CA  . VAL A 1 27 ? -9.265  5.480   -5.151  1.00 10.54 ? 27  VAL A CA  1 
ATOM   216 C  C   . VAL A 1 27 ? -10.240 5.726   -6.289  1.00 9.56  ? 27  VAL A C   1 
ATOM   217 O  O   . VAL A 1 27 ? -9.960  5.385   -7.433  1.00 9.92  ? 27  VAL A O   1 
ATOM   218 C  CB  . VAL A 1 27 ? -9.618  4.128   -4.488  1.00 12.46 ? 27  VAL A CB  1 
ATOM   219 C  CG1 . VAL A 1 27 ? -11.028 4.159   -3.935  1.00 13.70 ? 27  VAL A CG1 1 
ATOM   220 C  CG2 . VAL A 1 27 ? -9.465  3.010   -5.499  1.00 15.68 ? 27  VAL A CG2 1 
ATOM   221 N  N   . GLN A 1 28 ? -11.384 6.321   -5.974  1.00 9.43  ? 28  GLN A N   1 
ATOM   222 C  CA  . GLN A 1 28 ? -12.385 6.582   -6.993  1.00 9.21  ? 28  GLN A CA  1 
ATOM   223 C  C   . GLN A 1 28 ? -11.960 7.648   -8.009  1.00 8.30  ? 28  GLN A C   1 
ATOM   224 O  O   . GLN A 1 28 ? -12.599 7.822   -9.044  1.00 9.66  ? 28  GLN A O   1 
ATOM   225 C  CB  . GLN A 1 28 ? -13.719 6.931   -6.324  1.00 9.51  ? 28  GLN A CB  1 
ATOM   226 C  CG  . GLN A 1 28 ? -14.310 5.721   -5.582  1.00 10.47 ? 28  GLN A CG  1 
ATOM   227 C  CD  . GLN A 1 28 ? -15.594 6.024   -4.841  1.00 14.42 ? 28  GLN A CD  1 
ATOM   228 O  OE1 . GLN A 1 28 ? -15.582 6.652   -3.778  1.00 17.10 ? 28  GLN A OE1 1 
ATOM   229 N  NE2 . GLN A 1 28 ? -16.715 5.576   -5.396  1.00 14.18 ? 28  GLN A NE2 1 
ATOM   230 N  N   . ARG A 1 29 ? -10.857 8.335   -7.738  1.00 7.06  ? 29  ARG A N   1 
ATOM   231 C  CA  . ARG A 1 29 ? -10.376 9.359   -8.668  1.00 6.28  ? 29  ARG A CA  1 
ATOM   232 C  C   . ARG A 1 29 ? -9.110  8.917   -9.364  1.00 6.62  ? 29  ARG A C   1 
ATOM   233 O  O   . ARG A 1 29 ? -8.634  9.583   -10.280 1.00 8.58  ? 29  ARG A O   1 
ATOM   234 C  CB  . ARG A 1 29 ? -10.041 10.648  -7.927  1.00 9.25  ? 29  ARG A CB  1 
ATOM   235 C  CG  . ARG A 1 29 ? -11.093 11.095  -6.972  1.00 9.21  ? 29  ARG A CG  1 
ATOM   236 C  CD  . ARG A 1 29 ? -10.701 12.394  -6.326  1.00 10.37 ? 29  ARG A CD  1 
ATOM   237 N  NE  . ARG A 1 29 ? -11.749 12.818  -5.411  1.00 8.10  ? 29  ARG A NE  1 
ATOM   238 C  CZ  . ARG A 1 29 ? -11.863 14.042  -4.913  1.00 7.30  ? 29  ARG A CZ  1 
ATOM   239 N  NH1 . ARG A 1 29 ? -10.985 14.980  -5.243  1.00 8.29  ? 29  ARG A NH1 1 
ATOM   240 N  NH2 . ARG A 1 29 ? -12.865 14.322  -4.089  1.00 7.38  ? 29  ARG A NH2 1 
ATOM   241 N  N   . ASP A 1 30 ? -8.564  7.797   -8.910  1.00 5.97  ? 30  ASP A N   1 
ATOM   242 C  CA  . ASP A 1 30 ? -7.300  7.273   -9.414  1.00 5.42  ? 30  ASP A CA  1 
ATOM   243 C  C   . ASP A 1 30 ? -7.477  6.230   -10.515 1.00 5.16  ? 30  ASP A C   1 
ATOM   244 O  O   . ASP A 1 30 ? -7.591  5.034   -10.237 1.00 6.37  ? 30  ASP A O   1 
ATOM   245 C  CB  . ASP A 1 30 ? -6.540  6.661   -8.241  1.00 5.46  ? 30  ASP A CB  1 
ATOM   246 C  CG  . ASP A 1 30 ? -5.045  6.673   -8.433  1.00 2.68  ? 30  ASP A CG  1 
ATOM   247 O  OD1 . ASP A 1 30 ? -4.582  6.595   -9.593  1.00 4.18  ? 30  ASP A OD1 1 
ATOM   248 O  OD2 . ASP A 1 30 ? -4.329  6.749   -7.411  1.00 6.20  ? 30  ASP A OD2 1 
ATOM   249 N  N   . ILE A 1 31 ? -7.486  6.690   -11.760 1.00 4.90  ? 31  ILE A N   1 
ATOM   250 C  CA  . ILE A 1 31 ? -7.659  5.818   -12.912 1.00 5.24  ? 31  ILE A CA  1 
ATOM   251 C  C   . ILE A 1 31 ? -6.538  4.788   -12.997 1.00 4.78  ? 31  ILE A C   1 
ATOM   252 O  O   . ILE A 1 31 ? -6.768  3.623   -13.335 1.00 6.37  ? 31  ILE A O   1 
ATOM   253 C  CB  . ILE A 1 31 ? -7.682  6.618   -14.227 1.00 7.29  ? 31  ILE A CB  1 
ATOM   254 C  CG1 . ILE A 1 31 ? -8.835  7.624   -14.219 1.00 12.70 ? 31  ILE A CG1 1 
ATOM   255 C  CG2 . ILE A 1 31 ? -7.790  5.680   -15.420 1.00 8.84  ? 31  ILE A CG2 1 
ATOM   256 C  CD1 . ILE A 1 31 ? -8.791  8.613   -15.363 1.00 14.74 ? 31  ILE A CD1 1 
ATOM   257 N  N   . PHE A 1 32 ? -5.318  5.217   -12.702 1.00 5.77  ? 32  PHE A N   1 
ATOM   258 C  CA  . PHE A 1 32 ? -4.202  4.294   -12.765 1.00 4.29  ? 32  PHE A CA  1 
ATOM   259 C  C   . PHE A 1 32 ? -4.344  3.212   -11.710 1.00 4.59  ? 32  PHE A C   1 
ATOM   260 O  O   . PHE A 1 32 ? -4.228  2.027   -12.018 1.00 5.55  ? 32  PHE A O   1 
ATOM   261 C  CB  . PHE A 1 32 ? -2.878  5.027   -12.561 1.00 5.97  ? 32  PHE A CB  1 
ATOM   262 C  CG  . PHE A 1 32 ? -1.677  4.132   -12.636 1.00 4.31  ? 32  PHE A CG  1 
ATOM   263 C  CD1 . PHE A 1 32 ? -1.135  3.770   -13.864 1.00 5.32  ? 32  PHE A CD1 1 
ATOM   264 C  CD2 . PHE A 1 32 ? -1.099  3.641   -11.472 1.00 4.83  ? 32  PHE A CD2 1 
ATOM   265 C  CE1 . PHE A 1 32 ? -0.030  2.928   -13.934 1.00 6.88  ? 32  PHE A CE1 1 
ATOM   266 C  CE2 . PHE A 1 32 ? 0.009   2.793   -11.524 1.00 4.65  ? 32  PHE A CE2 1 
ATOM   267 C  CZ  . PHE A 1 32 ? 0.544   2.438   -12.758 1.00 6.56  ? 32  PHE A CZ  1 
ATOM   268 N  N   . LEU A 1 33 ? -4.588  3.611   -10.466 1.00 4.13  ? 33  LEU A N   1 
ATOM   269 C  CA  . LEU A 1 33 ? -4.712  2.626   -9.399  1.00 3.83  ? 33  LEU A CA  1 
ATOM   270 C  C   . LEU A 1 33 ? -5.899  1.693   -9.640  1.00 4.60  ? 33  LEU A C   1 
ATOM   271 O  O   . LEU A 1 33 ? -5.785  0.478   -9.444  1.00 4.38  ? 33  LEU A O   1 
ATOM   272 C  CB  . LEU A 1 33 ? -4.836  3.319   -8.042  1.00 4.69  ? 33  LEU A CB  1 
ATOM   273 C  CG  . LEU A 1 33 ? -4.813  2.389   -6.825  1.00 6.28  ? 33  LEU A CG  1 
ATOM   274 C  CD1 . LEU A 1 33 ? -3.534  1.551   -6.842  1.00 6.62  ? 33  LEU A CD1 1 
ATOM   275 C  CD2 . LEU A 1 33 ? -4.902  3.213   -5.542  1.00 6.79  ? 33  LEU A CD2 1 
ATOM   276 N  N   . LYS A 1 34 ? -7.036  2.242   -10.060 1.00 5.31  ? 34  LYS A N   1 
ATOM   277 C  CA  . LYS A 1 34 ? -8.189  1.386   -10.332 1.00 5.36  ? 34  LYS A CA  1 
ATOM   278 C  C   . LYS A 1 34 ? -7.854  0.407   -11.448 1.00 5.73  ? 34  LYS A C   1 
ATOM   279 O  O   . LYS A 1 34 ? -8.365  -0.718  -11.474 1.00 6.17  ? 34  LYS A O   1 
ATOM   280 C  CB  . LYS A 1 34 ? -9.406  2.217   -10.732 1.00 5.94  ? 34  LYS A CB  1 
ATOM   281 C  CG  . LYS A 1 34 ? -10.129 2.817   -9.547  1.00 6.84  ? 34  LYS A CG  1 
ATOM   282 C  CD  . LYS A 1 34 ? -11.418 3.504   -9.960  1.00 8.50  ? 34  LYS A CD  1 
ATOM   283 C  CE  . LYS A 1 34 ? -11.155 4.756   -10.783 1.00 8.73  ? 34  LYS A CE  1 
ATOM   284 N  NZ  . LYS A 1 34 ? -12.449 5.422   -11.145 1.00 10.35 ? 34  LYS A NZ  1 
ATOM   285 N  N   . GLY A 1 35 ? -6.996  0.835   -12.370 1.00 4.24  ? 35  GLY A N   1 
ATOM   286 C  CA  . GLY A 1 35 ? -6.607  -0.036  -13.464 1.00 6.32  ? 35  GLY A CA  1 
ATOM   287 C  C   . GLY A 1 35 ? -5.831  -1.235  -12.954 1.00 5.41  ? 35  GLY A C   1 
ATOM   288 O  O   . GLY A 1 35 ? -6.016  -2.357  -13.429 1.00 5.10  ? 35  GLY A O   1 
ATOM   289 N  N   . LYS A 1 36 ? -4.944  -1.001  -11.996 1.00 5.31  ? 36  LYS A N   1 
ATOM   290 C  CA  . LYS A 1 36 ? -4.147  -2.087  -11.432 1.00 3.97  ? 36  LYS A CA  1 
ATOM   291 C  C   . LYS A 1 36 ? -5.056  -3.036  -10.656 1.00 4.79  ? 36  LYS A C   1 
ATOM   292 O  O   . LYS A 1 36 ? -4.933  -4.267  -10.743 1.00 4.36  ? 36  LYS A O   1 
ATOM   293 C  CB  . LYS A 1 36 ? -3.079  -1.527  -10.492 1.00 4.65  ? 36  LYS A CB  1 
ATOM   294 C  CG  . LYS A 1 36 ? -1.967  -0.768  -11.191 1.00 5.82  ? 36  LYS A CG  1 
ATOM   295 C  CD  . LYS A 1 36 ? -1.134  -1.689  -12.072 1.00 11.58 ? 36  LYS A CD  1 
ATOM   296 C  CE  . LYS A 1 36 ? -0.007  -0.922  -12.760 1.00 15.41 ? 36  LYS A CE  1 
ATOM   297 N  NZ  . LYS A 1 36 ? 0.739   -1.770  -13.735 1.00 19.61 ? 36  LYS A NZ  1 
HETATM 298 N  N   . MSE A 1 37 ? -5.965  -2.453  -9.886  1.00 4.65  ? 37  MSE A N   1 
HETATM 299 C  CA  . MSE A 1 37 ? -6.893  -3.245  -9.092  1.00 4.43  ? 37  MSE A CA  1 
HETATM 300 C  C   . MSE A 1 37 ? -7.781  -4.126  -9.958  1.00 4.01  ? 37  MSE A C   1 
HETATM 301 O  O   . MSE A 1 37 ? -8.186  -5.212  -9.528  1.00 6.27  ? 37  MSE A O   1 
HETATM 302 C  CB  . MSE A 1 37 ? -7.768  -2.328  -8.232  1.00 6.30  ? 37  MSE A CB  1 
HETATM 303 C  CG  . MSE A 1 37 ? -7.031  -1.650  -7.090  1.00 4.50  ? 37  MSE A CG  1 
HETATM 304 SE SE  . MSE A 1 37 ? -8.072  -0.192  -6.346  1.00 15.47 ? 37  MSE A SE  1 
HETATM 305 C  CE  . MSE A 1 37 ? -9.476  -1.194  -5.482  1.00 15.69 ? 37  MSE A CE  1 
ATOM   306 N  N   . ALA A 1 38 ? -8.085  -3.668  -11.168 1.00 4.91  ? 38  ALA A N   1 
ATOM   307 C  CA  . ALA A 1 38 ? -8.944  -4.418  -12.076 1.00 6.30  ? 38  ALA A CA  1 
ATOM   308 C  C   . ALA A 1 38 ? -8.222  -5.532  -12.826 1.00 7.04  ? 38  ALA A C   1 
ATOM   309 O  O   . ALA A 1 38 ? -8.846  -6.268  -13.600 1.00 9.15  ? 38  ALA A O   1 
ATOM   310 C  CB  . ALA A 1 38 ? -9.603  -3.467  -13.079 1.00 7.71  ? 38  ALA A CB  1 
ATOM   311 N  N   . GLU A 1 39 ? -6.915  -5.654  -12.615 1.00 7.27  ? 39  GLU A N   1 
ATOM   312 C  CA  . GLU A 1 39 ? -6.143  -6.698  -13.289 1.00 7.79  ? 39  GLU A CA  1 
ATOM   313 C  C   . GLU A 1 39 ? -6.476  -8.074  -12.734 1.00 7.96  ? 39  GLU A C   1 
ATOM   314 O  O   . GLU A 1 39 ? -6.214  -9.088  -13.380 1.00 9.58  ? 39  GLU A O   1 
ATOM   315 C  CB  . GLU A 1 39 ? -4.641  -6.437  -13.159 1.00 9.68  ? 39  GLU A CB  1 
ATOM   316 C  CG  . GLU A 1 39 ? -4.197  -5.117  -13.752 1.00 14.15 ? 39  GLU A CG  1 
ATOM   317 C  CD  . GLU A 1 39 ? -2.695  -4.972  -13.762 1.00 13.53 ? 39  GLU A CD  1 
ATOM   318 O  OE1 . GLU A 1 39 ? -2.057  -5.337  -12.754 1.00 19.92 ? 39  GLU A OE1 1 
ATOM   319 O  OE2 . GLU A 1 39 ? -2.156  -4.489  -14.774 1.00 20.76 ? 39  GLU A OE2 1 
ATOM   320 N  N   . ASN A 1 40 ? -7.030  -8.112  -11.526 1.00 7.88  ? 40  ASN A N   1 
ATOM   321 C  CA  . ASN A 1 40 ? -7.434  -9.371  -10.915 1.00 6.43  ? 40  ASN A CA  1 
ATOM   322 C  C   . ASN A 1 40 ? -8.724  -9.129  -10.128 1.00 6.79  ? 40  ASN A C   1 
ATOM   323 O  O   . ASN A 1 40 ? -9.023  -8.000  -9.729  1.00 8.43  ? 40  ASN A O   1 
ATOM   324 C  CB  . ASN A 1 40 ? -6.318  -9.916  -10.016 1.00 6.60  ? 40  ASN A CB  1 
ATOM   325 C  CG  . ASN A 1 40 ? -5.996  -8.999  -8.867  1.00 5.94  ? 40  ASN A CG  1 
ATOM   326 O  OD1 . ASN A 1 40 ? -6.708  -8.968  -7.867  1.00 6.12  ? 40  ASN A OD1 1 
ATOM   327 N  ND2 . ASN A 1 40 ? -4.920  -8.228  -9.008  1.00 6.13  ? 40  ASN A ND2 1 
ATOM   328 N  N   . ALA A 1 41 ? -9.489  -10.196 -9.921  1.00 7.07  ? 41  ALA A N   1 
ATOM   329 C  CA  . ALA A 1 41 ? -10.776 -10.115 -9.237  1.00 7.40  ? 41  ALA A CA  1 
ATOM   330 C  C   . ALA A 1 41 ? -10.725 -9.812  -7.756  1.00 7.87  ? 41  ALA A C   1 
ATOM   331 O  O   . ALA A 1 41 ? -11.760 -9.572  -7.142  1.00 9.79  ? 41  ALA A O   1 
ATOM   332 C  CB  . ALA A 1 41 ? -11.552 -11.412 -9.456  1.00 8.23  ? 41  ALA A CB  1 
ATOM   333 N  N   . GLU A 1 42 ? -9.531  -9.820  -7.177  1.00 7.91  ? 42  GLU A N   1 
ATOM   334 C  CA  . GLU A 1 42 ? -9.396  -9.574  -5.750  1.00 9.44  ? 42  GLU A CA  1 
ATOM   335 C  C   . GLU A 1 42 ? -8.983  -8.136  -5.463  1.00 8.26  ? 42  GLU A C   1 
ATOM   336 O  O   . GLU A 1 42 ? -8.986  -7.692  -4.311  1.00 9.24  ? 42  GLU A O   1 
ATOM   337 C  CB  . GLU A 1 42 ? -8.391  -10.575 -5.160  1.00 10.83 ? 42  GLU A CB  1 
ATOM   338 C  CG  . GLU A 1 42 ? -8.789  -12.044 -5.421  1.00 14.94 ? 42  GLU A CG  1 
ATOM   339 C  CD  . GLU A 1 42 ? -7.722  -13.057 -5.015  1.00 15.11 ? 42  GLU A CD  1 
ATOM   340 O  OE1 . GLU A 1 42 ? -7.403  -13.152 -3.809  1.00 19.87 ? 42  GLU A OE1 1 
ATOM   341 O  OE2 . GLU A 1 42 ? -7.210  -13.767 -5.905  1.00 14.25 ? 42  GLU A OE2 1 
ATOM   342 N  N   . GLY A 1 43 ? -8.661  -7.401  -6.525  1.00 5.01  ? 43  GLY A N   1 
ATOM   343 C  CA  . GLY A 1 43 ? -8.253  -6.015  -6.374  1.00 5.63  ? 43  GLY A CA  1 
ATOM   344 C  C   . GLY A 1 43 ? -6.855  -5.859  -5.807  1.00 5.55  ? 43  GLY A C   1 
ATOM   345 O  O   . GLY A 1 43 ? -6.512  -4.814  -5.250  1.00 5.26  ? 43  GLY A O   1 
ATOM   346 N  N   . PHE A 1 44 ? -6.052  -6.911  -5.921  1.00 4.33  ? 44  PHE A N   1 
ATOM   347 C  CA  . PHE A 1 44 ? -4.681  -6.872  -5.432  1.00 5.21  ? 44  PHE A CA  1 
ATOM   348 C  C   . PHE A 1 44 ? -3.790  -5.985  -6.301  1.00 6.02  ? 44  PHE A C   1 
ATOM   349 O  O   . PHE A 1 44 ? -3.876  -6.002  -7.540  1.00 6.08  ? 44  PHE A O   1 
ATOM   350 C  CB  . PHE A 1 44 ? -4.093  -8.290  -5.380  1.00 5.46  ? 44  PHE A CB  1 
ATOM   351 C  CG  . PHE A 1 44 ? -4.348  -9.014  -4.083  1.00 6.82  ? 44  PHE A CG  1 
ATOM   352 C  CD1 . PHE A 1 44 ? -5.054  -10.211 -4.063  1.00 7.81  ? 44  PHE A CD1 1 
ATOM   353 C  CD2 . PHE A 1 44 ? -3.864  -8.501  -2.885  1.00 7.15  ? 44  PHE A CD2 1 
ATOM   354 C  CE1 . PHE A 1 44 ? -5.274  -10.889 -2.859  1.00 8.55  ? 44  PHE A CE1 1 
ATOM   355 C  CE2 . PHE A 1 44 ? -4.078  -9.167  -1.681  1.00 7.54  ? 44  PHE A CE2 1 
ATOM   356 C  CZ  . PHE A 1 44 ? -4.789  -10.368 -1.672  1.00 8.40  ? 44  PHE A CZ  1 
ATOM   357 N  N   . VAL A 1 45 ? -2.936  -5.216  -5.632  1.00 5.24  ? 45  VAL A N   1 
ATOM   358 C  CA  . VAL A 1 45 ? -1.985  -4.316  -6.286  1.00 5.01  ? 45  VAL A CA  1 
ATOM   359 C  C   . VAL A 1 45 ? -0.603  -4.665  -5.733  1.00 4.61  ? 45  VAL A C   1 
ATOM   360 O  O   . VAL A 1 45 ? -0.435  -4.768  -4.520  1.00 5.12  ? 45  VAL A O   1 
ATOM   361 C  CB  . VAL A 1 45 ? -2.293  -2.837  -5.953  1.00 4.79  ? 45  VAL A CB  1 
ATOM   362 C  CG1 . VAL A 1 45 ? -1.216  -1.943  -6.560  1.00 6.49  ? 45  VAL A CG1 1 
ATOM   363 C  CG2 . VAL A 1 45 ? -3.667  -2.449  -6.497  1.00 4.34  ? 45  VAL A CG2 1 
ATOM   364 N  N   . SER A 1 46 ? 0.382   -4.858  -6.609  1.00 4.76  ? 46  SER A N   1 
ATOM   365 C  CA  . SER A 1 46 ? 1.719   -5.224  -6.145  1.00 5.05  ? 46  SER A CA  1 
ATOM   366 C  C   . SER A 1 46 ? 2.373   -4.118  -5.331  1.00 6.70  ? 46  SER A C   1 
ATOM   367 O  O   . SER A 1 46 ? 2.204   -2.934  -5.625  1.00 6.45  ? 46  SER A O   1 
ATOM   368 C  CB  . SER A 1 46 ? 2.622   -5.595  -7.325  1.00 7.20  ? 46  SER A CB  1 
ATOM   369 O  OG  . SER A 1 46 ? 2.984   -4.456  -8.105  1.00 6.42  ? 46  SER A OG  1 
ATOM   370 N  N   . LEU A 1 47 ? 3.115   -4.515  -4.301  1.00 7.02  ? 47  LEU A N   1 
ATOM   371 C  CA  . LEU A 1 47 ? 3.788   -3.542  -3.461  1.00 6.36  ? 47  LEU A CA  1 
ATOM   372 C  C   . LEU A 1 47 ? 4.866   -2.825  -4.280  1.00 6.26  ? 47  LEU A C   1 
ATOM   373 O  O   . LEU A 1 47 ? 5.210   -1.684  -3.980  1.00 5.82  ? 47  LEU A O   1 
ATOM   374 C  CB  . LEU A 1 47 ? 4.388   -4.219  -2.216  1.00 8.04  ? 47  LEU A CB  1 
ATOM   375 C  CG  . LEU A 1 47 ? 3.407   -4.914  -1.258  1.00 10.21 ? 47  LEU A CG  1 
ATOM   376 C  CD1 . LEU A 1 47 ? 4.144   -5.333  0.009   1.00 11.03 ? 47  LEU A CD1 1 
ATOM   377 C  CD2 . LEU A 1 47 ? 2.265   -3.981  -0.905  1.00 11.81 ? 47  LEU A CD2 1 
ATOM   378 N  N   . GLU A 1 48 ? 5.394   -3.467  -5.324  1.00 6.03  ? 48  GLU A N   1 
ATOM   379 C  CA  . GLU A 1 48 ? 6.394   -2.769  -6.121  1.00 7.11  ? 48  GLU A CA  1 
ATOM   380 C  C   . GLU A 1 48 ? 5.744   -1.584  -6.832  1.00 6.57  ? 48  GLU A C   1 
ATOM   381 O  O   . GLU A 1 48 ? 6.405   -0.590  -7.113  1.00 6.34  ? 48  GLU A O   1 
ATOM   382 C  CB  . GLU A 1 48 ? 7.089   -3.698  -7.134  1.00 9.49  ? 48  GLU A CB  1 
ATOM   383 C  CG  . GLU A 1 48 ? 6.189   -4.405  -8.123  1.00 10.31 ? 48  GLU A CG  1 
ATOM   384 C  CD  . GLU A 1 48 ? 6.981   -5.227  -9.135  1.00 11.79 ? 48  GLU A CD  1 
ATOM   385 O  OE1 . GLU A 1 48 ? 8.023   -5.807  -8.757  1.00 13.38 ? 48  GLU A OE1 1 
ATOM   386 O  OE2 . GLU A 1 48 ? 6.562   -5.301  -10.307 1.00 11.47 ? 48  GLU A OE2 1 
ATOM   387 N  N   . THR A 1 49 ? 4.448   -1.687  -7.120  1.00 7.42  ? 49  THR A N   1 
ATOM   388 C  CA  . THR A 1 49 ? 3.754   -0.588  -7.767  1.00 6.33  ? 49  THR A CA  1 
ATOM   389 C  C   . THR A 1 49 ? 3.630   0.540   -6.759  1.00 7.20  ? 49  THR A C   1 
ATOM   390 O  O   . THR A 1 49 ? 3.797   1.711   -7.104  1.00 8.54  ? 49  THR A O   1 
ATOM   391 C  CB  . THR A 1 49 ? 2.345   -0.979  -8.217  1.00 6.50  ? 49  THR A CB  1 
ATOM   392 O  OG1 . THR A 1 49 ? 2.445   -1.940  -9.270  1.00 6.73  ? 49  THR A OG1 1 
ATOM   393 C  CG2 . THR A 1 49 ? 1.598   0.247   -8.736  1.00 7.14  ? 49  THR A CG2 1 
ATOM   394 N  N   . LEU A 1 50 ? 3.328   0.182   -5.515  1.00 6.52  ? 50  LEU A N   1 
ATOM   395 C  CA  . LEU A 1 50 ? 3.184   1.192   -4.471  1.00 6.79  ? 50  LEU A CA  1 
ATOM   396 C  C   . LEU A 1 50 ? 4.482   1.971   -4.263  1.00 7.52  ? 50  LEU A C   1 
ATOM   397 O  O   . LEU A 1 50 ? 4.460   3.164   -3.962  1.00 7.31  ? 50  LEU A O   1 
ATOM   398 C  CB  . LEU A 1 50 ? 2.737   0.545   -3.161  1.00 8.76  ? 50  LEU A CB  1 
ATOM   399 C  CG  . LEU A 1 50 ? 1.339   -0.080  -3.205  1.00 12.54 ? 50  LEU A CG  1 
ATOM   400 C  CD1 . LEU A 1 50 ? 0.881   -0.359  -1.784  1.00 13.85 ? 50  LEU A CD1 1 
ATOM   401 C  CD2 . LEU A 1 50 ? 0.357   0.849   -3.900  1.00 14.60 ? 50  LEU A CD2 1 
ATOM   402 N  N   . LEU A 1 51 ? 5.610   1.297   -4.448  1.00 7.81  ? 51  LEU A N   1 
ATOM   403 C  CA  . LEU A 1 51 ? 6.906   1.938   -4.285  1.00 8.74  ? 51  LEU A CA  1 
ATOM   404 C  C   . LEU A 1 51 ? 7.133   3.077   -5.278  1.00 11.05 ? 51  LEU A C   1 
ATOM   405 O  O   . LEU A 1 51 ? 8.021   3.910   -5.078  1.00 11.41 ? 51  LEU A O   1 
ATOM   406 C  CB  . LEU A 1 51 ? 8.026   0.907   -4.425  1.00 9.85  ? 51  LEU A CB  1 
ATOM   407 C  CG  . LEU A 1 51 ? 8.239   -0.045  -3.249  1.00 9.15  ? 51  LEU A CG  1 
ATOM   408 C  CD1 . LEU A 1 51 ? 9.371   -1.001  -3.569  1.00 12.81 ? 51  LEU A CD1 1 
ATOM   409 C  CD2 . LEU A 1 51 ? 8.575   0.754   -2.002  1.00 9.40  ? 51  LEU A CD2 1 
ATOM   410 N  N   . THR A 1 52 ? 6.338   3.118   -6.345  1.00 10.11 ? 52  THR A N   1 
ATOM   411 C  CA  . THR A 1 52 ? 6.498   4.169   -7.347  1.00 10.02 ? 52  THR A CA  1 
ATOM   412 C  C   . THR A 1 52 ? 5.692   5.426   -7.030  1.00 10.15 ? 52  THR A C   1 
ATOM   413 O  O   . THR A 1 52 ? 5.876   6.464   -7.667  1.00 10.69 ? 52  THR A O   1 
ATOM   414 C  CB  . THR A 1 52 ? 6.105   3.675   -8.756  1.00 9.94  ? 52  THR A CB  1 
ATOM   415 O  OG1 . THR A 1 52 ? 4.682   3.510   -8.837  1.00 9.46  ? 52  THR A OG1 1 
ATOM   416 C  CG2 . THR A 1 52 ? 6.798   2.348   -9.064  1.00 10.51 ? 52  THR A CG2 1 
ATOM   417 N  N   . PHE A 1 53 ? 4.803   5.335   -6.046  1.00 8.43  ? 53  PHE A N   1 
ATOM   418 C  CA  . PHE A 1 53 ? 3.981   6.477   -5.654  1.00 8.61  ? 53  PHE A CA  1 
ATOM   419 C  C   . PHE A 1 53 ? 4.781   7.384   -4.727  1.00 9.51  ? 53  PHE A C   1 
ATOM   420 O  O   . PHE A 1 53 ? 5.457   6.912   -3.820  1.00 8.60  ? 53  PHE A O   1 
ATOM   421 C  CB  . PHE A 1 53 ? 2.709   5.994   -4.954  1.00 8.77  ? 53  PHE A CB  1 
ATOM   422 C  CG  . PHE A 1 53 ? 1.820   5.152   -5.828  1.00 9.07  ? 53  PHE A CG  1 
ATOM   423 C  CD1 . PHE A 1 53 ? 0.741   4.468   -5.281  1.00 7.71  ? 53  PHE A CD1 1 
ATOM   424 C  CD2 . PHE A 1 53 ? 2.055   5.045   -7.198  1.00 10.13 ? 53  PHE A CD2 1 
ATOM   425 C  CE1 . PHE A 1 53 ? -0.091  3.690   -6.086  1.00 10.41 ? 53  PHE A CE1 1 
ATOM   426 C  CE2 . PHE A 1 53 ? 1.232   4.272   -8.007  1.00 11.63 ? 53  PHE A CE2 1 
ATOM   427 C  CZ  . PHE A 1 53 ? 0.156   3.591   -7.449  1.00 10.87 ? 53  PHE A CZ  1 
ATOM   428 N  N   . LYS A 1 54 ? 4.689   8.688   -4.974  1.00 10.44 ? 54  LYS A N   1 
ATOM   429 C  CA  . LYS A 1 54 ? 5.414   9.706   -4.214  1.00 10.09 ? 54  LYS A CA  1 
ATOM   430 C  C   . LYS A 1 54 ? 5.416   9.599   -2.695  1.00 9.38  ? 54  LYS A C   1 
ATOM   431 O  O   . LYS A 1 54 ? 6.474   9.701   -2.068  1.00 9.90  ? 54  LYS A O   1 
ATOM   432 C  CB  . LYS A 1 54 ? 4.900   11.101  -4.582  1.00 11.37 ? 54  LYS A CB  1 
ATOM   433 C  CG  . LYS A 1 54 ? 5.549   12.210  -3.759  1.00 16.14 ? 54  LYS A CG  1 
ATOM   434 C  CD  . LYS A 1 54 ? 4.780   13.521  -3.824  1.00 19.40 ? 54  LYS A CD  1 
ATOM   435 C  CE  . LYS A 1 54 ? 5.432   14.549  -2.907  1.00 22.30 ? 54  LYS A CE  1 
ATOM   436 N  NZ  . LYS A 1 54 ? 4.697   15.837  -2.844  1.00 25.71 ? 54  LYS A NZ  1 
ATOM   437 N  N   . ARG A 1 55 ? 4.242   9.420   -2.102  1.00 8.38  ? 55  ARG A N   1 
ATOM   438 C  CA  . ARG A 1 55 ? 4.155   9.356   -0.648  1.00 9.61  ? 55  ARG A CA  1 
ATOM   439 C  C   . ARG A 1 55 ? 4.795   8.108   -0.053  1.00 8.65  ? 55  ARG A C   1 
ATOM   440 O  O   . ARG A 1 55 ? 5.089   8.060   1.142   1.00 9.54  ? 55  ARG A O   1 
ATOM   441 C  CB  . ARG A 1 55 ? 2.696   9.492   -0.203  1.00 10.33 ? 55  ARG A CB  1 
ATOM   442 C  CG  . ARG A 1 55 ? 2.074   10.812  -0.645  1.00 12.52 ? 55  ARG A CG  1 
ATOM   443 C  CD  . ARG A 1 55 ? 0.733   11.049  -0.001  1.00 15.11 ? 55  ARG A CD  1 
ATOM   444 N  NE  . ARG A 1 55 ? 0.178   12.343  -0.381  1.00 15.97 ? 55  ARG A NE  1 
ATOM   445 C  CZ  . ARG A 1 55 ? -0.797  12.959  0.279   1.00 17.55 ? 55  ARG A CZ  1 
ATOM   446 N  NH1 . ARG A 1 55 ? -1.324  12.396  1.361   1.00 18.67 ? 55  ARG A NH1 1 
ATOM   447 N  NH2 . ARG A 1 55 ? -1.239  14.139  -0.139  1.00 18.76 ? 55  ARG A NH2 1 
ATOM   448 N  N   . VAL A 1 56 ? 5.016   7.097   -0.885  1.00 8.04  ? 56  VAL A N   1 
ATOM   449 C  CA  . VAL A 1 56 ? 5.659   5.877   -0.413  1.00 9.15  ? 56  VAL A CA  1 
ATOM   450 C  C   . VAL A 1 56 ? 7.156   5.968   -0.704  1.00 9.53  ? 56  VAL A C   1 
ATOM   451 O  O   . VAL A 1 56 ? 7.989   5.671   0.155   1.00 10.21 ? 56  VAL A O   1 
ATOM   452 C  CB  . VAL A 1 56 ? 5.080   4.634   -1.116  1.00 8.18  ? 56  VAL A CB  1 
ATOM   453 C  CG1 . VAL A 1 56 ? 5.914   3.405   -0.781  1.00 8.08  ? 56  VAL A CG1 1 
ATOM   454 C  CG2 . VAL A 1 56 ? 3.638   4.421   -0.676  1.00 7.63  ? 56  VAL A CG2 1 
ATOM   455 N  N   . ASN A 1 57 ? 7.473   6.393   -1.924  1.00 10.93 ? 57  ASN A N   1 
ATOM   456 C  CA  . ASN A 1 57 ? 8.844   6.546   -2.411  1.00 11.84 ? 57  ASN A CA  1 
ATOM   457 C  C   . ASN A 1 57 ? 9.702   7.471   -1.554  1.00 11.31 ? 57  ASN A C   1 
ATOM   458 O  O   . ASN A 1 57 ? 10.915  7.304   -1.472  1.00 11.21 ? 57  ASN A O   1 
ATOM   459 C  CB  . ASN A 1 57 ? 8.808   7.074   -3.852  1.00 15.27 ? 57  ASN A CB  1 
ATOM   460 C  CG  . ASN A 1 57 ? 10.053  7.839   -4.225  1.00 19.91 ? 57  ASN A CG  1 
ATOM   461 O  OD1 . ASN A 1 57 ? 11.137  7.267   -4.333  1.00 23.98 ? 57  ASN A OD1 1 
ATOM   462 N  ND2 . ASN A 1 57 ? 9.910   9.144   -4.422  1.00 22.79 ? 57  ASN A ND2 1 
ATOM   463 N  N   . SER A 1 58 ? 9.081   8.460   -0.924  1.00 10.82 ? 58  SER A N   1 
ATOM   464 C  CA  . SER A 1 58 ? 9.849   9.370   -0.095  1.00 11.19 ? 58  SER A CA  1 
ATOM   465 C  C   . SER A 1 58 ? 10.245  8.733   1.235   1.00 10.59 ? 58  SER A C   1 
ATOM   466 O  O   . SER A 1 58 ? 11.161  9.203   1.906   1.00 9.25  ? 58  SER A O   1 
ATOM   467 C  CB  . SER A 1 58 ? 9.049   10.643  0.160   1.00 13.18 ? 58  SER A CB  1 
ATOM   468 O  OG  . SER A 1 58 ? 7.786   10.329  0.706   1.00 17.45 ? 58  SER A OG  1 
ATOM   469 N  N   . VAL A 1 59 ? 9.558   7.651   1.597   1.00 10.58 ? 59  VAL A N   1 
ATOM   470 C  CA  . VAL A 1 59 ? 9.797   6.951   2.857   1.00 11.36 ? 59  VAL A CA  1 
ATOM   471 C  C   . VAL A 1 59 ? 10.638  5.676   2.746   1.00 10.14 ? 59  VAL A C   1 
ATOM   472 O  O   . VAL A 1 59 ? 11.461  5.392   3.619   1.00 8.84  ? 59  VAL A O   1 
ATOM   473 C  CB  . VAL A 1 59 ? 8.446   6.580   3.525   1.00 13.19 ? 59  VAL A CB  1 
ATOM   474 C  CG1 . VAL A 1 59 ? 8.686   5.713   4.757   1.00 16.26 ? 59  VAL A CG1 1 
ATOM   475 C  CG2 . VAL A 1 59 ? 7.685   7.845   3.891   1.00 16.41 ? 59  VAL A CG2 1 
ATOM   476 N  N   . THR A 1 60 ? 10.436  4.915   1.677   1.00 9.73  ? 60  THR A N   1 
ATOM   477 C  CA  . THR A 1 60 ? 11.166  3.665   1.512   1.00 9.65  ? 60  THR A CA  1 
ATOM   478 C  C   . THR A 1 60 ? 11.269  3.243   0.049   1.00 10.56 ? 60  THR A C   1 
ATOM   479 O  O   . THR A 1 60 ? 10.530  3.725   -0.800  1.00 10.50 ? 60  THR A O   1 
ATOM   480 C  CB  . THR A 1 60 ? 10.459  2.541   2.299   1.00 10.14 ? 60  THR A CB  1 
ATOM   481 O  OG1 . THR A 1 60 ? 11.145  1.298   2.101   1.00 12.30 ? 60  THR A OG1 1 
ATOM   482 C  CG2 . THR A 1 60 ? 9.014   2.400   1.821   1.00 11.37 ? 60  THR A CG2 1 
ATOM   483 N  N   . THR A 1 61 ? 12.200  2.340   -0.233  1.00 12.75 ? 61  THR A N   1 
ATOM   484 C  CA  . THR A 1 61 ? 12.377  1.829   -1.587  1.00 13.17 ? 61  THR A CA  1 
ATOM   485 C  C   . THR A 1 61 ? 12.446  0.306   -1.490  1.00 13.52 ? 61  THR A C   1 
ATOM   486 O  O   . THR A 1 61 ? 12.863  -0.369  -2.430  1.00 14.47 ? 61  THR A O   1 
ATOM   487 C  CB  . THR A 1 61 ? 13.683  2.360   -2.240  1.00 13.29 ? 61  THR A CB  1 
ATOM   488 O  OG1 . THR A 1 61 ? 14.813  1.962   -1.457  1.00 15.09 ? 61  THR A OG1 1 
ATOM   489 C  CG2 . THR A 1 61 ? 13.650  3.875   -2.336  1.00 13.73 ? 61  THR A CG2 1 
ATOM   490 N  N   . ASP A 1 62 ? 12.014  -0.219  -0.344  1.00 13.41 ? 62  ASP A N   1 
ATOM   491 C  CA  . ASP A 1 62 ? 12.039  -1.655  -0.067  1.00 13.91 ? 62  ASP A CA  1 
ATOM   492 C  C   . ASP A 1 62 ? 10.654  -2.235  0.232   1.00 12.99 ? 62  ASP A C   1 
ATOM   493 O  O   . ASP A 1 62 ? 10.018  -1.874  1.224   1.00 12.39 ? 62  ASP A O   1 
ATOM   494 C  CB  . ASP A 1 62 ? 12.973  -1.917  1.119   1.00 16.02 ? 62  ASP A CB  1 
ATOM   495 C  CG  . ASP A 1 62 ? 13.103  -3.393  1.459   1.00 18.65 ? 62  ASP A CG  1 
ATOM   496 O  OD1 . ASP A 1 62 ? 12.497  -4.238  0.763   1.00 18.49 ? 62  ASP A OD1 1 
ATOM   497 O  OD2 . ASP A 1 62 ? 13.824  -3.699  2.432   1.00 22.07 ? 62  ASP A OD2 1 
ATOM   498 N  N   . VAL A 1 63 ? 10.200  -3.150  -0.620  1.00 13.67 ? 63  VAL A N   1 
ATOM   499 C  CA  . VAL A 1 63 ? 8.894   -3.779  -0.440  1.00 13.96 ? 63  VAL A CA  1 
ATOM   500 C  C   . VAL A 1 63 ? 8.759   -4.457  0.922   1.00 13.18 ? 63  VAL A C   1 
ATOM   501 O  O   . VAL A 1 63 ? 7.663   -4.547  1.468   1.00 13.56 ? 63  VAL A O   1 
ATOM   502 C  CB  . VAL A 1 63 ? 8.626   -4.843  -1.532  1.00 15.08 ? 63  VAL A CB  1 
ATOM   503 C  CG1 . VAL A 1 63 ? 8.488   -4.179  -2.889  1.00 17.03 ? 63  VAL A CG1 1 
ATOM   504 C  CG2 . VAL A 1 63 ? 9.753   -5.866  -1.545  1.00 18.24 ? 63  VAL A CG2 1 
ATOM   505 N  N   . LYS A 1 64 ? 9.870   -4.931  1.475   1.00 12.55 ? 64  LYS A N   1 
ATOM   506 C  CA  . LYS A 1 64 ? 9.824   -5.607  2.765   1.00 13.11 ? 64  LYS A CA  1 
ATOM   507 C  C   . LYS A 1 64 ? 9.473   -4.662  3.906   1.00 11.75 ? 64  LYS A C   1 
ATOM   508 O  O   . LYS A 1 64 ? 8.839   -5.065  4.883   1.00 11.87 ? 64  LYS A O   1 
ATOM   509 C  CB  . LYS A 1 64 ? 11.150  -6.326  3.020   1.00 15.39 ? 64  LYS A CB  1 
ATOM   510 C  CG  . LYS A 1 64 ? 11.406  -7.407  1.982   1.00 18.13 ? 64  LYS A CG  1 
ATOM   511 C  CD  . LYS A 1 64 ? 12.644  -8.227  2.276   1.00 20.57 ? 64  LYS A CD  1 
ATOM   512 C  CE  . LYS A 1 64 ? 12.842  -9.294  1.209   1.00 23.11 ? 64  LYS A CE  1 
ATOM   513 N  NZ  . LYS A 1 64 ? 11.659  -10.198 1.109   1.00 24.09 ? 64  LYS A NZ  1 
ATOM   514 N  N   . GLU A 1 65 ? 9.862   -3.399  3.780   1.00 10.03 ? 65  GLU A N   1 
ATOM   515 C  CA  . GLU A 1 65 ? 9.529   -2.426  4.812   1.00 9.68  ? 65  GLU A CA  1 
ATOM   516 C  C   . GLU A 1 65 ? 8.057   -2.040  4.646   1.00 8.80  ? 65  GLU A C   1 
ATOM   517 O  O   . GLU A 1 65 ? 7.357   -1.764  5.621   1.00 8.19  ? 65  GLU A O   1 
ATOM   518 C  CB  . GLU A 1 65 ? 10.426  -1.189  4.696   1.00 10.41 ? 65  GLU A CB  1 
ATOM   519 C  CG  . GLU A 1 65 ? 11.909  -1.485  4.900   1.00 11.92 ? 65  GLU A CG  1 
ATOM   520 C  CD  . GLU A 1 65 ? 12.760  -0.227  4.979   1.00 14.20 ? 65  GLU A CD  1 
ATOM   521 O  OE1 . GLU A 1 65 ? 12.530  0.694   4.172   1.00 14.68 ? 65  GLU A OE1 1 
ATOM   522 O  OE2 . GLU A 1 65 ? 13.666  -0.171  5.839   1.00 13.95 ? 65  GLU A OE2 1 
ATOM   523 N  N   . VAL A 1 66 ? 7.586   -2.039  3.404   1.00 8.18  ? 66  VAL A N   1 
ATOM   524 C  CA  . VAL A 1 66 ? 6.195   -1.703  3.145   1.00 7.79  ? 66  VAL A CA  1 
ATOM   525 C  C   . VAL A 1 66 ? 5.297   -2.780  3.750   1.00 8.58  ? 66  VAL A C   1 
ATOM   526 O  O   . VAL A 1 66 ? 4.228   -2.480  4.258   1.00 8.04  ? 66  VAL A O   1 
ATOM   527 C  CB  . VAL A 1 66 ? 5.916   -1.575  1.629   1.00 8.44  ? 66  VAL A CB  1 
ATOM   528 C  CG1 . VAL A 1 66 ? 4.451   -1.245  1.389   1.00 9.07  ? 66  VAL A CG1 1 
ATOM   529 C  CG2 . VAL A 1 66 ? 6.790   -0.482  1.040   1.00 8.92  ? 66  VAL A CG2 1 
ATOM   530 N  N   . VAL A 1 67 ? 5.744   -4.033  3.715   1.00 8.48  ? 67  VAL A N   1 
ATOM   531 C  CA  . VAL A 1 67 ? 4.955   -5.123  4.287   1.00 9.96  ? 67  VAL A CA  1 
ATOM   532 C  C   . VAL A 1 67 ? 4.770   -4.904  5.792   1.00 9.64  ? 67  VAL A C   1 
ATOM   533 O  O   . VAL A 1 67 ? 3.660   -5.035  6.320   1.00 9.82  ? 67  VAL A O   1 
ATOM   534 C  CB  . VAL A 1 67 ? 5.639   -6.501  4.063   1.00 10.39 ? 67  VAL A CB  1 
ATOM   535 C  CG1 . VAL A 1 67 ? 4.905   -7.583  4.836   1.00 13.07 ? 67  VAL A CG1 1 
ATOM   536 C  CG2 . VAL A 1 67 ? 5.649   -6.845  2.592   1.00 11.41 ? 67  VAL A CG2 1 
ATOM   537 N  N   . GLU A 1 68 ? 5.855   -4.557  6.480   1.00 10.73 ? 68  GLU A N   1 
ATOM   538 C  CA  . GLU A 1 68 ? 5.795   -4.329  7.922   1.00 11.13 ? 68  GLU A CA  1 
ATOM   539 C  C   . GLU A 1 68 ? 4.925   -3.123  8.263   1.00 11.04 ? 68  GLU A C   1 
ATOM   540 O  O   . GLU A 1 68 ? 4.184   -3.128  9.250   1.00 13.12 ? 68  GLU A O   1 
ATOM   541 C  CB  . GLU A 1 68 ? 7.205   -4.122  8.477   1.00 12.88 ? 68  GLU A CB  1 
ATOM   542 C  CG  . GLU A 1 68 ? 8.124   -5.289  8.203   1.00 13.65 ? 68  GLU A CG  1 
ATOM   543 C  CD  . GLU A 1 68 ? 7.529   -6.606  8.662   1.00 15.29 ? 68  GLU A CD  1 
ATOM   544 O  OE1 . GLU A 1 68 ? 7.476   -7.546  7.840   1.00 17.04 ? 68  GLU A OE1 1 
ATOM   545 O  OE2 . GLU A 1 68 ? 7.117   -6.700  9.840   1.00 17.20 ? 68  GLU A OE2 1 
ATOM   546 N  N   . ALA A 1 69 ? 5.019   -2.089  7.442   1.00 10.45 ? 69  ALA A N   1 
ATOM   547 C  CA  . ALA A 1 69 ? 4.237   -0.886  7.661   1.00 9.69  ? 69  ALA A CA  1 
ATOM   548 C  C   . ALA A 1 69 ? 2.745   -1.131  7.467   1.00 10.50 ? 69  ALA A C   1 
ATOM   549 O  O   . ALA A 1 69 ? 1.915   -0.592  8.196   1.00 9.90  ? 69  ALA A O   1 
ATOM   550 C  CB  . ALA A 1 69 ? 4.705   0.213   6.709   1.00 10.16 ? 69  ALA A CB  1 
ATOM   551 N  N   . ILE A 1 70 ? 2.410   -1.955  6.480   1.00 11.39 ? 70  ILE A N   1 
ATOM   552 C  CA  . ILE A 1 70 ? 1.021   -2.242  6.157   1.00 12.07 ? 70  ILE A CA  1 
ATOM   553 C  C   . ILE A 1 70 ? 0.301   -3.245  7.049   1.00 11.77 ? 70  ILE A C   1 
ATOM   554 O  O   . ILE A 1 70 ? -0.870  -3.057  7.359   1.00 12.47 ? 70  ILE A O   1 
ATOM   555 C  CB  . ILE A 1 70 ? 0.882   -2.843  4.745   1.00 11.56 ? 70  ILE A CB  1 
ATOM   556 C  CG1 . ILE A 1 70 ? 1.419   -1.867  3.696   1.00 14.39 ? 70  ILE A CG1 1 
ATOM   557 C  CG2 . ILE A 1 70 ? -0.568  -3.201  4.460   1.00 14.20 ? 70  ILE A CG2 1 
ATOM   558 C  CD1 . ILE A 1 70 ? 1.542   -2.466  2.312   1.00 12.49 ? 70  ILE A CD1 1 
ATOM   559 N  N   . ARG A 1 71 ? 0.997   -4.294  7.469   1.00 12.57 ? 71  ARG A N   1 
ATOM   560 C  CA  . ARG A 1 71 ? 0.373   -5.351  8.262   1.00 13.48 ? 71  ARG A CA  1 
ATOM   561 C  C   . ARG A 1 71 ? -0.669  -4.962  9.317   1.00 13.25 ? 71  ARG A C   1 
ATOM   562 O  O   . ARG A 1 71 ? -1.757  -5.530  9.346   1.00 14.56 ? 71  ARG A O   1 
ATOM   563 C  CB  . ARG A 1 71 ? 1.437   -6.248  8.916   1.00 15.24 ? 71  ARG A CB  1 
ATOM   564 C  CG  . ARG A 1 71 ? 0.817   -7.509  9.524   1.00 19.28 ? 71  ARG A CG  1 
ATOM   565 C  CD  . ARG A 1 71 ? 1.826   -8.442  10.182  1.00 21.20 ? 71  ARG A CD  1 
ATOM   566 N  NE  . ARG A 1 71 ? 2.796   -9.002  9.244   1.00 22.21 ? 71  ARG A NE  1 
ATOM   567 C  CZ  . ARG A 1 71 ? 4.013   -8.508  9.047   1.00 22.08 ? 71  ARG A CZ  1 
ATOM   568 N  NH1 . ARG A 1 71 ? 4.413   -7.440  9.724   1.00 24.34 ? 71  ARG A NH1 1 
ATOM   569 N  NH2 . ARG A 1 71 ? 4.837   -9.086  8.182   1.00 21.73 ? 71  ARG A NH2 1 
ATOM   570 N  N   . PRO A 1 72 ? -0.357  -3.998  10.198  1.00 13.52 ? 72  PRO A N   1 
ATOM   571 C  CA  . PRO A 1 72 ? -1.301  -3.576  11.244  1.00 13.01 ? 72  PRO A CA  1 
ATOM   572 C  C   . PRO A 1 72 ? -2.639  -3.011  10.773  1.00 12.93 ? 72  PRO A C   1 
ATOM   573 O  O   . PRO A 1 72 ? -3.597  -2.951  11.544  1.00 14.48 ? 72  PRO A O   1 
ATOM   574 C  CB  . PRO A 1 72 ? -0.509  -2.520  12.016  1.00 13.14 ? 72  PRO A CB  1 
ATOM   575 C  CG  . PRO A 1 72 ? 0.912   -2.933  11.803  1.00 12.62 ? 72  PRO A CG  1 
ATOM   576 C  CD  . PRO A 1 72 ? 0.925   -3.291  10.346  1.00 12.67 ? 72  PRO A CD  1 
ATOM   577 N  N   . SER A 1 73 ? -2.702  -2.590  9.516   1.00 11.71 ? 73  SER A N   1 
ATOM   578 C  CA  . SER A 1 73 ? -3.912  -1.986  8.976   1.00 11.09 ? 73  SER A CA  1 
ATOM   579 C  C   . SER A 1 73 ? -5.154  -2.866  9.012   1.00 11.93 ? 73  SER A C   1 
ATOM   580 O  O   . SER A 1 73 ? -5.081  -4.078  8.819   1.00 12.39 ? 73  SER A O   1 
ATOM   581 C  CB  . SER A 1 73 ? -3.671  -1.529  7.538   1.00 10.40 ? 73  SER A CB  1 
ATOM   582 O  OG  . SER A 1 73 ? -4.825  -0.894  7.032   1.00 10.85 ? 73  SER A OG  1 
ATOM   583 N  N   . GLU A 1 74 ? -6.296  -2.234  9.254   1.00 13.12 ? 74  GLU A N   1 
ATOM   584 C  CA  . GLU A 1 74 ? -7.570  -2.936  9.294   1.00 16.09 ? 74  GLU A CA  1 
ATOM   585 C  C   . GLU A 1 74 ? -8.343  -2.593  8.022   1.00 15.79 ? 74  GLU A C   1 
ATOM   586 O  O   . GLU A 1 74 ? -9.444  -3.095  7.796   1.00 18.49 ? 74  GLU A O   1 
ATOM   587 C  CB  . GLU A 1 74 ? -8.372  -2.508  10.528  1.00 18.71 ? 74  GLU A CB  1 
ATOM   588 C  CG  . GLU A 1 74 ? -7.596  -2.665  11.832  1.00 24.82 ? 74  GLU A CG  1 
ATOM   589 C  CD  . GLU A 1 74 ? -8.369  -2.200  13.055  1.00 28.47 ? 74  GLU A CD  1 
ATOM   590 O  OE1 . GLU A 1 74 ? -8.753  -1.009  13.117  1.00 31.23 ? 74  GLU A OE1 1 
ATOM   591 O  OE2 . GLU A 1 74 ? -8.587  -3.029  13.964  1.00 30.64 ? 74  GLU A OE2 1 
ATOM   592 N  N   . LYS A 1 75 ? -7.752  -1.740  7.189   1.00 13.75 ? 75  LYS A N   1 
ATOM   593 C  CA  . LYS A 1 75 ? -8.380  -1.318  5.945   1.00 13.05 ? 75  LYS A CA  1 
ATOM   594 C  C   . LYS A 1 75 ? -7.729  -1.987  4.744   1.00 11.75 ? 75  LYS A C   1 
ATOM   595 O  O   . LYS A 1 75 ? -8.262  -1.941  3.634   1.00 12.57 ? 75  LYS A O   1 
ATOM   596 C  CB  . LYS A 1 75 ? -8.266  0.202   5.780   1.00 15.02 ? 75  LYS A CB  1 
ATOM   597 C  CG  . LYS A 1 75 ? -8.895  1.005   6.902   1.00 16.74 ? 75  LYS A CG  1 
ATOM   598 C  CD  . LYS A 1 75 ? -8.710  2.494   6.673   1.00 20.69 ? 75  LYS A CD  1 
ATOM   599 C  CE  . LYS A 1 75 ? -9.392  3.317   7.752   1.00 22.90 ? 75  LYS A CE  1 
ATOM   600 N  NZ  . LYS A 1 75 ? -8.810  3.071   9.105   1.00 25.21 ? 75  LYS A NZ  1 
ATOM   601 N  N   . LEU A 1 76 ? -6.570  -2.598  4.968   1.00 10.55 ? 76  LEU A N   1 
ATOM   602 C  CA  . LEU A 1 76 ? -5.828  -3.263  3.898   1.00 10.36 ? 76  LEU A CA  1 
ATOM   603 C  C   . LEU A 1 76 ? -5.561  -4.717  4.255   1.00 10.71 ? 76  LEU A C   1 
ATOM   604 O  O   . LEU A 1 76 ? -5.518  -5.074  5.432   1.00 11.64 ? 76  LEU A O   1 
ATOM   605 C  CB  . LEU A 1 76 ? -4.489  -2.556  3.677   1.00 10.52 ? 76  LEU A CB  1 
ATOM   606 C  CG  . LEU A 1 76 ? -4.526  -1.060  3.350   1.00 9.80  ? 76  LEU A CG  1 
ATOM   607 C  CD1 . LEU A 1 76 ? -3.155  -0.458  3.605   1.00 11.78 ? 76  LEU A CD1 1 
ATOM   608 C  CD2 . LEU A 1 76 ? -4.950  -0.843  1.899   1.00 11.17 ? 76  LEU A CD2 1 
ATOM   609 N  N   . VAL A 1 77 ? -5.376  -5.549  3.232   1.00 9.56  ? 77  VAL A N   1 
ATOM   610 C  CA  . VAL A 1 77 ? -5.093  -6.971  3.424   1.00 10.09 ? 77  VAL A CA  1 
ATOM   611 C  C   . VAL A 1 77 ? -3.939  -7.360  2.504   1.00 9.37  ? 77  VAL A C   1 
ATOM   612 O  O   . VAL A 1 77 ? -3.987  -7.090  1.298   1.00 8.61  ? 77  VAL A O   1 
ATOM   613 C  CB  . VAL A 1 77 ? -6.308  -7.857  3.055   1.00 10.49 ? 77  VAL A CB  1 
ATOM   614 C  CG1 . VAL A 1 77 ? -5.961  -9.324  3.274   1.00 12.61 ? 77  VAL A CG1 1 
ATOM   615 C  CG2 . VAL A 1 77 ? -7.512  -7.472  3.882   1.00 11.98 ? 77  VAL A CG2 1 
ATOM   616 N  N   . LEU A 1 78 ? -2.910  -7.985  3.080   1.00 8.96  ? 78  LEU A N   1 
ATOM   617 C  CA  . LEU A 1 78 ? -1.744  -8.430  2.325   1.00 8.98  ? 78  LEU A CA  1 
ATOM   618 C  C   . LEU A 1 78 ? -2.003  -9.811  1.724   1.00 10.39 ? 78  LEU A C   1 
ATOM   619 O  O   . LEU A 1 78 ? -2.720  -10.626 2.304   1.00 10.41 ? 78  LEU A O   1 
ATOM   620 C  CB  . LEU A 1 78 ? -0.513  -8.496  3.241   1.00 9.72  ? 78  LEU A CB  1 
ATOM   621 C  CG  . LEU A 1 78 ? 0.109   -7.148  3.621   1.00 9.69  ? 78  LEU A CG  1 
ATOM   622 C  CD1 . LEU A 1 78 ? 1.074   -7.315  4.797   1.00 10.94 ? 78  LEU A CD1 1 
ATOM   623 C  CD2 . LEU A 1 78 ? 0.823   -6.570  2.404   1.00 9.01  ? 78  LEU A CD2 1 
ATOM   624 N  N   . SER A 1 79 ? -1.421  -10.061 0.557   1.00 10.02 ? 79  SER A N   1 
ATOM   625 C  CA  . SER A 1 79 ? -1.585  -11.348 -0.102  1.00 11.77 ? 79  SER A CA  1 
ATOM   626 C  C   . SER A 1 79 ? -0.815  -12.385 0.706   1.00 13.77 ? 79  SER A C   1 
ATOM   627 O  O   . SER A 1 79 ? 0.082   -12.038 1.471   1.00 14.14 ? 79  SER A O   1 
ATOM   628 C  CB  . SER A 1 79 ? -1.062  -11.289 -1.545  1.00 10.91 ? 79  SER A CB  1 
ATOM   629 O  OG  . SER A 1 79 ? 0.309   -10.943 -1.604  1.00 9.77  ? 79  SER A OG  1 
ATOM   630 N  N   . GLU A 1 80 ? -1.186  -13.651 0.551   1.00 15.20 ? 80  GLU A N   1 
ATOM   631 C  CA  . GLU A 1 80 ? -0.528  -14.734 1.276   1.00 17.17 ? 80  GLU A CA  1 
ATOM   632 C  C   . GLU A 1 80 ? 0.991   -14.672 1.131   1.00 17.21 ? 80  GLU A C   1 
ATOM   633 O  O   . GLU A 1 80 ? 1.708   -14.946 2.090   1.00 18.78 ? 80  GLU A O   1 
ATOM   634 C  CB  . GLU A 1 80 ? -1.050  -16.088 0.778   1.00 17.26 ? 80  GLU A CB  1 
ATOM   635 C  CG  . GLU A 1 80 ? -0.447  -17.328 1.453   1.00 19.88 ? 80  GLU A CG  1 
ATOM   636 C  CD  . GLU A 1 80 ? -0.907  -17.534 2.890   1.00 20.12 ? 80  GLU A CD  1 
ATOM   637 O  OE1 . GLU A 1 80 ? -1.914  -16.914 3.305   1.00 20.13 ? 80  GLU A OE1 1 
ATOM   638 O  OE2 . GLU A 1 80 ? -0.265  -18.338 3.605   1.00 20.37 ? 80  GLU A OE2 1 
ATOM   639 N  N   . ASP A 1 81 ? 1.481   -14.297 -0.052  1.00 17.69 ? 81  ASP A N   1 
ATOM   640 C  CA  . ASP A 1 81 ? 2.923   -14.223 -0.285  1.00 16.49 ? 81  ASP A CA  1 
ATOM   641 C  C   . ASP A 1 81 ? 3.564   -12.885 0.081   1.00 16.86 ? 81  ASP A C   1 
ATOM   642 O  O   . ASP A 1 81 ? 4.767   -12.698 -0.095  1.00 17.28 ? 81  ASP A O   1 
ATOM   643 C  CB  . ASP A 1 81 ? 3.257   -14.564 -1.747  1.00 16.48 ? 81  ASP A CB  1 
ATOM   644 C  CG  . ASP A 1 81 ? 2.724   -13.537 -2.735  1.00 16.33 ? 81  ASP A CG  1 
ATOM   645 O  OD1 . ASP A 1 81 ? 2.268   -12.457 -2.304  1.00 14.11 ? 81  ASP A OD1 1 
ATOM   646 O  OD2 . ASP A 1 81 ? 2.778   -13.809 -3.953  1.00 15.18 ? 81  ASP A OD2 1 
ATOM   647 N  N   . GLY A 1 82 ? 2.758   -11.956 0.580   1.00 15.64 ? 82  GLY A N   1 
ATOM   648 C  CA  . GLY A 1 82 ? 3.276   -10.658 0.974   1.00 15.48 ? 82  GLY A CA  1 
ATOM   649 C  C   . GLY A 1 82 ? 3.864   -9.795  -0.130  1.00 14.15 ? 82  GLY A C   1 
ATOM   650 O  O   . GLY A 1 82 ? 4.709   -8.942  0.134   1.00 14.93 ? 82  GLY A O   1 
ATOM   651 N  N   . LEU A 1 83 ? 3.427   -10.002 -1.368  1.00 11.56 ? 83  LEU A N   1 
ATOM   652 C  CA  . LEU A 1 83 ? 3.937   -9.201  -2.470  1.00 9.80  ? 83  LEU A CA  1 
ATOM   653 C  C   . LEU A 1 83 ? 2.868   -8.242  -2.982  1.00 7.57  ? 83  LEU A C   1 
ATOM   654 O  O   . LEU A 1 83 ? 3.156   -7.370  -3.796  1.00 6.68  ? 83  LEU A O   1 
ATOM   655 C  CB  . LEU A 1 83 ? 4.413   -10.103 -3.616  1.00 11.34 ? 83  LEU A CB  1 
ATOM   656 C  CG  . LEU A 1 83 ? 5.527   -11.091 -3.277  1.00 14.41 ? 83  LEU A CG  1 
ATOM   657 C  CD1 . LEU A 1 83 ? 5.985   -11.761 -4.555  1.00 14.39 ? 83  LEU A CD1 1 
ATOM   658 C  CD2 . LEU A 1 83 ? 6.695   -10.379 -2.614  1.00 16.21 ? 83  LEU A CD2 1 
HETATM 659 N  N   . MSE A 1 84 ? 1.641   -8.405  -2.494  1.00 6.54  ? 84  MSE A N   1 
HETATM 660 C  CA  . MSE A 1 84 ? 0.540   -7.545  -2.934  1.00 6.39  ? 84  MSE A CA  1 
HETATM 661 C  C   . MSE A 1 84 ? -0.360  -7.114  -1.781  1.00 6.87  ? 84  MSE A C   1 
HETATM 662 O  O   . MSE A 1 84 ? -0.313  -7.671  -0.688  1.00 7.59  ? 84  MSE A O   1 
HETATM 663 C  CB  . MSE A 1 84 ? -0.309  -8.270  -3.986  1.00 6.97  ? 84  MSE A CB  1 
HETATM 664 C  CG  . MSE A 1 84 ? 0.492   -8.926  -5.099  1.00 7.61  ? 84  MSE A CG  1 
HETATM 665 SE SE  . MSE A 1 84 ? -0.623  -9.703  -6.494  1.00 14.74 ? 84  MSE A SE  1 
HETATM 666 C  CE  . MSE A 1 84 ? -0.835  -8.106  -7.579  1.00 8.19  ? 84  MSE A CE  1 
ATOM   667 N  N   . VAL A 1 85 ? -1.194  -6.112  -2.033  1.00 5.62  ? 85  VAL A N   1 
ATOM   668 C  CA  . VAL A 1 85 ? -2.119  -5.637  -1.017  1.00 5.26  ? 85  VAL A CA  1 
ATOM   669 C  C   . VAL A 1 85 ? -3.424  -5.232  -1.692  1.00 5.64  ? 85  VAL A C   1 
ATOM   670 O  O   . VAL A 1 85 ? -3.427  -4.807  -2.845  1.00 5.12  ? 85  VAL A O   1 
ATOM   671 C  CB  . VAL A 1 85 ? -1.536  -4.423  -0.243  1.00 6.21  ? 85  VAL A CB  1 
ATOM   672 C  CG1 . VAL A 1 85 ? -1.339  -3.239  -1.184  1.00 6.32  ? 85  VAL A CG1 1 
ATOM   673 C  CG2 . VAL A 1 85 ? -2.461  -4.056  0.920   1.00 8.04  ? 85  VAL A CG2 1 
ATOM   674 N  N   . ARG A 1 86 ? -4.531  -5.392  -0.973  1.00 5.88  ? 86  ARG A N   1 
ATOM   675 C  CA  . ARG A 1 86 ? -5.844  -5.039  -1.496  1.00 6.32  ? 86  ARG A CA  1 
ATOM   676 C  C   . ARG A 1 86 ? -6.661  -4.327  -0.428  1.00 6.88  ? 86  ARG A C   1 
ATOM   677 O  O   . ARG A 1 86 ? -6.322  -4.368  0.758   1.00 8.13  ? 86  ARG A O   1 
ATOM   678 C  CB  . ARG A 1 86 ? -6.601  -6.293  -1.941  1.00 5.71  ? 86  ARG A CB  1 
ATOM   679 C  CG  . ARG A 1 86 ? -6.947  -7.255  -0.803  1.00 8.55  ? 86  ARG A CG  1 
ATOM   680 C  CD  . ARG A 1 86 ? -7.736  -8.433  -1.340  1.00 9.88  ? 86  ARG A CD  1 
ATOM   681 N  NE  . ARG A 1 86 ? -7.997  -9.453  -0.324  1.00 11.42 ? 86  ARG A NE  1 
ATOM   682 C  CZ  . ARG A 1 86 ? -8.868  -9.325  0.673   1.00 12.54 ? 86  ARG A CZ  1 
ATOM   683 N  NH1 . ARG A 1 86 ? -9.578  -8.216  0.811   1.00 11.88 ? 86  ARG A NH1 1 
ATOM   684 N  NH2 . ARG A 1 86 ? -9.041  -10.323 1.532   1.00 13.79 ? 86  ARG A NH2 1 
ATOM   685 N  N   . ARG A 1 87 ? -7.723  -3.654  -0.855  1.00 7.52  ? 87  ARG A N   1 
ATOM   686 C  CA  . ARG A 1 87 ? -8.606  -2.984  0.082   1.00 8.45  ? 87  ARG A CA  1 
ATOM   687 C  C   . ARG A 1 87 ? -9.387  -4.066  0.802   1.00 10.06 ? 87  ARG A C   1 
ATOM   688 O  O   . ARG A 1 87 ? -9.672  -5.129  0.232   1.00 10.33 ? 87  ARG A O   1 
ATOM   689 C  CB  . ARG A 1 87 ? -9.615  -2.092  -0.643  1.00 9.46  ? 87  ARG A CB  1 
ATOM   690 C  CG  . ARG A 1 87 ? -9.099  -0.765  -1.129  1.00 9.86  ? 87  ARG A CG  1 
ATOM   691 C  CD  . ARG A 1 87 ? -10.110 -0.165  -2.096  1.00 8.89  ? 87  ARG A CD  1 
ATOM   692 N  NE  . ARG A 1 87 ? -11.474 -0.213  -1.575  1.00 10.87 ? 87  ARG A NE  1 
ATOM   693 C  CZ  . ARG A 1 87 ? -12.099 0.806   -0.989  1.00 11.95 ? 87  ARG A CZ  1 
ATOM   694 N  NH1 . ARG A 1 87 ? -11.488 1.977   -0.841  1.00 9.96  ? 87  ARG A NH1 1 
ATOM   695 N  NH2 . ARG A 1 87 ? -13.346 0.658   -0.558  1.00 12.43 ? 87  ARG A NH2 1 
ATOM   696 N  N   . ARG A 1 88 ? -9.735  -3.791  2.050   1.00 11.34 ? 88  ARG A N   1 
ATOM   697 C  CA  . ARG A 1 88 ? -10.523 -4.718  2.843   1.00 14.03 ? 88  ARG A CA  1 
ATOM   698 C  C   . ARG A 1 88 ? -11.948 -4.633  2.300   1.00 14.33 ? 88  ARG A C   1 
ATOM   699 O  O   . ARG A 1 88 ? -12.641 -5.646  2.158   1.00 13.93 ? 88  ARG A O   1 
ATOM   700 C  CB  . ARG A 1 88 ? -10.509 -4.280  4.308   1.00 16.40 ? 88  ARG A CB  1 
ATOM   701 C  CG  . ARG A 1 88 ? -11.267 -5.192  5.263   1.00 21.31 ? 88  ARG A CG  1 
ATOM   702 C  CD  . ARG A 1 88 ? -10.447 -6.420  5.631   1.00 24.33 ? 88  ARG A CD  1 
ATOM   703 N  NE  . ARG A 1 88 ? -11.120 -7.245  6.629   1.00 27.66 ? 88  ARG A NE  1 
ATOM   704 C  CZ  . ARG A 1 88 ? -11.981 -8.219  6.343   1.00 29.84 ? 88  ARG A CZ  1 
ATOM   705 N  NH1 . ARG A 1 88 ? -12.275 -8.497  5.080   1.00 30.14 ? 88  ARG A NH1 1 
ATOM   706 N  NH2 . ARG A 1 88 ? -12.550 -8.913  7.322   1.00 30.38 ? 88  ARG A NH2 1 
ATOM   707 N  N   . ASP A 1 89 ? -12.361 -3.411  1.970   1.00 15.74 ? 89  ASP A N   1 
ATOM   708 C  CA  . ASP A 1 89 ? -13.709 -3.137  1.471   1.00 18.91 ? 89  ASP A CA  1 
ATOM   709 C  C   . ASP A 1 89 ? -13.818 -2.993  -0.043  1.00 19.50 ? 89  ASP A C   1 
ATOM   710 O  O   . ASP A 1 89 ? -12.887 -2.545  -0.708  1.00 18.95 ? 89  ASP A O   1 
ATOM   711 C  CB  . ASP A 1 89 ? -14.253 -1.865  2.125   1.00 21.59 ? 89  ASP A CB  1 
ATOM   712 C  CG  . ASP A 1 89 ? -14.118 -1.883  3.632   1.00 24.20 ? 89  ASP A CG  1 
ATOM   713 O  OD1 . ASP A 1 89 ? -14.492 -2.901  4.247   1.00 25.50 ? 89  ASP A OD1 1 
ATOM   714 O  OD2 . ASP A 1 89 ? -13.640 -0.876  4.204   1.00 28.34 ? 89  ASP A OD2 1 
ATOM   715 N  N   . PRO A 1 90 ? -14.981 -3.355  -0.605  1.00 21.15 ? 90  PRO A N   1 
ATOM   716 C  CA  . PRO A 1 90 ? -15.245 -3.278  -2.046  1.00 21.67 ? 90  PRO A CA  1 
ATOM   717 C  C   . PRO A 1 90 ? -15.272 -1.831  -2.528  1.00 22.43 ? 90  PRO A C   1 
ATOM   718 O  O   . PRO A 1 90 ? -15.498 -0.914  -1.737  1.00 22.28 ? 90  PRO A O   1 
ATOM   719 C  CB  . PRO A 1 90 ? -16.618 -3.936  -2.183  1.00 22.06 ? 90  PRO A CB  1 
ATOM   720 C  CG  . PRO A 1 90 ? -16.714 -4.822  -0.970  1.00 24.05 ? 90  PRO A CG  1 
ATOM   721 C  CD  . PRO A 1 90 ? -16.122 -3.960  0.100   1.00 21.93 ? 90  PRO A CD  1 
ATOM   722 N  N   . LEU A 1 91 ? -15.036 -1.623  -3.818  1.00 24.65 ? 91  LEU A N   1 
ATOM   723 C  CA  . LEU A 1 91 ? -15.079 -0.270  -4.355  1.00 26.58 ? 91  LEU A CA  1 
ATOM   724 C  C   . LEU A 1 91 ? -16.457 0.285   -4.018  1.00 28.00 ? 91  LEU A C   1 
ATOM   725 O  O   . LEU A 1 91 ? -17.450 -0.445  -4.052  1.00 28.90 ? 91  LEU A O   1 
ATOM   726 C  CB  . LEU A 1 91 ? -14.888 -0.275  -5.873  1.00 27.62 ? 91  LEU A CB  1 
ATOM   727 C  CG  . LEU A 1 91 ? -13.512 -0.631  -6.436  1.00 27.91 ? 91  LEU A CG  1 
ATOM   728 C  CD1 . LEU A 1 91 ? -13.557 -0.523  -7.954  1.00 28.79 ? 91  LEU A CD1 1 
ATOM   729 C  CD2 . LEU A 1 91 ? -12.455 0.311   -5.869  1.00 27.94 ? 91  LEU A CD2 1 
ATOM   730 N  N   . PRO A 1 92 ? -16.536 1.578   -3.675  1.00 29.12 ? 92  PRO A N   1 
ATOM   731 C  CA  . PRO A 1 92 ? -17.819 2.202   -3.335  1.00 30.20 ? 92  PRO A CA  1 
ATOM   732 C  C   . PRO A 1 92 ? -18.890 2.054   -4.420  1.00 30.61 ? 92  PRO A C   1 
ATOM   733 O  O   . PRO A 1 92 ? -18.580 1.509   -5.507  1.00 30.71 ? 92  PRO A O   1 
ATOM   734 C  CB  . PRO A 1 92 ? -17.433 3.659   -3.092  1.00 30.41 ? 92  PRO A CB  1 
ATOM   735 C  CG  . PRO A 1 92 ? -16.054 3.529   -2.505  1.00 29.85 ? 92  PRO A CG  1 
ATOM   736 C  CD  . PRO A 1 92 ? -15.420 2.508   -3.427  1.00 29.67 ? 92  PRO A CD  1 
ATOM   737 O  OXT . PRO A 1 92 ? -20.034 2.488   -4.160  1.00 31.86 ? 92  PRO A OXT 1 
HETATM 738 O  O   . HOH B 2 .  ? 12.859  5.334   11.055  1.00 9.08  ? 93  HOH A O   1 
HETATM 739 O  O   . HOH B 2 .  ? -8.108  -3.328  -3.607  1.00 8.81  ? 94  HOH A O   1 
HETATM 740 O  O   . HOH B 2 .  ? -4.420  8.273   -11.999 1.00 13.46 ? 95  HOH A O   1 
HETATM 741 O  O   . HOH B 2 .  ? -10.779 -1.247  -10.175 1.00 12.53 ? 96  HOH A O   1 
HETATM 742 O  O   . HOH B 2 .  ? 3.543   3.175   -11.335 1.00 7.97  ? 97  HOH A O   1 
HETATM 743 O  O   . HOH B 2 .  ? -13.882 10.582  -5.064  1.00 8.26  ? 98  HOH A O   1 
HETATM 744 O  O   . HOH B 2 .  ? 2.253   0.298   10.933  1.00 11.01 ? 99  HOH A O   1 
HETATM 745 O  O   . HOH B 2 .  ? -12.113 8.115   2.072   1.00 9.23  ? 100 HOH A O   1 
HETATM 746 O  O   . HOH B 2 .  ? -7.823  3.122   3.226   1.00 15.11 ? 101 HOH A O   1 
HETATM 747 O  O   . HOH B 2 .  ? -5.432  7.195   -4.846  1.00 9.42  ? 102 HOH A O   1 
HETATM 748 O  O   . HOH B 2 .  ? -8.887  -14.531 -8.237  1.00 10.04 ? 103 HOH A O   1 
HETATM 749 O  O   . HOH B 2 .  ? -6.774  10.166  -12.384 1.00 25.45 ? 104 HOH A O   1 
HETATM 750 O  O   . HOH B 2 .  ? 5.476   -6.389  -5.361  1.00 12.45 ? 105 HOH A O   1 
HETATM 751 O  O   . HOH B 2 .  ? 9.070   -0.558  -7.792  1.00 12.89 ? 106 HOH A O   1 
HETATM 752 O  O   . HOH B 2 .  ? 12.917  8.933   -2.183  1.00 16.85 ? 107 HOH A O   1 
HETATM 753 O  O   . HOH B 2 .  ? 3.772   -1.668  -11.583 1.00 15.73 ? 108 HOH A O   1 
HETATM 754 O  O   . HOH B 2 .  ? -5.008  8.006   5.420   1.00 15.14 ? 109 HOH A O   1 
HETATM 755 O  O   . HOH B 2 .  ? 3.858   -5.222  -10.510 1.00 10.93 ? 110 HOH A O   1 
HETATM 756 O  O   . HOH B 2 .  ? -12.111 8.602   -12.009 1.00 23.60 ? 111 HOH A O   1 
HETATM 757 O  O   . HOH B 2 .  ? -0.108  -4.329  -9.294  1.00 12.21 ? 112 HOH A O   1 
HETATM 758 O  O   . HOH B 2 .  ? -2.815  -8.312  5.947   1.00 13.78 ? 113 HOH A O   1 
HETATM 759 O  O   . HOH B 2 .  ? -2.617  -5.424  -9.875  1.00 10.64 ? 114 HOH A O   1 
HETATM 760 O  O   . HOH B 2 .  ? 6.571   -7.058  -12.383 1.00 11.69 ? 115 HOH A O   1 
HETATM 761 O  O   . HOH B 2 .  ? 10.924  1.888   16.668  1.00 11.86 ? 116 HOH A O   1 
HETATM 762 O  O   . HOH B 2 .  ? 9.181   5.246   16.655  1.00 13.66 ? 117 HOH A O   1 
HETATM 763 O  O   . HOH B 2 .  ? 3.304   10.110  -7.174  1.00 30.86 ? 118 HOH A O   1 
HETATM 764 O  O   . HOH B 2 .  ? 7.150   7.097   7.086   1.00 14.96 ? 119 HOH A O   1 
HETATM 765 O  O   . HOH B 2 .  ? -10.943 -6.040  -8.995  1.00 15.28 ? 120 HOH A O   1 
HETATM 766 O  O   . HOH B 2 .  ? 8.436   4.433   19.321  1.00 13.76 ? 121 HOH A O   1 
HETATM 767 O  O   . HOH B 2 .  ? 9.023   10.569  8.833   1.00 16.95 ? 122 HOH A O   1 
HETATM 768 O  O   . HOH B 2 .  ? -3.625  1.410   -14.705 1.00 24.28 ? 123 HOH A O   1 
HETATM 769 O  O   . HOH B 2 .  ? 8.816   -7.730  5.459   1.00 15.66 ? 124 HOH A O   1 
HETATM 770 O  O   . HOH B 2 .  ? 10.836  7.790   14.208  1.00 15.37 ? 125 HOH A O   1 
HETATM 771 O  O   . HOH B 2 .  ? 0.883   11.383  -4.383  1.00 16.85 ? 126 HOH A O   1 
HETATM 772 O  O   . HOH B 2 .  ? -2.727  -8.448  -11.150 1.00 13.38 ? 127 HOH A O   1 
HETATM 773 O  O   . HOH B 2 .  ? -16.261 6.161   3.038   1.00 20.53 ? 128 HOH A O   1 
HETATM 774 O  O   . HOH B 2 .  ? 16.033  4.568   12.573  1.00 15.42 ? 129 HOH A O   1 
HETATM 775 O  O   . HOH B 2 .  ? 5.143   9.858   3.219   1.00 9.67  ? 130 HOH A O   1 
HETATM 776 O  O   . HOH B 2 .  ? -6.235  0.688   9.955   1.00 22.08 ? 131 HOH A O   1 
HETATM 777 O  O   . HOH B 2 .  ? 0.046   -14.604 -2.456  1.00 20.40 ? 132 HOH A O   1 
HETATM 778 O  O   . HOH B 2 .  ? -4.782  -9.319  -15.755 1.00 22.46 ? 133 HOH A O   1 
HETATM 779 O  O   . HOH B 2 .  ? 14.235  1.758   1.809   1.00 16.73 ? 134 HOH A O   1 
HETATM 780 O  O   . HOH B 2 .  ? -11.045 -0.920  2.469   1.00 17.44 ? 135 HOH A O   1 
HETATM 781 O  O   . HOH B 2 .  ? 6.841   -4.775  12.073  1.00 21.79 ? 136 HOH A O   1 
HETATM 782 O  O   . HOH B 2 .  ? -4.572  -12.619 1.724   1.00 19.84 ? 137 HOH A O   1 
HETATM 783 O  O   . HOH B 2 .  ? 7.955   -7.448  -6.511  1.00 23.94 ? 138 HOH A O   1 
HETATM 784 O  O   . HOH B 2 .  ? 6.507   -2.536  -11.279 1.00 20.47 ? 139 HOH A O   1 
HETATM 785 O  O   . HOH B 2 .  ? -18.876 6.562   -7.185  1.00 21.38 ? 140 HOH A O   1 
HETATM 786 O  O   . HOH B 2 .  ? -1.185  1.251   13.343  1.00 20.21 ? 141 HOH A O   1 
HETATM 787 O  O   . HOH B 2 .  ? 4.356   -3.594  11.865  1.00 25.86 ? 142 HOH A O   1 
HETATM 788 O  O   . HOH B 2 .  ? -14.832 4.975   -9.073  1.00 19.43 ? 143 HOH A O   1 
HETATM 789 O  O   . HOH B 2 .  ? -6.927  -12.053 0.327   1.00 24.16 ? 144 HOH A O   1 
HETATM 790 O  O   . HOH B 2 .  ? -11.393 -5.208  -1.904  1.00 27.96 ? 145 HOH A O   1 
HETATM 791 O  O   . HOH B 2 .  ? 12.121  -3.865  -2.644  1.00 22.07 ? 146 HOH A O   1 
HETATM 792 O  O   . HOH B 2 .  ? 4.293   -16.138 -4.545  1.00 25.16 ? 147 HOH A O   1 
HETATM 793 O  O   . HOH B 2 .  ? 9.802   7.710   7.317   1.00 14.00 ? 148 HOH A O   1 
HETATM 794 O  O   . HOH B 2 .  ? -11.697 5.355   3.145   1.00 17.63 ? 149 HOH A O   1 
HETATM 795 O  O   . HOH B 2 .  ? -11.622 -8.117  2.818   1.00 16.48 ? 150 HOH A O   1 
HETATM 796 O  O   . HOH B 2 .  ? -10.863 -3.805  -4.143  1.00 23.64 ? 151 HOH A O   1 
HETATM 797 O  O   . HOH B 2 .  ? -11.509 -3.339  -8.625  1.00 18.97 ? 152 HOH A O   1 
HETATM 798 O  O   . HOH B 2 .  ? -12.617 -0.124  -11.839 1.00 25.87 ? 153 HOH A O   1 
HETATM 799 O  O   . HOH B 2 .  ? 1.134   9.410   7.806   1.00 27.08 ? 154 HOH A O   1 
HETATM 800 O  O   . HOH B 2 .  ? -3.007  -5.746  6.929   1.00 20.43 ? 155 HOH A O   1 
HETATM 801 O  O   . HOH B 2 .  ? -7.313  -3.114  -15.681 1.00 22.37 ? 156 HOH A O   1 
HETATM 802 O  O   . HOH B 2 .  ? -4.367  1.797   -17.194 1.00 23.61 ? 157 HOH A O   1 
HETATM 803 O  O   . HOH B 2 .  ? 10.862  -2.575  8.551   1.00 23.89 ? 158 HOH A O   1 
HETATM 804 O  O   . HOH B 2 .  ? 2.898   -6.392  12.124  1.00 31.31 ? 159 HOH A O   1 
HETATM 805 O  O   . HOH B 2 .  ? -16.996 -0.063  0.265   1.00 33.27 ? 160 HOH A O   1 
HETATM 806 O  O   . HOH B 2 .  ? -14.442 -9.691  -7.895  1.00 28.48 ? 161 HOH A O   1 
HETATM 807 O  O   . HOH B 2 .  ? 8.316   -10.037 -7.261  1.00 28.54 ? 162 HOH A O   1 
HETATM 808 O  O   . HOH B 2 .  ? 7.826   -8.736  0.618   1.00 24.06 ? 163 HOH A O   1 
HETATM 809 O  O   . HOH B 2 .  ? 5.457   7.490   -10.235 1.00 25.83 ? 164 HOH A O   1 
HETATM 810 O  O   . HOH B 2 .  ? 9.393   9.985   15.078  1.00 26.76 ? 165 HOH A O   1 
HETATM 811 O  O   . HOH B 2 .  ? -1.882  7.003   -9.693  1.00 17.14 ? 166 HOH A O   1 
HETATM 812 O  O   . HOH B 2 .  ? 13.351  -1.245  8.915   1.00 18.52 ? 167 HOH A O   1 
HETATM 813 O  O   . HOH B 2 .  ? 5.424   9.062   5.957   1.00 18.91 ? 168 HOH A O   1 
HETATM 814 O  O   . HOH B 2 .  ? -2.562  -10.849 -16.052 1.00 20.06 ? 169 HOH A O   1 
HETATM 815 O  O   . HOH B 2 .  ? -8.789  5.369   4.545   1.00 23.71 ? 170 HOH A O   1 
HETATM 816 O  O   . HOH B 2 .  ? -6.134  6.032   7.302   1.00 22.49 ? 171 HOH A O   1 
HETATM 817 O  O   . HOH B 2 .  ? 10.280  3.587   -3.608  1.00 18.59 ? 172 HOH A O   1 
HETATM 818 O  O   . HOH B 2 .  ? -9.424  2.708   -14.324 1.00 22.84 ? 173 HOH A O   1 
HETATM 819 O  O   . HOH B 2 .  ? 3.463   7.908   13.565  1.00 22.43 ? 174 HOH A O   1 
HETATM 820 O  O   . HOH B 2 .  ? 6.797   -8.875  11.341  1.00 24.58 ? 175 HOH A O   1 
HETATM 821 O  O   . HOH B 2 .  ? 10.942  -0.865  16.380  1.00 22.27 ? 176 HOH A O   1 
HETATM 822 O  O   . HOH B 2 .  ? -12.124 -1.605  7.244   1.00 31.00 ? 177 HOH A O   1 
HETATM 823 O  O   . HOH B 2 .  ? -18.954 5.260   -9.336  1.00 30.43 ? 178 HOH A O   1 
HETATM 824 O  O   . HOH B 2 .  ? 9.963   -9.661  -0.720  1.00 21.41 ? 179 HOH A O   1 
HETATM 825 O  O   . HOH B 2 .  ? -3.744  -15.120 3.945   1.00 25.05 ? 180 HOH A O   1 
HETATM 826 O  O   . HOH B 2 .  ? -10.795 10.561  2.506   1.00 23.69 ? 181 HOH A O   1 
HETATM 827 O  O   . HOH B 2 .  ? -12.063 -6.061  -6.258  1.00 20.49 ? 182 HOH A O   1 
HETATM 828 O  O   . HOH B 2 .  ? 10.280  1.913   -7.554  1.00 24.61 ? 183 HOH A O   1 
HETATM 829 O  O   . HOH B 2 .  ? -1.246  -10.311 6.957   1.00 27.05 ? 184 HOH A O   1 
HETATM 830 O  O   . HOH B 2 .  ? 5.995   -15.650 -6.629  1.00 25.72 ? 185 HOH A O   1 
HETATM 831 O  O   . HOH B 2 .  ? -6.987  -6.141  7.477   1.00 26.81 ? 186 HOH A O   1 
HETATM 832 O  O   . HOH B 2 .  ? -8.717  0.714   1.994   1.00 27.93 ? 187 HOH A O   1 
HETATM 833 O  O   . HOH B 2 .  ? -11.527 -14.239 -7.660  1.00 19.82 ? 188 HOH A O   1 
HETATM 834 O  O   . HOH B 2 .  ? -12.521 1.680   2.961   1.00 26.40 ? 189 HOH A O   1 
HETATM 835 O  O   . HOH B 2 .  ? 11.385  -4.649  6.789   1.00 28.59 ? 190 HOH A O   1 
HETATM 836 O  O   . HOH B 2 .  ? 7.202   -12.524 -7.806  1.00 31.65 ? 191 HOH A O   1 
HETATM 837 O  O   . HOH B 2 .  ? -13.026 -10.362 2.228   1.00 25.48 ? 192 HOH A O   1 
# 
